data_2GOM
# 
_entry.id   2GOM 
# 
_audit_conform.dict_name       mmcif_pdbx.dic 
_audit_conform.dict_version    5.387 
_audit_conform.dict_location   http://mmcif.pdb.org/dictionaries/ascii/mmcif_pdbx.dic 
# 
loop_
_database_2.database_id 
_database_2.database_code 
_database_2.pdbx_database_accession 
_database_2.pdbx_DOI 
PDB   2GOM         pdb_00002gom 10.2210/pdb2gom/pdb 
RCSB  RCSB037368   ?            ?                   
WWPDB D_1000037368 ?            ?                   
# 
loop_
_pdbx_audit_revision_history.ordinal 
_pdbx_audit_revision_history.data_content_type 
_pdbx_audit_revision_history.major_revision 
_pdbx_audit_revision_history.minor_revision 
_pdbx_audit_revision_history.revision_date 
1 'Structure model' 1 0 2007-03-20 
2 'Structure model' 1 1 2008-05-01 
3 'Structure model' 1 2 2011-07-13 
4 'Structure model' 1 3 2024-02-14 
# 
_pdbx_audit_revision_details.ordinal             1 
_pdbx_audit_revision_details.revision_ordinal    1 
_pdbx_audit_revision_details.data_content_type   'Structure model' 
_pdbx_audit_revision_details.provider            repository 
_pdbx_audit_revision_details.type                'Initial release' 
_pdbx_audit_revision_details.description         ? 
_pdbx_audit_revision_details.details             ? 
# 
loop_
_pdbx_audit_revision_group.ordinal 
_pdbx_audit_revision_group.revision_ordinal 
_pdbx_audit_revision_group.data_content_type 
_pdbx_audit_revision_group.group 
1 2 'Structure model' 'Version format compliance' 
2 3 'Structure model' Advisory                    
3 3 'Structure model' 'Version format compliance' 
4 4 'Structure model' 'Data collection'           
5 4 'Structure model' 'Database references'       
# 
loop_
_pdbx_audit_revision_category.ordinal 
_pdbx_audit_revision_category.revision_ordinal 
_pdbx_audit_revision_category.data_content_type 
_pdbx_audit_revision_category.category 
1 4 'Structure model' chem_comp_atom 
2 4 'Structure model' chem_comp_bond 
3 4 'Structure model' database_2     
# 
loop_
_pdbx_audit_revision_item.ordinal 
_pdbx_audit_revision_item.revision_ordinal 
_pdbx_audit_revision_item.data_content_type 
_pdbx_audit_revision_item.item 
1 4 'Structure model' '_database_2.pdbx_DOI'                
2 4 'Structure model' '_database_2.pdbx_database_accession' 
# 
_pdbx_database_status.status_code                     REL 
_pdbx_database_status.entry_id                        2GOM 
_pdbx_database_status.recvd_initial_deposition_date   2006-04-13 
_pdbx_database_status.deposit_site                    RCSB 
_pdbx_database_status.process_site                    RCSB 
_pdbx_database_status.status_code_sf                  REL 
_pdbx_database_status.status_code_mr                  ? 
_pdbx_database_status.SG_entry                        ? 
_pdbx_database_status.status_code_cs                  ? 
_pdbx_database_status.methods_development_category    ? 
_pdbx_database_status.pdb_format_compatible           Y 
_pdbx_database_status.status_code_nmr_data            ? 
# 
_pdbx_database_related.db_name        PDB 
_pdbx_database_related.db_id          2GOX 
_pdbx_database_related.details        . 
_pdbx_database_related.content_type   unspecified 
# 
loop_
_audit_author.name 
_audit_author.pdbx_ordinal 
'Hammel, M.'       1 
'Geisbrecht, B.V.' 2 
# 
_citation.id                        primary 
_citation.title                     'A structural basis for complement inhibition by Staphylococcus aureus.' 
_citation.journal_abbrev            Nat.Immunol. 
_citation.journal_volume            8 
_citation.page_first                430 
_citation.page_last                 437 
_citation.year                      2007 
_citation.journal_id_ASTM           ? 
_citation.country                   UK 
_citation.journal_id_ISSN           1529-2908 
_citation.journal_id_CSD            ? 
_citation.book_publisher            ? 
_citation.pdbx_database_id_PubMed   17351618 
_citation.pdbx_database_id_DOI      10.1038/ni1450 
# 
loop_
_citation_author.citation_id 
_citation_author.name 
_citation_author.ordinal 
_citation_author.identifier_ORCID 
primary 'Hammel, M.'       1 ? 
primary 'Sfyroera, G.'     2 ? 
primary 'Ricklin, D.'      3 ? 
primary 'Magotti, P.'      4 ? 
primary 'Lambris, J.D.'    5 ? 
primary 'Geisbrecht, B.V.' 6 ? 
# 
loop_
_entity.id 
_entity.type 
_entity.src_method 
_entity.pdbx_description 
_entity.formula_weight 
_entity.pdbx_number_of_molecules 
_entity.pdbx_ec 
_entity.pdbx_mutation 
_entity.pdbx_fragment 
_entity.details 
1 polymer man 'Fibrinogen-binding protein' 7204.528 2   ? ? 'C- TERMINAL DOMAIN (Residues 105-165)' ? 
2 water   nat water                        18.015   155 ? ? ?                                       ? 
# 
_entity_poly.entity_id                      1 
_entity_poly.type                           'polypeptide(L)' 
_entity_poly.nstd_linkage                   no 
_entity_poly.nstd_monomer                   no 
_entity_poly.pdbx_seq_one_letter_code       IKKEQKLIQAQNLVREFEKTHTVSAHRKAQKAVNLVSFEYKVKKMVLQERIDNVLKQGLVR 
_entity_poly.pdbx_seq_one_letter_code_can   IKKEQKLIQAQNLVREFEKTHTVSAHRKAQKAVNLVSFEYKVKKMVLQERIDNVLKQGLVR 
_entity_poly.pdbx_strand_id                 A,B 
_entity_poly.pdbx_target_identifier         ? 
# 
_pdbx_entity_nonpoly.entity_id   2 
_pdbx_entity_nonpoly.name        water 
_pdbx_entity_nonpoly.comp_id     HOH 
# 
loop_
_entity_poly_seq.entity_id 
_entity_poly_seq.num 
_entity_poly_seq.mon_id 
_entity_poly_seq.hetero 
1 1  ILE n 
1 2  LYS n 
1 3  LYS n 
1 4  GLU n 
1 5  GLN n 
1 6  LYS n 
1 7  LEU n 
1 8  ILE n 
1 9  GLN n 
1 10 ALA n 
1 11 GLN n 
1 12 ASN n 
1 13 LEU n 
1 14 VAL n 
1 15 ARG n 
1 16 GLU n 
1 17 PHE n 
1 18 GLU n 
1 19 LYS n 
1 20 THR n 
1 21 HIS n 
1 22 THR n 
1 23 VAL n 
1 24 SER n 
1 25 ALA n 
1 26 HIS n 
1 27 ARG n 
1 28 LYS n 
1 29 ALA n 
1 30 GLN n 
1 31 LYS n 
1 32 ALA n 
1 33 VAL n 
1 34 ASN n 
1 35 LEU n 
1 36 VAL n 
1 37 SER n 
1 38 PHE n 
1 39 GLU n 
1 40 TYR n 
1 41 LYS n 
1 42 VAL n 
1 43 LYS n 
1 44 LYS n 
1 45 MET n 
1 46 VAL n 
1 47 LEU n 
1 48 GLN n 
1 49 GLU n 
1 50 ARG n 
1 51 ILE n 
1 52 ASP n 
1 53 ASN n 
1 54 VAL n 
1 55 LEU n 
1 56 LYS n 
1 57 GLN n 
1 58 GLY n 
1 59 LEU n 
1 60 VAL n 
1 61 ARG n 
# 
_entity_src_gen.entity_id                          1 
_entity_src_gen.pdbx_src_id                        1 
_entity_src_gen.pdbx_alt_source_flag               sample 
_entity_src_gen.pdbx_seq_type                      ? 
_entity_src_gen.pdbx_beg_seq_num                   ? 
_entity_src_gen.pdbx_end_seq_num                   ? 
_entity_src_gen.gene_src_common_name               ? 
_entity_src_gen.gene_src_genus                     ? 
_entity_src_gen.pdbx_gene_src_gene                 efb 
_entity_src_gen.gene_src_species                   'Staphylococcus aureus' 
_entity_src_gen.gene_src_strain                    'Mu50 / ATCC 700699' 
_entity_src_gen.gene_src_tissue                    ? 
_entity_src_gen.gene_src_tissue_fraction           ? 
_entity_src_gen.gene_src_details                   ? 
_entity_src_gen.pdbx_gene_src_fragment             ? 
_entity_src_gen.pdbx_gene_src_scientific_name      'Staphylococcus aureus' 
_entity_src_gen.pdbx_gene_src_ncbi_taxonomy_id     158878 
_entity_src_gen.pdbx_gene_src_variant              ? 
_entity_src_gen.pdbx_gene_src_cell_line            ? 
_entity_src_gen.pdbx_gene_src_atcc                 ? 
_entity_src_gen.pdbx_gene_src_organ                ? 
_entity_src_gen.pdbx_gene_src_organelle            ? 
_entity_src_gen.pdbx_gene_src_cell                 ? 
_entity_src_gen.pdbx_gene_src_cellular_location    ? 
_entity_src_gen.host_org_common_name               ? 
_entity_src_gen.pdbx_host_org_scientific_name      'Escherichia coli' 
_entity_src_gen.pdbx_host_org_ncbi_taxonomy_id     469008 
_entity_src_gen.host_org_genus                     ? 
_entity_src_gen.pdbx_host_org_gene                 ? 
_entity_src_gen.pdbx_host_org_organ                ? 
_entity_src_gen.host_org_species                   ? 
_entity_src_gen.pdbx_host_org_tissue               ? 
_entity_src_gen.pdbx_host_org_tissue_fraction      ? 
_entity_src_gen.pdbx_host_org_strain               'BL21 (DE3)' 
_entity_src_gen.pdbx_host_org_variant              ? 
_entity_src_gen.pdbx_host_org_cell_line            ? 
_entity_src_gen.pdbx_host_org_atcc                 ? 
_entity_src_gen.pdbx_host_org_culture_collection   ? 
_entity_src_gen.pdbx_host_org_cell                 ? 
_entity_src_gen.pdbx_host_org_organelle            ? 
_entity_src_gen.pdbx_host_org_cellular_location    ? 
_entity_src_gen.pdbx_host_org_vector_type          PLASMID 
_entity_src_gen.pdbx_host_org_vector               ? 
_entity_src_gen.host_org_details                   ? 
_entity_src_gen.expression_system_id               ? 
_entity_src_gen.plasmid_name                       pT7HMT 
_entity_src_gen.plasmid_details                    ? 
_entity_src_gen.pdbx_description                   ? 
# 
loop_
_chem_comp.id 
_chem_comp.type 
_chem_comp.mon_nstd_flag 
_chem_comp.name 
_chem_comp.pdbx_synonyms 
_chem_comp.formula 
_chem_comp.formula_weight 
ALA 'L-peptide linking' y ALANINE         ? 'C3 H7 N O2'     89.093  
ARG 'L-peptide linking' y ARGININE        ? 'C6 H15 N4 O2 1' 175.209 
ASN 'L-peptide linking' y ASPARAGINE      ? 'C4 H8 N2 O3'    132.118 
ASP 'L-peptide linking' y 'ASPARTIC ACID' ? 'C4 H7 N O4'     133.103 
GLN 'L-peptide linking' y GLUTAMINE       ? 'C5 H10 N2 O3'   146.144 
GLU 'L-peptide linking' y 'GLUTAMIC ACID' ? 'C5 H9 N O4'     147.129 
GLY 'peptide linking'   y GLYCINE         ? 'C2 H5 N O2'     75.067  
HIS 'L-peptide linking' y HISTIDINE       ? 'C6 H10 N3 O2 1' 156.162 
HOH non-polymer         . WATER           ? 'H2 O'           18.015  
ILE 'L-peptide linking' y ISOLEUCINE      ? 'C6 H13 N O2'    131.173 
LEU 'L-peptide linking' y LEUCINE         ? 'C6 H13 N O2'    131.173 
LYS 'L-peptide linking' y LYSINE          ? 'C6 H15 N2 O2 1' 147.195 
MET 'L-peptide linking' y METHIONINE      ? 'C5 H11 N O2 S'  149.211 
PHE 'L-peptide linking' y PHENYLALANINE   ? 'C9 H11 N O2'    165.189 
SER 'L-peptide linking' y SERINE          ? 'C3 H7 N O3'     105.093 
THR 'L-peptide linking' y THREONINE       ? 'C4 H9 N O3'     119.119 
TYR 'L-peptide linking' y TYROSINE        ? 'C9 H11 N O3'    181.189 
VAL 'L-peptide linking' y VALINE          ? 'C5 H11 N O2'    117.146 
# 
loop_
_pdbx_poly_seq_scheme.asym_id 
_pdbx_poly_seq_scheme.entity_id 
_pdbx_poly_seq_scheme.seq_id 
_pdbx_poly_seq_scheme.mon_id 
_pdbx_poly_seq_scheme.ndb_seq_num 
_pdbx_poly_seq_scheme.pdb_seq_num 
_pdbx_poly_seq_scheme.auth_seq_num 
_pdbx_poly_seq_scheme.pdb_mon_id 
_pdbx_poly_seq_scheme.auth_mon_id 
_pdbx_poly_seq_scheme.pdb_strand_id 
_pdbx_poly_seq_scheme.pdb_ins_code 
_pdbx_poly_seq_scheme.hetero 
A 1 1  ILE 1  105 105 ILE ALA A . n 
A 1 2  LYS 2  106 106 LYS LYS A . n 
A 1 3  LYS 3  107 107 LYS LYS A . n 
A 1 4  GLU 4  108 108 GLU GLU A . n 
A 1 5  GLN 5  109 109 GLN GLN A . n 
A 1 6  LYS 6  110 110 LYS LYS A . n 
A 1 7  LEU 7  111 111 LEU LEU A . n 
A 1 8  ILE 8  112 112 ILE ILE A . n 
A 1 9  GLN 9  113 113 GLN GLN A . n 
A 1 10 ALA 10 114 114 ALA ALA A . n 
A 1 11 GLN 11 115 115 GLN GLN A . n 
A 1 12 ASN 12 116 116 ASN ASN A . n 
A 1 13 LEU 13 117 117 LEU LEU A . n 
A 1 14 VAL 14 118 118 VAL VAL A . n 
A 1 15 ARG 15 119 119 ARG ARG A . n 
A 1 16 GLU 16 120 120 GLU GLU A . n 
A 1 17 PHE 17 121 121 PHE PHE A . n 
A 1 18 GLU 18 122 122 GLU GLU A . n 
A 1 19 LYS 19 123 123 LYS LYS A . n 
A 1 20 THR 20 124 124 THR THR A . n 
A 1 21 HIS 21 125 125 HIS HIS A . n 
A 1 22 THR 22 126 126 THR THR A . n 
A 1 23 VAL 23 127 127 VAL VAL A . n 
A 1 24 SER 24 128 128 SER SER A . n 
A 1 25 ALA 25 129 129 ALA ALA A . n 
A 1 26 HIS 26 130 130 HIS HIS A . n 
A 1 27 ARG 27 131 131 ARG ARG A . n 
A 1 28 LYS 28 132 132 LYS LYS A . n 
A 1 29 ALA 29 133 133 ALA ALA A . n 
A 1 30 GLN 30 134 134 GLN GLN A . n 
A 1 31 LYS 31 135 135 LYS LYS A . n 
A 1 32 ALA 32 136 136 ALA ALA A . n 
A 1 33 VAL 33 137 137 VAL VAL A . n 
A 1 34 ASN 34 138 138 ASN ASN A . n 
A 1 35 LEU 35 139 139 LEU LEU A . n 
A 1 36 VAL 36 140 140 VAL VAL A . n 
A 1 37 SER 37 141 141 SER SER A . n 
A 1 38 PHE 38 142 142 PHE PHE A . n 
A 1 39 GLU 39 143 143 GLU GLU A . n 
A 1 40 TYR 40 144 144 TYR TYR A . n 
A 1 41 LYS 41 145 145 LYS LYS A . n 
A 1 42 VAL 42 146 146 VAL VAL A . n 
A 1 43 LYS 43 147 147 LYS LYS A . n 
A 1 44 LYS 44 148 148 LYS LYS A . n 
A 1 45 MET 45 149 149 MET MET A . n 
A 1 46 VAL 46 150 150 VAL VAL A . n 
A 1 47 LEU 47 151 151 LEU LEU A . n 
A 1 48 GLN 48 152 152 GLN GLN A . n 
A 1 49 GLU 49 153 153 GLU GLU A . n 
A 1 50 ARG 50 154 154 ARG ARG A . n 
A 1 51 ILE 51 155 155 ILE ILE A . n 
A 1 52 ASP 52 156 156 ASP ASP A . n 
A 1 53 ASN 53 157 157 ASN ASN A . n 
A 1 54 VAL 54 158 158 VAL VAL A . n 
A 1 55 LEU 55 159 159 LEU LEU A . n 
A 1 56 LYS 56 160 160 LYS LYS A . n 
A 1 57 GLN 57 161 161 GLN GLN A . n 
A 1 58 GLY 58 162 162 GLY GLY A . n 
A 1 59 LEU 59 163 163 LEU LEU A . n 
A 1 60 VAL 60 164 164 VAL VAL A . n 
A 1 61 ARG 61 165 165 ARG ALA A . n 
B 1 1  ILE 1  105 ?   ?   ?   B . n 
B 1 2  LYS 2  106 106 LYS ALA B . n 
B 1 3  LYS 3  107 107 LYS ALA B . n 
B 1 4  GLU 4  108 108 GLU GLU B . n 
B 1 5  GLN 5  109 109 GLN GLN B . n 
B 1 6  LYS 6  110 110 LYS LYS B . n 
B 1 7  LEU 7  111 111 LEU LEU B . n 
B 1 8  ILE 8  112 112 ILE ILE B . n 
B 1 9  GLN 9  113 113 GLN GLN B . n 
B 1 10 ALA 10 114 114 ALA ALA B . n 
B 1 11 GLN 11 115 115 GLN GLN B . n 
B 1 12 ASN 12 116 116 ASN ASN B . n 
B 1 13 LEU 13 117 117 LEU LEU B . n 
B 1 14 VAL 14 118 118 VAL VAL B . n 
B 1 15 ARG 15 119 119 ARG ARG B . n 
B 1 16 GLU 16 120 120 GLU GLU B . n 
B 1 17 PHE 17 121 121 PHE PHE B . n 
B 1 18 GLU 18 122 122 GLU GLU B . n 
B 1 19 LYS 19 123 123 LYS LYS B . n 
B 1 20 THR 20 124 124 THR THR B . n 
B 1 21 HIS 21 125 125 HIS HIS B . n 
B 1 22 THR 22 126 126 THR THR B . n 
B 1 23 VAL 23 127 127 VAL VAL B . n 
B 1 24 SER 24 128 128 SER SER B . n 
B 1 25 ALA 25 129 129 ALA ALA B . n 
B 1 26 HIS 26 130 130 HIS HIS B . n 
B 1 27 ARG 27 131 131 ARG ARG B . n 
B 1 28 LYS 28 132 132 LYS LYS B . n 
B 1 29 ALA 29 133 133 ALA ALA B . n 
B 1 30 GLN 30 134 134 GLN GLN B . n 
B 1 31 LYS 31 135 135 LYS LYS B . n 
B 1 32 ALA 32 136 136 ALA ALA B . n 
B 1 33 VAL 33 137 137 VAL VAL B . n 
B 1 34 ASN 34 138 138 ASN ASN B . n 
B 1 35 LEU 35 139 139 LEU LEU B . n 
B 1 36 VAL 36 140 140 VAL VAL B . n 
B 1 37 SER 37 141 141 SER SER B . n 
B 1 38 PHE 38 142 142 PHE PHE B . n 
B 1 39 GLU 39 143 143 GLU GLU B . n 
B 1 40 TYR 40 144 144 TYR TYR B . n 
B 1 41 LYS 41 145 145 LYS LYS B . n 
B 1 42 VAL 42 146 146 VAL VAL B . n 
B 1 43 LYS 43 147 147 LYS LYS B . n 
B 1 44 LYS 44 148 148 LYS LYS B . n 
B 1 45 MET 45 149 149 MET MET B . n 
B 1 46 VAL 46 150 150 VAL VAL B . n 
B 1 47 LEU 47 151 151 LEU LEU B . n 
B 1 48 GLN 48 152 152 GLN GLN B . n 
B 1 49 GLU 49 153 153 GLU GLU B . n 
B 1 50 ARG 50 154 154 ARG ARG B . n 
B 1 51 ILE 51 155 155 ILE ILE B . n 
B 1 52 ASP 52 156 156 ASP ASP B . n 
B 1 53 ASN 53 157 157 ASN ASN B . n 
B 1 54 VAL 54 158 158 VAL VAL B . n 
B 1 55 LEU 55 159 159 LEU LEU B . n 
B 1 56 LYS 56 160 160 LYS LYS B . n 
B 1 57 GLN 57 161 161 GLN GLN B . n 
B 1 58 GLY 58 162 162 GLY GLY B . n 
B 1 59 LEU 59 163 163 LEU LEU B . n 
B 1 60 VAL 60 164 164 VAL VAL B . n 
B 1 61 ARG 61 165 165 ARG ARG B . n 
# 
loop_
_pdbx_nonpoly_scheme.asym_id 
_pdbx_nonpoly_scheme.entity_id 
_pdbx_nonpoly_scheme.mon_id 
_pdbx_nonpoly_scheme.ndb_seq_num 
_pdbx_nonpoly_scheme.pdb_seq_num 
_pdbx_nonpoly_scheme.auth_seq_num 
_pdbx_nonpoly_scheme.pdb_mon_id 
_pdbx_nonpoly_scheme.auth_mon_id 
_pdbx_nonpoly_scheme.pdb_strand_id 
_pdbx_nonpoly_scheme.pdb_ins_code 
C 2 HOH 1  166 1   HOH HOH A . 
C 2 HOH 2  167 2   HOH HOH A . 
C 2 HOH 3  168 5   HOH HOH A . 
C 2 HOH 4  169 6   HOH HOH A . 
C 2 HOH 5  170 7   HOH HOH A . 
C 2 HOH 6  171 8   HOH HOH A . 
C 2 HOH 7  172 10  HOH HOH A . 
C 2 HOH 8  173 12  HOH HOH A . 
C 2 HOH 9  174 13  HOH HOH A . 
C 2 HOH 10 175 15  HOH HOH A . 
C 2 HOH 11 176 16  HOH HOH A . 
C 2 HOH 12 177 17  HOH HOH A . 
C 2 HOH 13 178 18  HOH HOH A . 
C 2 HOH 14 179 21  HOH HOH A . 
C 2 HOH 15 180 22  HOH HOH A . 
C 2 HOH 16 181 25  HOH HOH A . 
C 2 HOH 17 182 26  HOH HOH A . 
C 2 HOH 18 183 29  HOH HOH A . 
C 2 HOH 19 184 31  HOH HOH A . 
C 2 HOH 20 185 32  HOH HOH A . 
C 2 HOH 21 186 35  HOH HOH A . 
C 2 HOH 22 187 36  HOH HOH A . 
C 2 HOH 23 188 38  HOH HOH A . 
C 2 HOH 24 189 40  HOH HOH A . 
C 2 HOH 25 190 41  HOH HOH A . 
C 2 HOH 26 191 42  HOH HOH A . 
C 2 HOH 27 192 43  HOH HOH A . 
C 2 HOH 28 193 46  HOH HOH A . 
C 2 HOH 29 194 53  HOH HOH A . 
C 2 HOH 30 195 55  HOH HOH A . 
C 2 HOH 31 196 57  HOH HOH A . 
C 2 HOH 32 197 58  HOH HOH A . 
C 2 HOH 33 198 60  HOH HOH A . 
C 2 HOH 34 199 62  HOH HOH A . 
C 2 HOH 35 200 63  HOH HOH A . 
C 2 HOH 36 201 67  HOH HOH A . 
C 2 HOH 37 202 68  HOH HOH A . 
C 2 HOH 38 203 69  HOH HOH A . 
C 2 HOH 39 204 72  HOH HOH A . 
C 2 HOH 40 205 73  HOH HOH A . 
C 2 HOH 41 206 75  HOH HOH A . 
C 2 HOH 42 207 78  HOH HOH A . 
C 2 HOH 43 208 79  HOH HOH A . 
C 2 HOH 44 209 80  HOH HOH A . 
C 2 HOH 45 210 81  HOH HOH A . 
C 2 HOH 46 211 82  HOH HOH A . 
C 2 HOH 47 212 83  HOH HOH A . 
C 2 HOH 48 213 84  HOH HOH A . 
C 2 HOH 49 214 90  HOH HOH A . 
C 2 HOH 50 215 93  HOH HOH A . 
C 2 HOH 51 216 95  HOH HOH A . 
C 2 HOH 52 217 99  HOH HOH A . 
C 2 HOH 53 218 100 HOH HOH A . 
C 2 HOH 54 219 101 HOH HOH A . 
C 2 HOH 55 220 106 HOH HOH A . 
C 2 HOH 56 221 108 HOH HOH A . 
C 2 HOH 57 222 109 HOH HOH A . 
C 2 HOH 58 223 110 HOH HOH A . 
C 2 HOH 59 224 112 HOH HOH A . 
C 2 HOH 60 225 113 HOH HOH A . 
C 2 HOH 61 226 114 HOH HOH A . 
C 2 HOH 62 227 116 HOH HOH A . 
C 2 HOH 63 228 117 HOH HOH A . 
C 2 HOH 64 229 118 HOH HOH A . 
C 2 HOH 65 230 119 HOH HOH A . 
C 2 HOH 66 231 120 HOH HOH A . 
C 2 HOH 67 232 125 HOH HOH A . 
C 2 HOH 68 233 127 HOH HOH A . 
C 2 HOH 69 234 131 HOH HOH A . 
C 2 HOH 70 235 134 HOH HOH A . 
C 2 HOH 71 236 135 HOH HOH A . 
C 2 HOH 72 237 139 HOH HOH A . 
C 2 HOH 73 238 140 HOH HOH A . 
C 2 HOH 74 239 141 HOH HOH A . 
C 2 HOH 75 240 142 HOH HOH A . 
C 2 HOH 76 241 143 HOH HOH A . 
C 2 HOH 77 242 144 HOH HOH A . 
C 2 HOH 78 243 145 HOH HOH A . 
C 2 HOH 79 244 147 HOH HOH A . 
C 2 HOH 80 245 150 HOH HOH A . 
C 2 HOH 81 246 154 HOH HOH A . 
C 2 HOH 82 247 155 HOH HOH A . 
D 2 HOH 1  166 3   HOH HOH B . 
D 2 HOH 2  167 4   HOH HOH B . 
D 2 HOH 3  168 9   HOH HOH B . 
D 2 HOH 4  169 11  HOH HOH B . 
D 2 HOH 5  170 14  HOH HOH B . 
D 2 HOH 6  171 19  HOH HOH B . 
D 2 HOH 7  172 20  HOH HOH B . 
D 2 HOH 8  173 23  HOH HOH B . 
D 2 HOH 9  174 24  HOH HOH B . 
D 2 HOH 10 175 27  HOH HOH B . 
D 2 HOH 11 176 28  HOH HOH B . 
D 2 HOH 12 177 30  HOH HOH B . 
D 2 HOH 13 178 33  HOH HOH B . 
D 2 HOH 14 179 34  HOH HOH B . 
D 2 HOH 15 180 37  HOH HOH B . 
D 2 HOH 16 181 39  HOH HOH B . 
D 2 HOH 17 182 44  HOH HOH B . 
D 2 HOH 18 183 45  HOH HOH B . 
D 2 HOH 19 184 47  HOH HOH B . 
D 2 HOH 20 185 48  HOH HOH B . 
D 2 HOH 21 186 49  HOH HOH B . 
D 2 HOH 22 187 50  HOH HOH B . 
D 2 HOH 23 188 51  HOH HOH B . 
D 2 HOH 24 189 52  HOH HOH B . 
D 2 HOH 25 190 54  HOH HOH B . 
D 2 HOH 26 191 56  HOH HOH B . 
D 2 HOH 27 192 59  HOH HOH B . 
D 2 HOH 28 193 61  HOH HOH B . 
D 2 HOH 29 194 64  HOH HOH B . 
D 2 HOH 30 195 65  HOH HOH B . 
D 2 HOH 31 196 66  HOH HOH B . 
D 2 HOH 32 197 70  HOH HOH B . 
D 2 HOH 33 198 71  HOH HOH B . 
D 2 HOH 34 199 74  HOH HOH B . 
D 2 HOH 35 200 76  HOH HOH B . 
D 2 HOH 36 201 77  HOH HOH B . 
D 2 HOH 37 202 85  HOH HOH B . 
D 2 HOH 38 203 86  HOH HOH B . 
D 2 HOH 39 204 87  HOH HOH B . 
D 2 HOH 40 205 88  HOH HOH B . 
D 2 HOH 41 206 89  HOH HOH B . 
D 2 HOH 42 207 91  HOH HOH B . 
D 2 HOH 43 208 92  HOH HOH B . 
D 2 HOH 44 209 94  HOH HOH B . 
D 2 HOH 45 210 96  HOH HOH B . 
D 2 HOH 46 211 97  HOH HOH B . 
D 2 HOH 47 212 98  HOH HOH B . 
D 2 HOH 48 213 102 HOH HOH B . 
D 2 HOH 49 214 103 HOH HOH B . 
D 2 HOH 50 215 104 HOH HOH B . 
D 2 HOH 51 216 105 HOH HOH B . 
D 2 HOH 52 217 107 HOH HOH B . 
D 2 HOH 53 218 111 HOH HOH B . 
D 2 HOH 54 219 115 HOH HOH B . 
D 2 HOH 55 220 121 HOH HOH B . 
D 2 HOH 56 221 122 HOH HOH B . 
D 2 HOH 57 222 123 HOH HOH B . 
D 2 HOH 58 223 124 HOH HOH B . 
D 2 HOH 59 224 126 HOH HOH B . 
D 2 HOH 60 225 128 HOH HOH B . 
D 2 HOH 61 226 129 HOH HOH B . 
D 2 HOH 62 227 130 HOH HOH B . 
D 2 HOH 63 228 132 HOH HOH B . 
D 2 HOH 64 229 133 HOH HOH B . 
D 2 HOH 65 230 136 HOH HOH B . 
D 2 HOH 66 231 137 HOH HOH B . 
D 2 HOH 67 232 138 HOH HOH B . 
D 2 HOH 68 233 146 HOH HOH B . 
D 2 HOH 69 234 148 HOH HOH B . 
D 2 HOH 70 235 149 HOH HOH B . 
D 2 HOH 71 236 151 HOH HOH B . 
D 2 HOH 72 237 152 HOH HOH B . 
D 2 HOH 73 238 153 HOH HOH B . 
# 
loop_
_pdbx_unobs_or_zero_occ_atoms.id 
_pdbx_unobs_or_zero_occ_atoms.PDB_model_num 
_pdbx_unobs_or_zero_occ_atoms.polymer_flag 
_pdbx_unobs_or_zero_occ_atoms.occupancy_flag 
_pdbx_unobs_or_zero_occ_atoms.auth_asym_id 
_pdbx_unobs_or_zero_occ_atoms.auth_comp_id 
_pdbx_unobs_or_zero_occ_atoms.auth_seq_id 
_pdbx_unobs_or_zero_occ_atoms.PDB_ins_code 
_pdbx_unobs_or_zero_occ_atoms.auth_atom_id 
_pdbx_unobs_or_zero_occ_atoms.label_alt_id 
_pdbx_unobs_or_zero_occ_atoms.label_asym_id 
_pdbx_unobs_or_zero_occ_atoms.label_comp_id 
_pdbx_unobs_or_zero_occ_atoms.label_seq_id 
_pdbx_unobs_or_zero_occ_atoms.label_atom_id 
1  1 Y 1 A ILE 105 ? CG1 ? A ILE 1  CG1 
2  1 Y 1 A ILE 105 ? CG2 ? A ILE 1  CG2 
3  1 Y 1 A ILE 105 ? CD1 ? A ILE 1  CD1 
4  1 Y 1 A ARG 165 ? CG  ? A ARG 61 CG  
5  1 Y 1 A ARG 165 ? CD  ? A ARG 61 CD  
6  1 Y 1 A ARG 165 ? NE  ? A ARG 61 NE  
7  1 Y 1 A ARG 165 ? CZ  ? A ARG 61 CZ  
8  1 Y 1 A ARG 165 ? NH1 ? A ARG 61 NH1 
9  1 Y 1 A ARG 165 ? NH2 ? A ARG 61 NH2 
10 1 Y 1 B LYS 106 ? CG  ? B LYS 2  CG  
11 1 Y 1 B LYS 106 ? CD  ? B LYS 2  CD  
12 1 Y 1 B LYS 106 ? CE  ? B LYS 2  CE  
13 1 Y 1 B LYS 106 ? NZ  ? B LYS 2  NZ  
14 1 Y 1 B LYS 107 ? CG  ? B LYS 3  CG  
15 1 Y 1 B LYS 107 ? CD  ? B LYS 3  CD  
16 1 Y 1 B LYS 107 ? CE  ? B LYS 3  CE  
17 1 Y 1 B LYS 107 ? NZ  ? B LYS 3  NZ  
# 
loop_
_software.name 
_software.classification 
_software.version 
_software.citation_id 
_software.pdbx_ordinal 
REFMAC   refinement       5.2.0005 ? 1 
DENZO    'data reduction' .        ? 2 
HKL-2000 'data scaling'   .        ? 3 
SOLVE    phasing          .        ? 4 
# 
_cell.entry_id           2GOM 
_cell.length_a           59.598 
_cell.length_b           59.598 
_cell.length_c           45.634 
_cell.angle_alpha        90.00 
_cell.angle_beta         90.00 
_cell.angle_gamma        90.00 
_cell.Z_PDB              8 
_cell.pdbx_unique_axis   ? 
_cell.length_a_esd       ? 
_cell.length_b_esd       ? 
_cell.length_c_esd       ? 
_cell.angle_alpha_esd    ? 
_cell.angle_beta_esd     ? 
_cell.angle_gamma_esd    ? 
# 
_symmetry.entry_id                         2GOM 
_symmetry.space_group_name_H-M             'P 43' 
_symmetry.pdbx_full_space_group_name_H-M   ? 
_symmetry.cell_setting                     ? 
_symmetry.Int_Tables_number                78 
_symmetry.space_group_name_Hall            ? 
# 
_exptl.entry_id          2GOM 
_exptl.method            'X-RAY DIFFRACTION' 
_exptl.crystals_number   2 
# 
_exptl_crystal.id                    1 
_exptl_crystal.density_meas          ? 
_exptl_crystal.density_Matthews      2.81 
_exptl_crystal.density_percent_sol   56.26 
_exptl_crystal.description           ? 
_exptl_crystal.F_000                 ? 
_exptl_crystal.preparation           ? 
# 
_exptl_crystal_grow.crystal_id      1 
_exptl_crystal_grow.method          'VAPOR DIFFUSION, HANGING DROP' 
_exptl_crystal_grow.temp            293.0 
_exptl_crystal_grow.temp_details    ? 
_exptl_crystal_grow.pH              7.4 
_exptl_crystal_grow.pdbx_details    '3M  Sodium Acetate pH 7.4 , VAPOR DIFFUSION, HANGING DROP, temperature 293.0K' 
_exptl_crystal_grow.pdbx_pH_range   . 
# 
_diffrn.id                     1 
_diffrn.ambient_temp           93.0 
_diffrn.ambient_temp_details   ? 
_diffrn.crystal_id             1 
# 
_diffrn_detector.diffrn_id              1 
_diffrn_detector.detector               CCD 
_diffrn_detector.type                   'MARMOSAIC 300 mm CCD' 
_diffrn_detector.pdbx_collection_date   2005-08-12 
_diffrn_detector.details                mirrors 
# 
_diffrn_radiation.diffrn_id                        1 
_diffrn_radiation.wavelength_id                    1 
_diffrn_radiation.pdbx_monochromatic_or_laue_m_l   M 
_diffrn_radiation.monochromator                    ? 
_diffrn_radiation.pdbx_diffrn_protocol             MAD 
_diffrn_radiation.pdbx_scattering_type             x-ray 
# 
loop_
_diffrn_radiation_wavelength.id 
_diffrn_radiation_wavelength.wavelength 
_diffrn_radiation_wavelength.wt 
1 0.97949 1.0 
2 0.97934 1.0 
3 0.97178 1.0 
# 
_diffrn_source.diffrn_id                   1 
_diffrn_source.source                      SYNCHROTRON 
_diffrn_source.type                        'APS BEAMLINE 22-ID' 
_diffrn_source.pdbx_synchrotron_site       APS 
_diffrn_source.pdbx_synchrotron_beamline   22-ID 
_diffrn_source.pdbx_wavelength             ? 
_diffrn_source.pdbx_wavelength_list        '0.97949, 0.97934, 0.97178' 
# 
_reflns.entry_id                     2GOM 
_reflns.observed_criterion_sigma_I   2 
_reflns.observed_criterion_sigma_F   2 
_reflns.d_resolution_low             50.0 
_reflns.d_resolution_high            1.2 
_reflns.number_obs                   44291 
_reflns.number_all                   ? 
_reflns.percent_possible_obs         86.9 
_reflns.pdbx_Rmerge_I_obs            0.063 
_reflns.pdbx_Rsym_value              0.071 
_reflns.pdbx_netI_over_sigmaI        16.7 
_reflns.B_iso_Wilson_estimate        22.1 
_reflns.pdbx_redundancy              3.6 
_reflns.R_free_details               ? 
_reflns.limit_h_max                  ? 
_reflns.limit_h_min                  ? 
_reflns.limit_k_max                  ? 
_reflns.limit_k_min                  ? 
_reflns.limit_l_max                  ? 
_reflns.limit_l_min                  ? 
_reflns.observed_criterion_F_max     ? 
_reflns.observed_criterion_F_min     ? 
_reflns.pdbx_chi_squared             ? 
_reflns.pdbx_scaling_rejects         ? 
_reflns.pdbx_ordinal                 1 
_reflns.pdbx_diffrn_id               1 
# 
_reflns_shell.d_res_high             1.20 
_reflns_shell.d_res_low              1.24 
_reflns_shell.percent_possible_all   99.2 
_reflns_shell.Rmerge_I_obs           0.544 
_reflns_shell.pdbx_Rsym_value        0.492 
_reflns_shell.meanI_over_sigI_obs    2.2 
_reflns_shell.pdbx_redundancy        3.4 
_reflns_shell.percent_possible_obs   ? 
_reflns_shell.number_unique_all      5029 
_reflns_shell.number_measured_all    ? 
_reflns_shell.number_measured_obs    ? 
_reflns_shell.number_unique_obs      ? 
_reflns_shell.pdbx_chi_squared       ? 
_reflns_shell.pdbx_ordinal           1 
_reflns_shell.pdbx_diffrn_id         1 
# 
_refine.entry_id                                 2GOM 
_refine.ls_number_reflns_obs                     42060 
_refine.ls_number_reflns_all                     44291 
_refine.pdbx_ls_sigma_I                          ? 
_refine.pdbx_ls_sigma_F                          2 
_refine.pdbx_data_cutoff_high_absF               ? 
_refine.pdbx_data_cutoff_low_absF                ? 
_refine.pdbx_data_cutoff_high_rms_absF           ? 
_refine.ls_d_res_low                             59.55 
_refine.ls_d_res_high                            1.25 
_refine.ls_percent_reflns_obs                    99.79 
_refine.ls_R_factor_obs                          0.21095 
_refine.ls_R_factor_all                          0.211 
_refine.ls_R_factor_R_work                       0.21058 
_refine.ls_R_factor_R_free                       0.21804 
_refine.ls_R_factor_R_free_error                 ? 
_refine.ls_R_factor_R_free_error_details         ? 
_refine.ls_percent_reflns_R_free                 5.0 
_refine.ls_number_reflns_R_free                  2231 
_refine.ls_number_parameters                     ? 
_refine.ls_number_restraints                     ? 
_refine.occupancy_min                            ? 
_refine.occupancy_max                            ? 
_refine.correlation_coeff_Fo_to_Fc               0.956 
_refine.correlation_coeff_Fo_to_Fc_free          0.957 
_refine.B_iso_mean                               18.993 
_refine.aniso_B[1][1]                            0.01 
_refine.aniso_B[2][2]                            0.01 
_refine.aniso_B[3][3]                            -0.03 
_refine.aniso_B[1][2]                            0.00 
_refine.aniso_B[1][3]                            0.00 
_refine.aniso_B[2][3]                            0.00 
_refine.solvent_model_details                    MASK 
_refine.solvent_model_param_ksol                 ? 
_refine.solvent_model_param_bsol                 ? 
_refine.pdbx_solvent_vdw_probe_radii             1.20 
_refine.pdbx_solvent_ion_probe_radii             0.80 
_refine.pdbx_solvent_shrinkage_radii             0.80 
_refine.pdbx_ls_cross_valid_method               THROUGHOUT 
_refine.details                                  'HYDROGENS HAVE BEEN ADDED IN THE RIDING POSITIONS' 
_refine.pdbx_starting_model                      ? 
_refine.pdbx_method_to_determine_struct          MAD 
_refine.pdbx_isotropic_thermal_model             ? 
_refine.pdbx_stereochemistry_target_values       'MAXIMUM LIKELIHOOD' 
_refine.pdbx_stereochem_target_val_spec_case     ? 
_refine.pdbx_R_Free_selection_details            RANDOM 
_refine.pdbx_overall_ESU_R                       0.047 
_refine.pdbx_overall_ESU_R_Free                  0.046 
_refine.overall_SU_ML                            0.027 
_refine.overall_SU_B                             1.182 
_refine.ls_redundancy_reflns_obs                 ? 
_refine.B_iso_min                                ? 
_refine.B_iso_max                                ? 
_refine.overall_SU_R_Cruickshank_DPI             ? 
_refine.overall_SU_R_free                        ? 
_refine.ls_wR_factor_R_free                      ? 
_refine.ls_wR_factor_R_work                      ? 
_refine.overall_FOM_free_R_set                   ? 
_refine.overall_FOM_work_R_set                   ? 
_refine.pdbx_overall_phase_error                 ? 
_refine.pdbx_refine_id                           'X-RAY DIFFRACTION' 
_refine.pdbx_TLS_residual_ADP_flag               'LIKELY RESIDUAL' 
_refine.pdbx_diffrn_id                           1 
_refine.pdbx_overall_SU_R_free_Cruickshank_DPI   ? 
_refine.pdbx_overall_SU_R_Blow_DPI               ? 
_refine.pdbx_overall_SU_R_free_Blow_DPI          ? 
# 
_refine_analyze.entry_id                        2GOM 
_refine_analyze.Luzzati_coordinate_error_obs    0.17 
_refine_analyze.Luzzati_sigma_a_obs             ? 
_refine_analyze.Luzzati_d_res_low_obs           2 
_refine_analyze.Luzzati_coordinate_error_free   ? 
_refine_analyze.Luzzati_sigma_a_free            ? 
_refine_analyze.Luzzati_d_res_low_free          ? 
_refine_analyze.number_disordered_residues      ? 
_refine_analyze.occupancy_sum_hydrogen          ? 
_refine_analyze.occupancy_sum_non_hydrogen      ? 
_refine_analyze.pdbx_Luzzati_d_res_high_obs     ? 
_refine_analyze.pdbx_refine_id                  'X-RAY DIFFRACTION' 
# 
_refine_hist.pdbx_refine_id                   'X-RAY DIFFRACTION' 
_refine_hist.cycle_id                         LAST 
_refine_hist.pdbx_number_atoms_protein        987 
_refine_hist.pdbx_number_atoms_nucleic_acid   0 
_refine_hist.pdbx_number_atoms_ligand         0 
_refine_hist.number_atoms_solvent             155 
_refine_hist.number_atoms_total               1142 
_refine_hist.d_res_high                       1.25 
_refine_hist.d_res_low                        59.55 
# 
loop_
_refine_ls_restr.type 
_refine_ls_restr.dev_ideal 
_refine_ls_restr.dev_ideal_target 
_refine_ls_restr.weight 
_refine_ls_restr.number 
_refine_ls_restr.pdbx_refine_id 
_refine_ls_restr.pdbx_restraint_function 
r_bond_refined_d         0.006  0.022  ? 995  'X-RAY DIFFRACTION' ? 
r_angle_refined_deg      0.928  1.959  ? 1328 'X-RAY DIFFRACTION' ? 
r_dihedral_angle_1_deg   3.901  5.000  ? 119  'X-RAY DIFFRACTION' ? 
r_dihedral_angle_2_deg   37.744 24.894 ? 47   'X-RAY DIFFRACTION' ? 
r_dihedral_angle_3_deg   10.568 15.000 ? 217  'X-RAY DIFFRACTION' ? 
r_dihedral_angle_4_deg   24.205 15.000 ? 7    'X-RAY DIFFRACTION' ? 
r_chiral_restr           0.064  0.200  ? 155  'X-RAY DIFFRACTION' ? 
r_gen_planes_refined     0.004  0.020  ? 707  'X-RAY DIFFRACTION' ? 
r_nbd_refined            0.206  0.200  ? 504  'X-RAY DIFFRACTION' ? 
r_nbtor_refined          0.296  0.200  ? 709  'X-RAY DIFFRACTION' ? 
r_xyhbond_nbd_refined    0.131  0.200  ? 91   'X-RAY DIFFRACTION' ? 
r_symmetry_vdw_refined   0.173  0.200  ? 50   'X-RAY DIFFRACTION' ? 
r_symmetry_hbond_refined 0.365  0.200  ? 17   'X-RAY DIFFRACTION' ? 
r_mcbond_it              0.748  1.500  ? 624  'X-RAY DIFFRACTION' ? 
r_mcangle_it             1.202  2.000  ? 972  'X-RAY DIFFRACTION' ? 
r_scbond_it              2.049  3.000  ? 403  'X-RAY DIFFRACTION' ? 
r_scangle_it             3.134  4.500  ? 356  'X-RAY DIFFRACTION' ? 
# 
_refine_ls_shell.pdbx_total_number_of_bins_used   20 
_refine_ls_shell.d_res_high                       1.250 
_refine_ls_shell.d_res_low                        1.282 
_refine_ls_shell.number_reflns_R_work             3104 
_refine_ls_shell.R_factor_R_work                  0.351 
_refine_ls_shell.percent_reflns_obs               100.00 
_refine_ls_shell.R_factor_R_free                  0.355 
_refine_ls_shell.R_factor_R_free_error            ? 
_refine_ls_shell.percent_reflns_R_free            ? 
_refine_ls_shell.number_reflns_R_free             153 
_refine_ls_shell.number_reflns_all                ? 
_refine_ls_shell.R_factor_all                     ? 
_refine_ls_shell.number_reflns_obs                3257 
_refine_ls_shell.redundancy_reflns_obs            ? 
_refine_ls_shell.pdbx_refine_id                   'X-RAY DIFFRACTION' 
# 
_struct.entry_id                  2GOM 
_struct.title                     'Crystal structure of Efb-C from Staphylococcus aureus' 
_struct.pdbx_model_details        ? 
_struct.pdbx_CASP_flag            ? 
_struct.pdbx_model_type_details   ? 
# 
_struct_keywords.entry_id        2GOM 
_struct_keywords.pdbx_keywords   'CELL ADHESION/TOXIN' 
_struct_keywords.text            'three-helix closed bundle with left-hand twist, CELL ADHESION-TOXIN COMPLEX' 
# 
loop_
_struct_asym.id 
_struct_asym.pdbx_blank_PDB_chainid_flag 
_struct_asym.pdbx_modified 
_struct_asym.entity_id 
_struct_asym.details 
A N N 1 ? 
B N N 1 ? 
C N N 2 ? 
D N N 2 ? 
# 
_struct_ref.id                         1 
_struct_ref.db_name                    UNP 
_struct_ref.db_code                    FIB_STAAU 
_struct_ref.pdbx_db_accession          P68798 
_struct_ref.entity_id                  1 
_struct_ref.pdbx_seq_one_letter_code   IKKEQKLIQAQNLVREFEKTHTVSAHRKAQKAVNLVSFEYKVKKMVLQERIDNVLKQGLVR 
_struct_ref.pdbx_align_begin           105 
_struct_ref.pdbx_db_isoform            ? 
# 
loop_
_struct_ref_seq.align_id 
_struct_ref_seq.ref_id 
_struct_ref_seq.pdbx_PDB_id_code 
_struct_ref_seq.pdbx_strand_id 
_struct_ref_seq.seq_align_beg 
_struct_ref_seq.pdbx_seq_align_beg_ins_code 
_struct_ref_seq.seq_align_end 
_struct_ref_seq.pdbx_seq_align_end_ins_code 
_struct_ref_seq.pdbx_db_accession 
_struct_ref_seq.db_align_beg 
_struct_ref_seq.pdbx_db_align_beg_ins_code 
_struct_ref_seq.db_align_end 
_struct_ref_seq.pdbx_db_align_end_ins_code 
_struct_ref_seq.pdbx_auth_seq_align_beg 
_struct_ref_seq.pdbx_auth_seq_align_end 
1 1 2GOM A 1 ? 61 ? P68798 105 ? 165 ? 105 165 
2 1 2GOM B 1 ? 61 ? P68798 105 ? 165 ? 105 165 
# 
_pdbx_struct_assembly.id                   1 
_pdbx_struct_assembly.details              author_defined_assembly 
_pdbx_struct_assembly.method_details       ? 
_pdbx_struct_assembly.oligomeric_details   dimeric 
_pdbx_struct_assembly.oligomeric_count     2 
# 
_pdbx_struct_assembly_gen.assembly_id       1 
_pdbx_struct_assembly_gen.oper_expression   1 
_pdbx_struct_assembly_gen.asym_id_list      A,B,C,D 
# 
_pdbx_struct_oper_list.id                   1 
_pdbx_struct_oper_list.type                 'identity operation' 
_pdbx_struct_oper_list.name                 1_555 
_pdbx_struct_oper_list.symmetry_operation   x,y,z 
_pdbx_struct_oper_list.matrix[1][1]         1.0000000000 
_pdbx_struct_oper_list.matrix[1][2]         0.0000000000 
_pdbx_struct_oper_list.matrix[1][3]         0.0000000000 
_pdbx_struct_oper_list.vector[1]            0.0000000000 
_pdbx_struct_oper_list.matrix[2][1]         0.0000000000 
_pdbx_struct_oper_list.matrix[2][2]         1.0000000000 
_pdbx_struct_oper_list.matrix[2][3]         0.0000000000 
_pdbx_struct_oper_list.vector[2]            0.0000000000 
_pdbx_struct_oper_list.matrix[3][1]         0.0000000000 
_pdbx_struct_oper_list.matrix[3][2]         0.0000000000 
_pdbx_struct_oper_list.matrix[3][3]         1.0000000000 
_pdbx_struct_oper_list.vector[3]            0.0000000000 
# 
_struct_biol.id        1 
_struct_biol.details   ? 
# 
loop_
_struct_conf.conf_type_id 
_struct_conf.id 
_struct_conf.pdbx_PDB_helix_id 
_struct_conf.beg_label_comp_id 
_struct_conf.beg_label_asym_id 
_struct_conf.beg_label_seq_id 
_struct_conf.pdbx_beg_PDB_ins_code 
_struct_conf.end_label_comp_id 
_struct_conf.end_label_asym_id 
_struct_conf.end_label_seq_id 
_struct_conf.pdbx_end_PDB_ins_code 
_struct_conf.beg_auth_comp_id 
_struct_conf.beg_auth_asym_id 
_struct_conf.beg_auth_seq_id 
_struct_conf.end_auth_comp_id 
_struct_conf.end_auth_asym_id 
_struct_conf.end_auth_seq_id 
_struct_conf.pdbx_PDB_helix_class 
_struct_conf.details 
_struct_conf.pdbx_PDB_helix_length 
HELX_P HELX_P1 1 ILE A 1  ? HIS A 21 ? ILE A 105 HIS A 125 1 ? 21 
HELX_P HELX_P2 2 THR A 22 ? VAL A 36 ? THR A 126 VAL A 140 1 ? 15 
HELX_P HELX_P3 3 SER A 37 ? GLU A 39 ? SER A 141 GLU A 143 5 ? 3  
HELX_P HELX_P4 4 TYR A 40 ? GLY A 58 ? TYR A 144 GLY A 162 1 ? 19 
HELX_P HELX_P5 5 LYS B 2  ? HIS B 21 ? LYS B 106 HIS B 125 1 ? 20 
HELX_P HELX_P6 6 THR B 22 ? VAL B 36 ? THR B 126 VAL B 140 1 ? 15 
HELX_P HELX_P7 7 TYR B 40 ? GLY B 58 ? TYR B 144 GLY B 162 1 ? 19 
# 
_struct_conf_type.id          HELX_P 
_struct_conf_type.criteria    ? 
_struct_conf_type.reference   ? 
# 
_pdbx_validate_symm_contact.id                1 
_pdbx_validate_symm_contact.PDB_model_num     1 
_pdbx_validate_symm_contact.auth_atom_id_1    O 
_pdbx_validate_symm_contact.auth_asym_id_1    A 
_pdbx_validate_symm_contact.auth_comp_id_1    HOH 
_pdbx_validate_symm_contact.auth_seq_id_1     166 
_pdbx_validate_symm_contact.PDB_ins_code_1    ? 
_pdbx_validate_symm_contact.label_alt_id_1    ? 
_pdbx_validate_symm_contact.site_symmetry_1   1_555 
_pdbx_validate_symm_contact.auth_atom_id_2    O 
_pdbx_validate_symm_contact.auth_asym_id_2    A 
_pdbx_validate_symm_contact.auth_comp_id_2    HOH 
_pdbx_validate_symm_contact.auth_seq_id_2     246 
_pdbx_validate_symm_contact.PDB_ins_code_2    ? 
_pdbx_validate_symm_contact.label_alt_id_2    ? 
_pdbx_validate_symm_contact.site_symmetry_2   4_465 
_pdbx_validate_symm_contact.dist              1.36 
# 
loop_
_pdbx_refine_tls.id 
_pdbx_refine_tls.details 
_pdbx_refine_tls.method 
_pdbx_refine_tls.origin_x 
_pdbx_refine_tls.origin_y 
_pdbx_refine_tls.origin_z 
_pdbx_refine_tls.T[1][1] 
_pdbx_refine_tls.T[2][2] 
_pdbx_refine_tls.T[3][3] 
_pdbx_refine_tls.T[1][2] 
_pdbx_refine_tls.T[1][3] 
_pdbx_refine_tls.T[2][3] 
_pdbx_refine_tls.L[1][1] 
_pdbx_refine_tls.L[2][2] 
_pdbx_refine_tls.L[3][3] 
_pdbx_refine_tls.L[1][2] 
_pdbx_refine_tls.L[1][3] 
_pdbx_refine_tls.L[2][3] 
_pdbx_refine_tls.S[1][1] 
_pdbx_refine_tls.S[1][2] 
_pdbx_refine_tls.S[1][3] 
_pdbx_refine_tls.S[2][1] 
_pdbx_refine_tls.S[2][2] 
_pdbx_refine_tls.S[2][3] 
_pdbx_refine_tls.S[3][1] 
_pdbx_refine_tls.S[3][2] 
_pdbx_refine_tls.S[3][3] 
_pdbx_refine_tls.pdbx_refine_id 
1 ? refined 5.0706  2.7185  -11.8551 0.0018  -0.0127 -0.0244 0.0015 -0.0071 -0.0003 0.2700 0.9309 1.0971 0.3128  -0.1768 -0.4197 0.0308  -0.0316 -0.0138 -0.0116 -0.0507 -0.0020 -0.0087 0.0014  0.0199 'X-RAY DIFFRACTION' 
2 ? refined -5.0279 -2.4886 11.8165  -0.0319 0.0011  0.0109  0.0118 0.0198  0.0288  1.8061 0.1682 1.5884 -0.2255 0.9831  -0.2060 -0.1417 -0.1952 -0.1836 0.0043  0.1323  0.0662  -0.1436 -0.1361 0.0094 'X-RAY DIFFRACTION' 
# 
loop_
_pdbx_refine_tls_group.id 
_pdbx_refine_tls_group.refine_tls_id 
_pdbx_refine_tls_group.beg_auth_asym_id 
_pdbx_refine_tls_group.beg_auth_seq_id 
_pdbx_refine_tls_group.beg_label_asym_id 
_pdbx_refine_tls_group.beg_label_seq_id 
_pdbx_refine_tls_group.end_auth_asym_id 
_pdbx_refine_tls_group.end_auth_seq_id 
_pdbx_refine_tls_group.end_label_asym_id 
_pdbx_refine_tls_group.end_label_seq_id 
_pdbx_refine_tls_group.selection 
_pdbx_refine_tls_group.pdbx_refine_id 
_pdbx_refine_tls_group.selection_details 
1 1 A 105 A 1 A 165 A 61 ? 'X-RAY DIFFRACTION' ? 
2 2 B 106 B 2 B 165 B 61 ? 'X-RAY DIFFRACTION' ? 
# 
_pdbx_unobs_or_zero_occ_residues.id               1 
_pdbx_unobs_or_zero_occ_residues.PDB_model_num    1 
_pdbx_unobs_or_zero_occ_residues.polymer_flag     Y 
_pdbx_unobs_or_zero_occ_residues.occupancy_flag   1 
_pdbx_unobs_or_zero_occ_residues.auth_asym_id     B 
_pdbx_unobs_or_zero_occ_residues.auth_comp_id     ILE 
_pdbx_unobs_or_zero_occ_residues.auth_seq_id      105 
_pdbx_unobs_or_zero_occ_residues.PDB_ins_code     ? 
_pdbx_unobs_or_zero_occ_residues.label_asym_id    B 
_pdbx_unobs_or_zero_occ_residues.label_comp_id    ILE 
_pdbx_unobs_or_zero_occ_residues.label_seq_id     1 
# 
loop_
_chem_comp_atom.comp_id 
_chem_comp_atom.atom_id 
_chem_comp_atom.type_symbol 
_chem_comp_atom.pdbx_aromatic_flag 
_chem_comp_atom.pdbx_stereo_config 
_chem_comp_atom.pdbx_ordinal 
ALA N    N N N 1   
ALA CA   C N S 2   
ALA C    C N N 3   
ALA O    O N N 4   
ALA CB   C N N 5   
ALA OXT  O N N 6   
ALA H    H N N 7   
ALA H2   H N N 8   
ALA HA   H N N 9   
ALA HB1  H N N 10  
ALA HB2  H N N 11  
ALA HB3  H N N 12  
ALA HXT  H N N 13  
ARG N    N N N 14  
ARG CA   C N S 15  
ARG C    C N N 16  
ARG O    O N N 17  
ARG CB   C N N 18  
ARG CG   C N N 19  
ARG CD   C N N 20  
ARG NE   N N N 21  
ARG CZ   C N N 22  
ARG NH1  N N N 23  
ARG NH2  N N N 24  
ARG OXT  O N N 25  
ARG H    H N N 26  
ARG H2   H N N 27  
ARG HA   H N N 28  
ARG HB2  H N N 29  
ARG HB3  H N N 30  
ARG HG2  H N N 31  
ARG HG3  H N N 32  
ARG HD2  H N N 33  
ARG HD3  H N N 34  
ARG HE   H N N 35  
ARG HH11 H N N 36  
ARG HH12 H N N 37  
ARG HH21 H N N 38  
ARG HH22 H N N 39  
ARG HXT  H N N 40  
ASN N    N N N 41  
ASN CA   C N S 42  
ASN C    C N N 43  
ASN O    O N N 44  
ASN CB   C N N 45  
ASN CG   C N N 46  
ASN OD1  O N N 47  
ASN ND2  N N N 48  
ASN OXT  O N N 49  
ASN H    H N N 50  
ASN H2   H N N 51  
ASN HA   H N N 52  
ASN HB2  H N N 53  
ASN HB3  H N N 54  
ASN HD21 H N N 55  
ASN HD22 H N N 56  
ASN HXT  H N N 57  
ASP N    N N N 58  
ASP CA   C N S 59  
ASP C    C N N 60  
ASP O    O N N 61  
ASP CB   C N N 62  
ASP CG   C N N 63  
ASP OD1  O N N 64  
ASP OD2  O N N 65  
ASP OXT  O N N 66  
ASP H    H N N 67  
ASP H2   H N N 68  
ASP HA   H N N 69  
ASP HB2  H N N 70  
ASP HB3  H N N 71  
ASP HD2  H N N 72  
ASP HXT  H N N 73  
GLN N    N N N 74  
GLN CA   C N S 75  
GLN C    C N N 76  
GLN O    O N N 77  
GLN CB   C N N 78  
GLN CG   C N N 79  
GLN CD   C N N 80  
GLN OE1  O N N 81  
GLN NE2  N N N 82  
GLN OXT  O N N 83  
GLN H    H N N 84  
GLN H2   H N N 85  
GLN HA   H N N 86  
GLN HB2  H N N 87  
GLN HB3  H N N 88  
GLN HG2  H N N 89  
GLN HG3  H N N 90  
GLN HE21 H N N 91  
GLN HE22 H N N 92  
GLN HXT  H N N 93  
GLU N    N N N 94  
GLU CA   C N S 95  
GLU C    C N N 96  
GLU O    O N N 97  
GLU CB   C N N 98  
GLU CG   C N N 99  
GLU CD   C N N 100 
GLU OE1  O N N 101 
GLU OE2  O N N 102 
GLU OXT  O N N 103 
GLU H    H N N 104 
GLU H2   H N N 105 
GLU HA   H N N 106 
GLU HB2  H N N 107 
GLU HB3  H N N 108 
GLU HG2  H N N 109 
GLU HG3  H N N 110 
GLU HE2  H N N 111 
GLU HXT  H N N 112 
GLY N    N N N 113 
GLY CA   C N N 114 
GLY C    C N N 115 
GLY O    O N N 116 
GLY OXT  O N N 117 
GLY H    H N N 118 
GLY H2   H N N 119 
GLY HA2  H N N 120 
GLY HA3  H N N 121 
GLY HXT  H N N 122 
HIS N    N N N 123 
HIS CA   C N S 124 
HIS C    C N N 125 
HIS O    O N N 126 
HIS CB   C N N 127 
HIS CG   C Y N 128 
HIS ND1  N Y N 129 
HIS CD2  C Y N 130 
HIS CE1  C Y N 131 
HIS NE2  N Y N 132 
HIS OXT  O N N 133 
HIS H    H N N 134 
HIS H2   H N N 135 
HIS HA   H N N 136 
HIS HB2  H N N 137 
HIS HB3  H N N 138 
HIS HD1  H N N 139 
HIS HD2  H N N 140 
HIS HE1  H N N 141 
HIS HE2  H N N 142 
HIS HXT  H N N 143 
HOH O    O N N 144 
HOH H1   H N N 145 
HOH H2   H N N 146 
ILE N    N N N 147 
ILE CA   C N S 148 
ILE C    C N N 149 
ILE O    O N N 150 
ILE CB   C N S 151 
ILE CG1  C N N 152 
ILE CG2  C N N 153 
ILE CD1  C N N 154 
ILE OXT  O N N 155 
ILE H    H N N 156 
ILE H2   H N N 157 
ILE HA   H N N 158 
ILE HB   H N N 159 
ILE HG12 H N N 160 
ILE HG13 H N N 161 
ILE HG21 H N N 162 
ILE HG22 H N N 163 
ILE HG23 H N N 164 
ILE HD11 H N N 165 
ILE HD12 H N N 166 
ILE HD13 H N N 167 
ILE HXT  H N N 168 
LEU N    N N N 169 
LEU CA   C N S 170 
LEU C    C N N 171 
LEU O    O N N 172 
LEU CB   C N N 173 
LEU CG   C N N 174 
LEU CD1  C N N 175 
LEU CD2  C N N 176 
LEU OXT  O N N 177 
LEU H    H N N 178 
LEU H2   H N N 179 
LEU HA   H N N 180 
LEU HB2  H N N 181 
LEU HB3  H N N 182 
LEU HG   H N N 183 
LEU HD11 H N N 184 
LEU HD12 H N N 185 
LEU HD13 H N N 186 
LEU HD21 H N N 187 
LEU HD22 H N N 188 
LEU HD23 H N N 189 
LEU HXT  H N N 190 
LYS N    N N N 191 
LYS CA   C N S 192 
LYS C    C N N 193 
LYS O    O N N 194 
LYS CB   C N N 195 
LYS CG   C N N 196 
LYS CD   C N N 197 
LYS CE   C N N 198 
LYS NZ   N N N 199 
LYS OXT  O N N 200 
LYS H    H N N 201 
LYS H2   H N N 202 
LYS HA   H N N 203 
LYS HB2  H N N 204 
LYS HB3  H N N 205 
LYS HG2  H N N 206 
LYS HG3  H N N 207 
LYS HD2  H N N 208 
LYS HD3  H N N 209 
LYS HE2  H N N 210 
LYS HE3  H N N 211 
LYS HZ1  H N N 212 
LYS HZ2  H N N 213 
LYS HZ3  H N N 214 
LYS HXT  H N N 215 
MET N    N N N 216 
MET CA   C N S 217 
MET C    C N N 218 
MET O    O N N 219 
MET CB   C N N 220 
MET CG   C N N 221 
MET SD   S N N 222 
MET CE   C N N 223 
MET OXT  O N N 224 
MET H    H N N 225 
MET H2   H N N 226 
MET HA   H N N 227 
MET HB2  H N N 228 
MET HB3  H N N 229 
MET HG2  H N N 230 
MET HG3  H N N 231 
MET HE1  H N N 232 
MET HE2  H N N 233 
MET HE3  H N N 234 
MET HXT  H N N 235 
PHE N    N N N 236 
PHE CA   C N S 237 
PHE C    C N N 238 
PHE O    O N N 239 
PHE CB   C N N 240 
PHE CG   C Y N 241 
PHE CD1  C Y N 242 
PHE CD2  C Y N 243 
PHE CE1  C Y N 244 
PHE CE2  C Y N 245 
PHE CZ   C Y N 246 
PHE OXT  O N N 247 
PHE H    H N N 248 
PHE H2   H N N 249 
PHE HA   H N N 250 
PHE HB2  H N N 251 
PHE HB3  H N N 252 
PHE HD1  H N N 253 
PHE HD2  H N N 254 
PHE HE1  H N N 255 
PHE HE2  H N N 256 
PHE HZ   H N N 257 
PHE HXT  H N N 258 
SER N    N N N 259 
SER CA   C N S 260 
SER C    C N N 261 
SER O    O N N 262 
SER CB   C N N 263 
SER OG   O N N 264 
SER OXT  O N N 265 
SER H    H N N 266 
SER H2   H N N 267 
SER HA   H N N 268 
SER HB2  H N N 269 
SER HB3  H N N 270 
SER HG   H N N 271 
SER HXT  H N N 272 
THR N    N N N 273 
THR CA   C N S 274 
THR C    C N N 275 
THR O    O N N 276 
THR CB   C N R 277 
THR OG1  O N N 278 
THR CG2  C N N 279 
THR OXT  O N N 280 
THR H    H N N 281 
THR H2   H N N 282 
THR HA   H N N 283 
THR HB   H N N 284 
THR HG1  H N N 285 
THR HG21 H N N 286 
THR HG22 H N N 287 
THR HG23 H N N 288 
THR HXT  H N N 289 
TYR N    N N N 290 
TYR CA   C N S 291 
TYR C    C N N 292 
TYR O    O N N 293 
TYR CB   C N N 294 
TYR CG   C Y N 295 
TYR CD1  C Y N 296 
TYR CD2  C Y N 297 
TYR CE1  C Y N 298 
TYR CE2  C Y N 299 
TYR CZ   C Y N 300 
TYR OH   O N N 301 
TYR OXT  O N N 302 
TYR H    H N N 303 
TYR H2   H N N 304 
TYR HA   H N N 305 
TYR HB2  H N N 306 
TYR HB3  H N N 307 
TYR HD1  H N N 308 
TYR HD2  H N N 309 
TYR HE1  H N N 310 
TYR HE2  H N N 311 
TYR HH   H N N 312 
TYR HXT  H N N 313 
VAL N    N N N 314 
VAL CA   C N S 315 
VAL C    C N N 316 
VAL O    O N N 317 
VAL CB   C N N 318 
VAL CG1  C N N 319 
VAL CG2  C N N 320 
VAL OXT  O N N 321 
VAL H    H N N 322 
VAL H2   H N N 323 
VAL HA   H N N 324 
VAL HB   H N N 325 
VAL HG11 H N N 326 
VAL HG12 H N N 327 
VAL HG13 H N N 328 
VAL HG21 H N N 329 
VAL HG22 H N N 330 
VAL HG23 H N N 331 
VAL HXT  H N N 332 
# 
loop_
_chem_comp_bond.comp_id 
_chem_comp_bond.atom_id_1 
_chem_comp_bond.atom_id_2 
_chem_comp_bond.value_order 
_chem_comp_bond.pdbx_aromatic_flag 
_chem_comp_bond.pdbx_stereo_config 
_chem_comp_bond.pdbx_ordinal 
ALA N   CA   sing N N 1   
ALA N   H    sing N N 2   
ALA N   H2   sing N N 3   
ALA CA  C    sing N N 4   
ALA CA  CB   sing N N 5   
ALA CA  HA   sing N N 6   
ALA C   O    doub N N 7   
ALA C   OXT  sing N N 8   
ALA CB  HB1  sing N N 9   
ALA CB  HB2  sing N N 10  
ALA CB  HB3  sing N N 11  
ALA OXT HXT  sing N N 12  
ARG N   CA   sing N N 13  
ARG N   H    sing N N 14  
ARG N   H2   sing N N 15  
ARG CA  C    sing N N 16  
ARG CA  CB   sing N N 17  
ARG CA  HA   sing N N 18  
ARG C   O    doub N N 19  
ARG C   OXT  sing N N 20  
ARG CB  CG   sing N N 21  
ARG CB  HB2  sing N N 22  
ARG CB  HB3  sing N N 23  
ARG CG  CD   sing N N 24  
ARG CG  HG2  sing N N 25  
ARG CG  HG3  sing N N 26  
ARG CD  NE   sing N N 27  
ARG CD  HD2  sing N N 28  
ARG CD  HD3  sing N N 29  
ARG NE  CZ   sing N N 30  
ARG NE  HE   sing N N 31  
ARG CZ  NH1  sing N N 32  
ARG CZ  NH2  doub N N 33  
ARG NH1 HH11 sing N N 34  
ARG NH1 HH12 sing N N 35  
ARG NH2 HH21 sing N N 36  
ARG NH2 HH22 sing N N 37  
ARG OXT HXT  sing N N 38  
ASN N   CA   sing N N 39  
ASN N   H    sing N N 40  
ASN N   H2   sing N N 41  
ASN CA  C    sing N N 42  
ASN CA  CB   sing N N 43  
ASN CA  HA   sing N N 44  
ASN C   O    doub N N 45  
ASN C   OXT  sing N N 46  
ASN CB  CG   sing N N 47  
ASN CB  HB2  sing N N 48  
ASN CB  HB3  sing N N 49  
ASN CG  OD1  doub N N 50  
ASN CG  ND2  sing N N 51  
ASN ND2 HD21 sing N N 52  
ASN ND2 HD22 sing N N 53  
ASN OXT HXT  sing N N 54  
ASP N   CA   sing N N 55  
ASP N   H    sing N N 56  
ASP N   H2   sing N N 57  
ASP CA  C    sing N N 58  
ASP CA  CB   sing N N 59  
ASP CA  HA   sing N N 60  
ASP C   O    doub N N 61  
ASP C   OXT  sing N N 62  
ASP CB  CG   sing N N 63  
ASP CB  HB2  sing N N 64  
ASP CB  HB3  sing N N 65  
ASP CG  OD1  doub N N 66  
ASP CG  OD2  sing N N 67  
ASP OD2 HD2  sing N N 68  
ASP OXT HXT  sing N N 69  
GLN N   CA   sing N N 70  
GLN N   H    sing N N 71  
GLN N   H2   sing N N 72  
GLN CA  C    sing N N 73  
GLN CA  CB   sing N N 74  
GLN CA  HA   sing N N 75  
GLN C   O    doub N N 76  
GLN C   OXT  sing N N 77  
GLN CB  CG   sing N N 78  
GLN CB  HB2  sing N N 79  
GLN CB  HB3  sing N N 80  
GLN CG  CD   sing N N 81  
GLN CG  HG2  sing N N 82  
GLN CG  HG3  sing N N 83  
GLN CD  OE1  doub N N 84  
GLN CD  NE2  sing N N 85  
GLN NE2 HE21 sing N N 86  
GLN NE2 HE22 sing N N 87  
GLN OXT HXT  sing N N 88  
GLU N   CA   sing N N 89  
GLU N   H    sing N N 90  
GLU N   H2   sing N N 91  
GLU CA  C    sing N N 92  
GLU CA  CB   sing N N 93  
GLU CA  HA   sing N N 94  
GLU C   O    doub N N 95  
GLU C   OXT  sing N N 96  
GLU CB  CG   sing N N 97  
GLU CB  HB2  sing N N 98  
GLU CB  HB3  sing N N 99  
GLU CG  CD   sing N N 100 
GLU CG  HG2  sing N N 101 
GLU CG  HG3  sing N N 102 
GLU CD  OE1  doub N N 103 
GLU CD  OE2  sing N N 104 
GLU OE2 HE2  sing N N 105 
GLU OXT HXT  sing N N 106 
GLY N   CA   sing N N 107 
GLY N   H    sing N N 108 
GLY N   H2   sing N N 109 
GLY CA  C    sing N N 110 
GLY CA  HA2  sing N N 111 
GLY CA  HA3  sing N N 112 
GLY C   O    doub N N 113 
GLY C   OXT  sing N N 114 
GLY OXT HXT  sing N N 115 
HIS N   CA   sing N N 116 
HIS N   H    sing N N 117 
HIS N   H2   sing N N 118 
HIS CA  C    sing N N 119 
HIS CA  CB   sing N N 120 
HIS CA  HA   sing N N 121 
HIS C   O    doub N N 122 
HIS C   OXT  sing N N 123 
HIS CB  CG   sing N N 124 
HIS CB  HB2  sing N N 125 
HIS CB  HB3  sing N N 126 
HIS CG  ND1  sing Y N 127 
HIS CG  CD2  doub Y N 128 
HIS ND1 CE1  doub Y N 129 
HIS ND1 HD1  sing N N 130 
HIS CD2 NE2  sing Y N 131 
HIS CD2 HD2  sing N N 132 
HIS CE1 NE2  sing Y N 133 
HIS CE1 HE1  sing N N 134 
HIS NE2 HE2  sing N N 135 
HIS OXT HXT  sing N N 136 
HOH O   H1   sing N N 137 
HOH O   H2   sing N N 138 
ILE N   CA   sing N N 139 
ILE N   H    sing N N 140 
ILE N   H2   sing N N 141 
ILE CA  C    sing N N 142 
ILE CA  CB   sing N N 143 
ILE CA  HA   sing N N 144 
ILE C   O    doub N N 145 
ILE C   OXT  sing N N 146 
ILE CB  CG1  sing N N 147 
ILE CB  CG2  sing N N 148 
ILE CB  HB   sing N N 149 
ILE CG1 CD1  sing N N 150 
ILE CG1 HG12 sing N N 151 
ILE CG1 HG13 sing N N 152 
ILE CG2 HG21 sing N N 153 
ILE CG2 HG22 sing N N 154 
ILE CG2 HG23 sing N N 155 
ILE CD1 HD11 sing N N 156 
ILE CD1 HD12 sing N N 157 
ILE CD1 HD13 sing N N 158 
ILE OXT HXT  sing N N 159 
LEU N   CA   sing N N 160 
LEU N   H    sing N N 161 
LEU N   H2   sing N N 162 
LEU CA  C    sing N N 163 
LEU CA  CB   sing N N 164 
LEU CA  HA   sing N N 165 
LEU C   O    doub N N 166 
LEU C   OXT  sing N N 167 
LEU CB  CG   sing N N 168 
LEU CB  HB2  sing N N 169 
LEU CB  HB3  sing N N 170 
LEU CG  CD1  sing N N 171 
LEU CG  CD2  sing N N 172 
LEU CG  HG   sing N N 173 
LEU CD1 HD11 sing N N 174 
LEU CD1 HD12 sing N N 175 
LEU CD1 HD13 sing N N 176 
LEU CD2 HD21 sing N N 177 
LEU CD2 HD22 sing N N 178 
LEU CD2 HD23 sing N N 179 
LEU OXT HXT  sing N N 180 
LYS N   CA   sing N N 181 
LYS N   H    sing N N 182 
LYS N   H2   sing N N 183 
LYS CA  C    sing N N 184 
LYS CA  CB   sing N N 185 
LYS CA  HA   sing N N 186 
LYS C   O    doub N N 187 
LYS C   OXT  sing N N 188 
LYS CB  CG   sing N N 189 
LYS CB  HB2  sing N N 190 
LYS CB  HB3  sing N N 191 
LYS CG  CD   sing N N 192 
LYS CG  HG2  sing N N 193 
LYS CG  HG3  sing N N 194 
LYS CD  CE   sing N N 195 
LYS CD  HD2  sing N N 196 
LYS CD  HD3  sing N N 197 
LYS CE  NZ   sing N N 198 
LYS CE  HE2  sing N N 199 
LYS CE  HE3  sing N N 200 
LYS NZ  HZ1  sing N N 201 
LYS NZ  HZ2  sing N N 202 
LYS NZ  HZ3  sing N N 203 
LYS OXT HXT  sing N N 204 
MET N   CA   sing N N 205 
MET N   H    sing N N 206 
MET N   H2   sing N N 207 
MET CA  C    sing N N 208 
MET CA  CB   sing N N 209 
MET CA  HA   sing N N 210 
MET C   O    doub N N 211 
MET C   OXT  sing N N 212 
MET CB  CG   sing N N 213 
MET CB  HB2  sing N N 214 
MET CB  HB3  sing N N 215 
MET CG  SD   sing N N 216 
MET CG  HG2  sing N N 217 
MET CG  HG3  sing N N 218 
MET SD  CE   sing N N 219 
MET CE  HE1  sing N N 220 
MET CE  HE2  sing N N 221 
MET CE  HE3  sing N N 222 
MET OXT HXT  sing N N 223 
PHE N   CA   sing N N 224 
PHE N   H    sing N N 225 
PHE N   H2   sing N N 226 
PHE CA  C    sing N N 227 
PHE CA  CB   sing N N 228 
PHE CA  HA   sing N N 229 
PHE C   O    doub N N 230 
PHE C   OXT  sing N N 231 
PHE CB  CG   sing N N 232 
PHE CB  HB2  sing N N 233 
PHE CB  HB3  sing N N 234 
PHE CG  CD1  doub Y N 235 
PHE CG  CD2  sing Y N 236 
PHE CD1 CE1  sing Y N 237 
PHE CD1 HD1  sing N N 238 
PHE CD2 CE2  doub Y N 239 
PHE CD2 HD2  sing N N 240 
PHE CE1 CZ   doub Y N 241 
PHE CE1 HE1  sing N N 242 
PHE CE2 CZ   sing Y N 243 
PHE CE2 HE2  sing N N 244 
PHE CZ  HZ   sing N N 245 
PHE OXT HXT  sing N N 246 
SER N   CA   sing N N 247 
SER N   H    sing N N 248 
SER N   H2   sing N N 249 
SER CA  C    sing N N 250 
SER CA  CB   sing N N 251 
SER CA  HA   sing N N 252 
SER C   O    doub N N 253 
SER C   OXT  sing N N 254 
SER CB  OG   sing N N 255 
SER CB  HB2  sing N N 256 
SER CB  HB3  sing N N 257 
SER OG  HG   sing N N 258 
SER OXT HXT  sing N N 259 
THR N   CA   sing N N 260 
THR N   H    sing N N 261 
THR N   H2   sing N N 262 
THR CA  C    sing N N 263 
THR CA  CB   sing N N 264 
THR CA  HA   sing N N 265 
THR C   O    doub N N 266 
THR C   OXT  sing N N 267 
THR CB  OG1  sing N N 268 
THR CB  CG2  sing N N 269 
THR CB  HB   sing N N 270 
THR OG1 HG1  sing N N 271 
THR CG2 HG21 sing N N 272 
THR CG2 HG22 sing N N 273 
THR CG2 HG23 sing N N 274 
THR OXT HXT  sing N N 275 
TYR N   CA   sing N N 276 
TYR N   H    sing N N 277 
TYR N   H2   sing N N 278 
TYR CA  C    sing N N 279 
TYR CA  CB   sing N N 280 
TYR CA  HA   sing N N 281 
TYR C   O    doub N N 282 
TYR C   OXT  sing N N 283 
TYR CB  CG   sing N N 284 
TYR CB  HB2  sing N N 285 
TYR CB  HB3  sing N N 286 
TYR CG  CD1  doub Y N 287 
TYR CG  CD2  sing Y N 288 
TYR CD1 CE1  sing Y N 289 
TYR CD1 HD1  sing N N 290 
TYR CD2 CE2  doub Y N 291 
TYR CD2 HD2  sing N N 292 
TYR CE1 CZ   doub Y N 293 
TYR CE1 HE1  sing N N 294 
TYR CE2 CZ   sing Y N 295 
TYR CE2 HE2  sing N N 296 
TYR CZ  OH   sing N N 297 
TYR OH  HH   sing N N 298 
TYR OXT HXT  sing N N 299 
VAL N   CA   sing N N 300 
VAL N   H    sing N N 301 
VAL N   H2   sing N N 302 
VAL CA  C    sing N N 303 
VAL CA  CB   sing N N 304 
VAL CA  HA   sing N N 305 
VAL C   O    doub N N 306 
VAL C   OXT  sing N N 307 
VAL CB  CG1  sing N N 308 
VAL CB  CG2  sing N N 309 
VAL CB  HB   sing N N 310 
VAL CG1 HG11 sing N N 311 
VAL CG1 HG12 sing N N 312 
VAL CG1 HG13 sing N N 313 
VAL CG2 HG21 sing N N 314 
VAL CG2 HG22 sing N N 315 
VAL CG2 HG23 sing N N 316 
VAL OXT HXT  sing N N 317 
# 
_atom_sites.entry_id                    2GOM 
_atom_sites.fract_transf_matrix[1][1]   0.00115141 
_atom_sites.fract_transf_matrix[1][2]   -0.00917350 
_atom_sites.fract_transf_matrix[1][3]   -0.01400200 
_atom_sites.fract_transf_matrix[2][1]   0.00492875 
_atom_sites.fract_transf_matrix[2][2]   0.01359870 
_atom_sites.fract_transf_matrix[2][3]   -0.00850397 
_atom_sites.fract_transf_matrix[3][1]   0.02089224 
_atom_sites.fract_transf_matrix[3][2]   -0.00460939 
_atom_sites.fract_transf_matrix[3][3]   0.00473788 
_atom_sites.fract_transf_vector[1]      0.101492 
_atom_sites.fract_transf_vector[2]      0.666368 
_atom_sites.fract_transf_vector[3]      0.552530 
# 
loop_
_atom_type.symbol 
C 
N 
O 
S 
# 
loop_
_atom_site.group_PDB 
_atom_site.id 
_atom_site.type_symbol 
_atom_site.label_atom_id 
_atom_site.label_alt_id 
_atom_site.label_comp_id 
_atom_site.label_asym_id 
_atom_site.label_entity_id 
_atom_site.label_seq_id 
_atom_site.pdbx_PDB_ins_code 
_atom_site.Cartn_x 
_atom_site.Cartn_y 
_atom_site.Cartn_z 
_atom_site.occupancy 
_atom_site.B_iso_or_equiv 
_atom_site.pdbx_formal_charge 
_atom_site.auth_seq_id 
_atom_site.auth_comp_id 
_atom_site.auth_asym_id 
_atom_site.auth_atom_id 
_atom_site.pdbx_PDB_model_num 
ATOM   1    N N   . ILE A 1 1  ? 17.567  13.394  -20.234 1.00 24.01  ? 105 ILE A N   1 
ATOM   2    C CA  . ILE A 1 1  ? 17.644  14.348  -19.095 1.00 23.29  ? 105 ILE A CA  1 
ATOM   3    C C   . ILE A 1 1  ? 17.103  13.726  -17.804 1.00 22.72  ? 105 ILE A C   1 
ATOM   4    O O   . ILE A 1 1  ? 16.816  12.522  -17.753 1.00 22.92  ? 105 ILE A O   1 
ATOM   5    C CB  . ILE A 1 1  ? 16.893  15.636  -19.435 1.00 23.20  ? 105 ILE A CB  1 
ATOM   6    N N   . LYS A 1 2  ? 16.977  14.549  -16.769 1.00 21.85  ? 106 LYS A N   1 
ATOM   7    C CA  . LYS A 1 2  ? 16.414  14.140  -15.487 1.00 20.93  ? 106 LYS A CA  1 
ATOM   8    C C   . LYS A 1 2  ? 15.029  13.517  -15.679 1.00 18.94  ? 106 LYS A C   1 
ATOM   9    O O   . LYS A 1 2  ? 14.713  12.479  -15.090 1.00 18.18  ? 106 LYS A O   1 
ATOM   10   C CB  . LYS A 1 2  ? 16.341  15.347  -14.541 1.00 21.13  ? 106 LYS A CB  1 
ATOM   11   C CG  . LYS A 1 2  ? 15.692  15.076  -13.192 1.00 22.89  ? 106 LYS A CG  1 
ATOM   12   C CD  . LYS A 1 2  ? 15.323  16.374  -12.465 1.00 23.29  ? 106 LYS A CD  1 
ATOM   13   C CE  . LYS A 1 2  ? 13.948  16.915  -12.884 1.00 26.39  ? 106 LYS A CE  1 
ATOM   14   N NZ  . LYS A 1 2  ? 13.949  17.632  -14.196 1.00 27.30  ? 106 LYS A NZ  1 
ATOM   15   N N   . LYS A 1 3  ? 14.215  14.155  -16.518 1.00 17.30  ? 107 LYS A N   1 
ATOM   16   C CA  . LYS A 1 3  ? 12.859  13.680  -16.798 1.00 17.22  ? 107 LYS A CA  1 
ATOM   17   C C   . LYS A 1 3  ? 12.883  12.319  -17.490 1.00 16.31  ? 107 LYS A C   1 
ATOM   18   O O   . LYS A 1 3  ? 12.046  11.461  -17.209 1.00 15.54  ? 107 LYS A O   1 
ATOM   19   C CB  . LYS A 1 3  ? 12.105  14.697  -17.654 1.00 17.32  ? 107 LYS A CB  1 
ATOM   20   C CG  . LYS A 1 3  ? 12.744  14.944  -19.013 1.00 20.75  ? 107 LYS A CG  1 
ATOM   21   C CD  . LYS A 1 3  ? 12.052  16.055  -19.779 1.00 24.26  ? 107 LYS A CD  1 
ATOM   22   C CE  . LYS A 1 3  ? 12.636  16.185  -21.182 1.00 26.23  ? 107 LYS A CE  1 
ATOM   23   N NZ  . LYS A 1 3  ? 12.449  14.943  -21.980 1.00 28.37  ? 107 LYS A NZ  1 
ATOM   24   N N   . GLU A 1 4  ? 13.843  12.130  -18.392 1.00 16.36  ? 108 GLU A N   1 
ATOM   25   C CA  . GLU A 1 4  ? 13.978  10.863  -19.115 1.00 16.91  ? 108 GLU A CA  1 
ATOM   26   C C   . GLU A 1 4  ? 14.373  9.744   -18.162 1.00 15.57  ? 108 GLU A C   1 
ATOM   27   O O   . GLU A 1 4  ? 13.864  8.620   -18.274 1.00 15.11  ? 108 GLU A O   1 
ATOM   28   C CB  . GLU A 1 4  ? 14.976  10.998  -20.265 1.00 17.24  ? 108 GLU A CB  1 
ATOM   29   C CG  . GLU A 1 4  ? 14.504  11.953  -21.362 1.00 20.12  ? 108 GLU A CG  1 
ATOM   30   C CD  . GLU A 1 4  ? 15.503  12.129  -22.496 1.00 20.32  ? 108 GLU A CD  1 
ATOM   31   O OE1 . GLU A 1 4  ? 16.100  11.124  -22.935 1.00 25.17  ? 108 GLU A OE1 1 
ATOM   32   O OE2 . GLU A 1 4  ? 15.675  13.278  -22.954 1.00 25.72  ? 108 GLU A OE2 1 
ATOM   33   N N   . GLN A 1 5  ? 15.262  10.046  -17.219 1.00 15.04  ? 109 GLN A N   1 
ATOM   34   C CA  . GLN A 1 5  ? 15.650  9.078   -16.202 1.00 14.73  ? 109 GLN A CA  1 
ATOM   35   C C   . GLN A 1 5  ? 14.476  8.720   -15.290 1.00 13.69  ? 109 GLN A C   1 
ATOM   36   O O   . GLN A 1 5  ? 14.296  7.562   -14.924 1.00 13.68  ? 109 GLN A O   1 
ATOM   37   C CB  . GLN A 1 5  ? 16.825  9.593   -15.375 1.00 15.37  ? 109 GLN A CB  1 
ATOM   38   C CG  . GLN A 1 5  ? 18.132  9.686   -16.148 1.00 18.25  ? 109 GLN A CG  1 
ATOM   39   C CD  . GLN A 1 5  ? 19.244  10.284  -15.317 1.00 21.59  ? 109 GLN A CD  1 
ATOM   40   O OE1 . GLN A 1 5  ? 19.145  11.421  -14.852 1.00 23.36  ? 109 GLN A OE1 1 
ATOM   41   N NE2 . GLN A 1 5  ? 20.309  9.521   -15.120 1.00 24.14  ? 109 GLN A NE2 1 
ATOM   42   N N   . LYS A 1 6  ? 13.673  9.718   -14.932 1.00 12.72  ? 110 LYS A N   1 
ATOM   43   C CA  . LYS A 1 6  ? 12.520  9.479   -14.074 1.00 12.38  ? 110 LYS A CA  1 
ATOM   44   C C   . LYS A 1 6  ? 11.500  8.562   -14.758 1.00 11.68  ? 110 LYS A C   1 
ATOM   45   O O   . LYS A 1 6  ? 10.930  7.674   -14.118 1.00 11.37  ? 110 LYS A O   1 
ATOM   46   C CB  . LYS A 1 6  ? 11.889  10.787  -13.603 1.00 13.26  ? 110 LYS A CB  1 
ATOM   47   C CG  . LYS A 1 6  ? 12.722  11.499  -12.535 1.00 16.00  ? 110 LYS A CG  1 
ATOM   48   C CD  . LYS A 1 6  ? 12.122  12.835  -12.157 1.00 21.32  ? 110 LYS A CD  1 
ATOM   49   C CE  . LYS A 1 6  ? 12.930  13.520  -11.069 1.00 23.60  ? 110 LYS A CE  1 
ATOM   50   N NZ  . LYS A 1 6  ? 12.325  14.837  -10.713 1.00 26.25  ? 110 LYS A NZ  1 
ATOM   51   N N   . LEU A 1 7  ? 11.297  8.753   -16.058 1.00 11.39  ? 111 LEU A N   1 
ATOM   52   C CA  . LEU A 1 7  ? 10.390  7.889   -16.800 1.00 11.49  ? 111 LEU A CA  1 
ATOM   53   C C   . LEU A 1 7  ? 10.870  6.437   -16.795 1.00 11.40  ? 111 LEU A C   1 
ATOM   54   O O   . LEU A 1 7  ? 10.096  5.518   -16.507 1.00 11.30  ? 111 LEU A O   1 
ATOM   55   C CB  . LEU A 1 7  ? 10.202  8.398   -18.234 1.00 11.94  ? 111 LEU A CB  1 
ATOM   56   C CG  . LEU A 1 7  ? 9.352   7.492   -19.131 1.00 11.86  ? 111 LEU A CG  1 
ATOM   57   C CD1 . LEU A 1 7  ? 7.936   7.295   -18.602 1.00 12.69  ? 111 LEU A CD1 1 
ATOM   58   C CD2 . LEU A 1 7  ? 9.335   8.028   -20.548 1.00 13.02  ? 111 LEU A CD2 1 
ATOM   59   N N   . ILE A 1 8  ? 12.145  6.224   -17.116 1.00 11.62  ? 112 ILE A N   1 
ATOM   60   C CA  . ILE A 1 8  ? 12.674  4.860   -17.175 1.00 13.54  ? 112 ILE A CA  1 
ATOM   61   C C   . ILE A 1 8  ? 12.618  4.212   -15.793 1.00 11.89  ? 112 ILE A C   1 
ATOM   62   O O   . ILE A 1 8  ? 12.309  3.033   -15.679 1.00 11.47  ? 112 ILE A O   1 
ATOM   63   C CB  . ILE A 1 8  ? 14.102  4.775   -17.800 1.00 14.18  ? 112 ILE A CB  1 
ATOM   64   C CG1 . ILE A 1 8  ? 15.150  5.502   -16.947 1.00 17.74  ? 112 ILE A CG1 1 
ATOM   65   C CG2 . ILE A 1 8  ? 14.087  5.272   -19.226 1.00 17.65  ? 112 ILE A CG2 1 
ATOM   66   C CD1 . ILE A 1 8  ? 16.596  5.244   -17.331 1.00 18.15  ? 112 ILE A CD1 1 
ATOM   67   N N   . GLN A 1 9  ? 12.911  4.979   -14.745 1.00 12.11  ? 113 GLN A N   1 
ATOM   68   C CA  . GLN A 1 9  ? 12.841  4.448   -13.389 1.00 12.57  ? 113 GLN A CA  1 
ATOM   69   C C   . GLN A 1 9  ? 11.422  3.990   -13.061 1.00 11.82  ? 113 GLN A C   1 
ATOM   70   O O   . GLN A 1 9  ? 11.228  2.913   -12.498 1.00 11.30  ? 113 GLN A O   1 
ATOM   71   C CB  . GLN A 1 9  ? 13.331  5.483   -12.378 1.00 13.89  ? 113 GLN A CB  1 
ATOM   72   C CG  . GLN A 1 9  ? 14.826  5.726   -12.428 1.00 18.68  ? 113 GLN A CG  1 
ATOM   73   C CD  . GLN A 1 9  ? 15.279  6.780   -11.446 1.00 23.07  ? 113 GLN A CD  1 
ATOM   74   O OE1 . GLN A 1 9  ? 14.768  6.863   -10.327 1.00 26.84  ? 113 GLN A OE1 1 
ATOM   75   N NE2 . GLN A 1 9  ? 16.255  7.586   -11.850 1.00 25.89  ? 113 GLN A NE2 1 
ATOM   76   N N   . ALA A 1 10 ? 10.432  4.801   -13.431 1.00 11.24  ? 114 ALA A N   1 
ATOM   77   C CA  . ALA A 1 10 ? 9.045   4.415   -13.215 1.00 11.06  ? 114 ALA A CA  1 
ATOM   78   C C   . ALA A 1 10 ? 8.691   3.138   -13.976 1.00 10.92  ? 114 ALA A C   1 
ATOM   79   O O   . ALA A 1 10 ? 8.045   2.239   -13.432 1.00 11.26  ? 114 ALA A O   1 
ATOM   80   C CB  . ALA A 1 10 ? 8.085   5.551   -13.578 1.00 11.77  ? 114 ALA A CB  1 
ATOM   81   N N   . GLN A 1 11 ? 9.115   3.058   -15.242 1.00 10.52  ? 115 GLN A N   1 
ATOM   82   C CA  . GLN A 1 11 ? 8.884   1.850   -16.033 1.00 10.98  ? 115 GLN A CA  1 
ATOM   83   C C   . GLN A 1 11 ? 9.502   0.616   -15.378 1.00 10.72  ? 115 GLN A C   1 
ATOM   84   O O   . GLN A 1 11 ? 8.853   -0.429  -15.273 1.00 11.24  ? 115 GLN A O   1 
ATOM   85   C CB  . GLN A 1 11 ? 9.408   2.044   -17.455 1.00 11.22  ? 115 GLN A CB  1 
ATOM   86   C CG  . GLN A 1 11 ? 8.634   3.110   -18.219 1.00 11.66  ? 115 GLN A CG  1 
ATOM   87   C CD  . GLN A 1 11 ? 9.292   3.513   -19.525 1.00 12.13  ? 115 GLN A CD  1 
ATOM   88   O OE1 . GLN A 1 11 ? 10.514  3.614   -19.614 1.00 12.89  ? 115 GLN A OE1 1 
ATOM   89   N NE2 . GLN A 1 11 ? 8.474   3.797   -20.534 1.00 13.08  ? 115 GLN A NE2 1 
ATOM   90   N N   . ASN A 1 12 ? 10.754  0.741   -14.934 1.00 11.03  ? 116 ASN A N   1 
ATOM   91   C CA  . ASN A 1 12 ? 11.429  -0.379  -14.285 1.00 11.35  ? 116 ASN A CA  1 
ATOM   92   C C   . ASN A 1 12 ? 10.717  -0.801  -13.003 1.00 10.81  ? 116 ASN A C   1 
ATOM   93   O O   . ASN A 1 12 ? 10.542  -1.998  -12.735 1.00 11.39  ? 116 ASN A O   1 
ATOM   94   C CB  . ASN A 1 12 ? 12.874  -0.026  -13.929 1.00 11.72  ? 116 ASN A CB  1 
ATOM   95   C CG  . ASN A 1 12 ? 13.784  0.133   -15.142 1.00 12.63  ? 116 ASN A CG  1 
ATOM   96   O OD1 . ASN A 1 12 ? 14.819  0.795   -15.047 1.00 14.79  ? 116 ASN A OD1 1 
ATOM   97   N ND2 . ASN A 1 12 ? 13.423  -0.468  -16.265 1.00 11.94  ? 116 ASN A ND2 1 
ATOM   98   N N   . LEU A 1 13 ? 10.305  0.186   -12.209 1.00 11.21  ? 117 LEU A N   1 
ATOM   99   C CA  . LEU A 1 13 ? 9.710   -0.103  -10.915 1.00 11.07  ? 117 LEU A CA  1 
ATOM   100  C C   . LEU A 1 13 ? 8.310   -0.691  -11.033 1.00 10.93  ? 117 LEU A C   1 
ATOM   101  O O   . LEU A 1 13 ? 7.923   -1.540  -10.231 1.00 11.22  ? 117 LEU A O   1 
ATOM   102  C CB  . LEU A 1 13 ? 9.758   1.125   -10.003 1.00 11.26  ? 117 LEU A CB  1 
ATOM   103  C CG  . LEU A 1 13 ? 11.185  1.457   -9.527  1.00 12.29  ? 117 LEU A CG  1 
ATOM   104  C CD1 . LEU A 1 13 ? 11.244  2.858   -8.945  1.00 13.88  ? 117 LEU A CD1 1 
ATOM   105  C CD2 . LEU A 1 13 ? 11.715  0.428   -8.516  1.00 14.45  ? 117 LEU A CD2 1 
ATOM   106  N N   . VAL A 1 14 ? 7.554   -0.255  -12.035 1.00 10.74  ? 118 VAL A N   1 
ATOM   107  C CA  . VAL A 1 14 ? 6.261   -0.868  -12.296 1.00 11.34  ? 118 VAL A CA  1 
ATOM   108  C C   . VAL A 1 14 ? 6.430   -2.338  -12.706 1.00 11.82  ? 118 VAL A C   1 
ATOM   109  O O   . VAL A 1 14 ? 5.688   -3.204  -12.241 1.00 12.50  ? 118 VAL A O   1 
ATOM   110  C CB  . VAL A 1 14 ? 5.436   -0.056  -13.314 1.00 11.14  ? 118 VAL A CB  1 
ATOM   111  C CG1 . VAL A 1 14 ? 4.217   -0.838  -13.758 1.00 12.69  ? 118 VAL A CG1 1 
ATOM   112  C CG2 . VAL A 1 14 ? 5.023   1.274   -12.700 1.00 11.67  ? 118 VAL A CG2 1 
ATOM   113  N N   . ARG A 1 15 ? 7.396   -2.611  -13.580 1.00 12.20  ? 119 ARG A N   1 
ATOM   114  C CA  . ARG A 1 15 ? 7.691   -3.987  -13.976 1.00 13.21  ? 119 ARG A CA  1 
ATOM   115  C C   . ARG A 1 15 ? 8.039   -4.842  -12.752 1.00 13.20  ? 119 ARG A C   1 
ATOM   116  O O   . ARG A 1 15 ? 7.538   -5.964  -12.609 1.00 13.84  ? 119 ARG A O   1 
ATOM   117  C CB  . ARG A 1 15 ? 8.824   -4.000  -14.998 1.00 13.25  ? 119 ARG A CB  1 
ATOM   118  C CG  . ARG A 1 15 ? 9.206   -5.392  -15.500 1.00 15.70  ? 119 ARG A CG  1 
ATOM   119  C CD  . ARG A 1 15 ? 10.486  -5.348  -16.342 1.00 16.75  ? 119 ARG A CD  1 
ATOM   120  N NE  . ARG A 1 15 ? 11.666  -4.994  -15.545 1.00 20.88  ? 119 ARG A NE  1 
ATOM   121  C CZ  . ARG A 1 15 ? 12.393  -3.890  -15.714 1.00 21.62  ? 119 ARG A CZ  1 
ATOM   122  N NH1 . ARG A 1 15 ? 12.084  -3.021  -16.667 1.00 21.92  ? 119 ARG A NH1 1 
ATOM   123  N NH2 . ARG A 1 15 ? 13.439  -3.656  -14.935 1.00 24.10  ? 119 ARG A NH2 1 
ATOM   124  N N   . GLU A 1 16 ? 8.886   -4.319  -11.872 1.00 13.00  ? 120 GLU A N   1 
ATOM   125  C CA  . GLU A 1 16 ? 9.265   -5.050  -10.663 1.00 14.26  ? 120 GLU A CA  1 
ATOM   126  C C   . GLU A 1 16 ? 8.053   -5.322  -9.772  1.00 13.12  ? 120 GLU A C   1 
ATOM   127  O O   . GLU A 1 16 ? 7.918   -6.419  -9.223  1.00 14.11  ? 120 GLU A O   1 
ATOM   128  C CB  . GLU A 1 16 ? 10.357  -4.302  -9.894  1.00 14.16  ? 120 GLU A CB  1 
ATOM   129  C CG  . GLU A 1 16 ? 11.709  -4.256  -10.611 1.00 17.63  ? 120 GLU A CG  1 
ATOM   130  C CD  . GLU A 1 16 ? 12.797  -3.573  -9.799  1.00 18.33  ? 120 GLU A CD  1 
ATOM   131  O OE1 . GLU A 1 16 ? 12.537  -3.195  -8.638  1.00 23.41  ? 120 GLU A OE1 1 
ATOM   132  O OE2 . GLU A 1 16 ? 13.924  -3.426  -10.319 1.00 24.27  ? 120 GLU A OE2 1 
ATOM   133  N N   . PHE A 1 17 ? 7.169   -4.335  -9.650  1.00 12.67  ? 121 PHE A N   1 
ATOM   134  C CA  . PHE A 1 17 ? 5.941   -4.491  -8.876  1.00 12.27  ? 121 PHE A CA  1 
ATOM   135  C C   . PHE A 1 17 ? 5.040   -5.594  -9.451  1.00 12.93  ? 121 PHE A C   1 
ATOM   136  O O   . PHE A 1 17 ? 4.471   -6.397  -8.708  1.00 13.09  ? 121 PHE A O   1 
ATOM   137  C CB  . PHE A 1 17 ? 5.221   -3.145  -8.802  1.00 12.07  ? 121 PHE A CB  1 
ATOM   138  C CG  . PHE A 1 17 ? 3.932   -3.153  -8.022  1.00 12.46  ? 121 PHE A CG  1 
ATOM   139  C CD1 . PHE A 1 17 ? 3.823   -3.813  -6.801  1.00 12.24  ? 121 PHE A CD1 1 
ATOM   140  C CD2 . PHE A 1 17 ? 2.843   -2.424  -8.490  1.00 12.66  ? 121 PHE A CD2 1 
ATOM   141  C CE1 . PHE A 1 17 ? 2.631   -3.789  -6.086  1.00 13.10  ? 121 PHE A CE1 1 
ATOM   142  C CE2 . PHE A 1 17 ? 1.657   -2.376  -7.772  1.00 12.96  ? 121 PHE A CE2 1 
ATOM   143  C CZ  . PHE A 1 17 ? 1.545   -3.058  -6.571  1.00 12.95  ? 121 PHE A CZ  1 
ATOM   144  N N   . GLU A 1 18 ? 4.920   -5.632  -10.776 1.00 13.01  ? 122 GLU A N   1 
ATOM   145  C CA  . GLU A 1 18 ? 4.188   -6.711  -11.443 1.00 14.41  ? 122 GLU A CA  1 
ATOM   146  C C   . GLU A 1 18 ? 4.764   -8.089  -11.131 1.00 15.22  ? 122 GLU A C   1 
ATOM   147  O O   . GLU A 1 18 ? 4.021   -9.067  -11.032 1.00 16.34  ? 122 GLU A O   1 
ATOM   148  C CB  . GLU A 1 18 ? 4.158   -6.465  -12.943 1.00 14.25  ? 122 GLU A CB  1 
ATOM   149  C CG  . GLU A 1 18 ? 3.190   -5.378  -13.328 1.00 15.08  ? 122 GLU A CG  1 
ATOM   150  C CD  . GLU A 1 18 ? 3.223   -5.047  -14.802 1.00 16.17  ? 122 GLU A CD  1 
ATOM   151  O OE1 . GLU A 1 18 ? 4.270   -5.295  -15.451 1.00 18.58  ? 122 GLU A OE1 1 
ATOM   152  O OE2 . GLU A 1 18 ? 2.201   -4.536  -15.312 1.00 15.39  ? 122 GLU A OE2 1 
ATOM   153  N N   . LYS A 1 19 ? 6.080   -8.164  -10.969 1.00 15.61  ? 123 LYS A N   1 
ATOM   154  C CA  . LYS A 1 19 ? 6.750   -9.427  -10.652 1.00 17.48  ? 123 LYS A CA  1 
ATOM   155  C C   . LYS A 1 19 ? 6.533   -9.870  -9.202  1.00 16.98  ? 123 LYS A C   1 
ATOM   156  O O   . LYS A 1 19 ? 6.319   -11.061 -8.944  1.00 17.78  ? 123 LYS A O   1 
ATOM   157  C CB  . LYS A 1 19 ? 8.250   -9.325  -10.957 1.00 17.35  ? 123 LYS A CB  1 
ATOM   158  C CG  . LYS A 1 19 ? 9.050   -10.608 -10.733 1.00 20.15  ? 123 LYS A CG  1 
ATOM   159  C CD  . LYS A 1 19 ? 10.535  -10.368 -10.934 1.00 20.45  ? 123 LYS A CD  1 
ATOM   160  C CE  . LYS A 1 19 ? 11.340  -11.615 -10.622 1.00 24.40  ? 123 LYS A CE  1 
ATOM   161  N NZ  . LYS A 1 19 ? 12.745  -11.500 -11.109 1.00 26.41  ? 123 LYS A NZ  1 
ATOM   162  N N   . THR A 1 20 ? 6.586   -8.930  -8.261  1.00 16.57  ? 124 THR A N   1 
ATOM   163  C CA  . THR A 1 20 ? 6.660   -9.286  -6.839  1.00 16.67  ? 124 THR A CA  1 
ATOM   164  C C   . THR A 1 20 ? 5.388   -9.051  -6.022  1.00 16.46  ? 124 THR A C   1 
ATOM   165  O O   . THR A 1 20 ? 5.163   -9.724  -5.008  1.00 16.83  ? 124 THR A O   1 
ATOM   166  C CB  . THR A 1 20 ? 7.819   -8.561  -6.131  1.00 16.76  ? 124 THR A CB  1 
ATOM   167  O OG1 . THR A 1 20 ? 7.525   -7.160  -6.045  1.00 16.94  ? 124 THR A OG1 1 
ATOM   168  C CG2 . THR A 1 20 ? 9.138   -8.786  -6.865  1.00 17.66  ? 124 THR A CG2 1 
ATOM   169  N N   . HIS A 1 21 ? 4.586   -8.069  -6.427  1.00 16.20  ? 125 HIS A N   1 
ATOM   170  C CA  . HIS A 1 21 ? 3.335   -7.737  -5.740  1.00 16.30  ? 125 HIS A CA  1 
ATOM   171  C C   . HIS A 1 21 ? 3.524   -7.317  -4.273  1.00 15.81  ? 125 HIS A C   1 
ATOM   172  O O   . HIS A 1 21 ? 2.592   -7.434  -3.485  1.00 16.97  ? 125 HIS A O   1 
ATOM   173  C CB  . HIS A 1 21 ? 2.326   -8.900  -5.847  1.00 17.03  ? 125 HIS A CB  1 
ATOM   174  C CG  . HIS A 1 21 ? 1.852   -9.175  -7.245  1.00 18.61  ? 125 HIS A CG  1 
ATOM   175  N ND1 . HIS A 1 21 ? 0.645   -9.787  -7.511  1.00 21.59  ? 125 HIS A ND1 1 
ATOM   176  C CD2 . HIS A 1 21 ? 2.407   -8.905  -8.450  1.00 19.14  ? 125 HIS A CD2 1 
ATOM   177  C CE1 . HIS A 1 21 ? 0.484   -9.888  -8.819  1.00 21.14  ? 125 HIS A CE1 1 
ATOM   178  N NE2 . HIS A 1 21 ? 1.539   -9.364  -9.412  1.00 21.13  ? 125 HIS A NE2 1 
ATOM   179  N N   . THR A 1 22 ? 4.694   -6.795  -3.909  1.00 14.85  ? 126 THR A N   1 
ATOM   180  C CA  . THR A 1 22 ? 4.926   -6.446  -2.509  1.00 14.42  ? 126 THR A CA  1 
ATOM   181  C C   . THR A 1 22 ? 4.481   -5.020  -2.192  1.00 13.65  ? 126 THR A C   1 
ATOM   182  O O   . THR A 1 22 ? 4.376   -4.164  -3.078  1.00 13.08  ? 126 THR A O   1 
ATOM   183  C CB  . THR A 1 22 ? 6.404   -6.602  -2.091  1.00 14.51  ? 126 THR A CB  1 
ATOM   184  O OG1 . THR A 1 22 ? 7.204   -5.697  -2.858  1.00 15.35  ? 126 THR A OG1 1 
ATOM   185  C CG2 . THR A 1 22 ? 6.911   -8.037  -2.296  1.00 16.06  ? 126 THR A CG2 1 
ATOM   186  N N   . VAL A 1 23 ? 4.231   -4.770  -0.912  1.00 13.33  ? 127 VAL A N   1 
ATOM   187  C CA  . VAL A 1 23 ? 3.938   -3.421  -0.430  1.00 13.68  ? 127 VAL A CA  1 
ATOM   188  C C   . VAL A 1 23 ? 5.089   -2.458  -0.762  1.00 13.26  ? 127 VAL A C   1 
ATOM   189  O O   . VAL A 1 23 ? 4.860   -1.330  -1.201  1.00 12.77  ? 127 VAL A O   1 
ATOM   190  C CB  . VAL A 1 23 ? 3.628   -3.433  1.090   1.00 13.63  ? 127 VAL A CB  1 
ATOM   191  C CG1 . VAL A 1 23 ? 3.577   -2.029  1.651   1.00 15.21  ? 127 VAL A CG1 1 
ATOM   192  C CG2 . VAL A 1 23 ? 2.310   -4.162  1.361   1.00 14.55  ? 127 VAL A CG2 1 
ATOM   193  N N   . SER A 1 24 ? 6.322   -2.918  -0.555  1.00 13.01  ? 128 SER A N   1 
ATOM   194  C CA  . SER A 1 24 ? 7.509   -2.115  -0.867  1.00 13.49  ? 128 SER A CA  1 
ATOM   195  C C   . SER A 1 24 ? 7.555   -1.734  -2.349  1.00 12.86  ? 128 SER A C   1 
ATOM   196  O O   . SER A 1 24 ? 7.762   -0.569  -2.689  1.00 13.11  ? 128 SER A O   1 
ATOM   197  C CB  . SER A 1 24 ? 8.783   -2.876  -0.490  1.00 14.16  ? 128 SER A CB  1 
ATOM   198  O OG  . SER A 1 24 ? 9.937   -2.219  -0.980  1.00 19.33  ? 128 SER A OG  1 
ATOM   199  N N   . ALA A 1 25 ? 7.357   -2.728  -3.211  1.00 12.35  ? 129 ALA A N   1 
ATOM   200  C CA  . ALA A 1 25 ? 7.399   -2.506  -4.648  1.00 12.22  ? 129 ALA A CA  1 
ATOM   201  C C   . ALA A 1 25 ? 6.267   -1.591  -5.089  1.00 12.00  ? 129 ALA A C   1 
ATOM   202  O O   . ALA A 1 25 ? 6.462   -0.770  -5.993  1.00 12.19  ? 129 ALA A O   1 
ATOM   203  C CB  . ALA A 1 25 ? 7.350   -3.821  -5.392  1.00 12.88  ? 129 ALA A CB  1 
ATOM   204  N N   . HIS A 1 26 ? 5.100   -1.717  -4.451  1.00 12.00  ? 130 HIS A N   1 
ATOM   205  C CA  . HIS A 1 26 ? 3.982   -0.833  -4.752  1.00 11.81  ? 130 HIS A CA  1 
ATOM   206  C C   . HIS A 1 26 ? 4.374   0.621   -4.528  1.00 11.55  ? 130 HIS A C   1 
ATOM   207  O O   . HIS A 1 26 ? 4.163   1.479   -5.382  1.00 11.48  ? 130 HIS A O   1 
ATOM   208  C CB  . HIS A 1 26 ? 2.776   -1.176  -3.881  1.00 12.16  ? 130 HIS A CB  1 
ATOM   209  C CG  . HIS A 1 26 ? 1.744   -0.096  -3.846  1.00 12.54  ? 130 HIS A CG  1 
ATOM   210  N ND1 . HIS A 1 26 ? 1.085   0.378   -4.962  1.00 14.69  ? 130 HIS A ND1 1 
ATOM   211  C CD2 . HIS A 1 26 ? 1.267   0.617   -2.800  1.00 12.13  ? 130 HIS A CD2 1 
ATOM   212  C CE1 . HIS A 1 26 ? 0.260   1.349   -4.603  1.00 11.66  ? 130 HIS A CE1 1 
ATOM   213  N NE2 . HIS A 1 26 ? 0.352   1.511   -3.297  1.00 14.95  ? 130 HIS A NE2 1 
ATOM   214  N N   . ARG A 1 27 ? 4.938   0.897   -3.355  1.00 11.24  ? 131 ARG A N   1 
ATOM   215  C CA  . ARG A 1 27 ? 5.307   2.253   -2.982  1.00 11.10  ? 131 ARG A CA  1 
ATOM   216  C C   . ARG A 1 27 ? 6.373   2.837   -3.886  1.00 11.28  ? 131 ARG A C   1 
ATOM   217  O O   . ARG A 1 27 ? 6.259   3.979   -4.326  1.00 10.94  ? 131 ARG A O   1 
ATOM   218  C CB  . ARG A 1 27 ? 5.765   2.267   -1.524  1.00 11.07  ? 131 ARG A CB  1 
ATOM   219  C CG  . ARG A 1 27 ? 4.607   2.033   -0.572  1.00 11.48  ? 131 ARG A CG  1 
ATOM   220  C CD  . ARG A 1 27 ? 5.070   1.708   0.822   1.00 10.96  ? 131 ARG A CD  1 
ATOM   221  N NE  . ARG A 1 27 ? 3.932   1.398   1.686   1.00 11.12  ? 131 ARG A NE  1 
ATOM   222  C CZ  . ARG A 1 27 ? 4.040   0.986   2.942   1.00 11.00  ? 131 ARG A CZ  1 
ATOM   223  N NH1 . ARG A 1 27 ? 5.242   0.840   3.491   1.00 11.11  ? 131 ARG A NH1 1 
ATOM   224  N NH2 . ARG A 1 27 ? 2.943   0.719   3.639   1.00 11.86  ? 131 ARG A NH2 1 
ATOM   225  N N   . LYS A 1 28 ? 7.397   2.042   -4.180  1.00 11.24  ? 132 LYS A N   1 
ATOM   226  C CA  . LYS A 1 28 ? 8.450   2.519   -5.069  1.00 12.04  ? 132 LYS A CA  1 
ATOM   227  C C   . LYS A 1 28 ? 7.890   2.858   -6.449  1.00 11.67  ? 132 LYS A C   1 
ATOM   228  O O   . LYS A 1 28 ? 8.231   3.887   -7.027  1.00 11.83  ? 132 LYS A O   1 
ATOM   229  C CB  . LYS A 1 28 ? 9.555   1.481   -5.183  1.00 12.38  ? 132 LYS A CB  1 
ATOM   230  C CG  . LYS A 1 28 ? 10.372  1.343   -3.894  1.00 14.48  ? 132 LYS A CG  1 
ATOM   231  C CD  . LYS A 1 28 ? 11.330  0.149   -3.942  1.00 19.00  ? 132 LYS A CD  1 
ATOM   232  C CE  . LYS A 1 28 ? 12.606  0.450   -4.704  1.00 22.84  ? 132 LYS A CE  1 
ATOM   233  N NZ  . LYS A 1 28 ? 13.621  -0.624  -4.493  1.00 26.23  ? 132 LYS A NZ  1 
ATOM   234  N N   . ALA A 1 29 ? 7.024   1.990   -6.962  1.00 10.87  ? 133 ALA A N   1 
ATOM   235  C CA  . ALA A 1 29 ? 6.426   2.192   -8.280  1.00 10.94  ? 133 ALA A CA  1 
ATOM   236  C C   . ALA A 1 29 ? 5.520   3.423   -8.308  1.00 10.83  ? 133 ALA A C   1 
ATOM   237  O O   . ALA A 1 29 ? 5.589   4.237   -9.233  1.00 11.37  ? 133 ALA A O   1 
ATOM   238  C CB  . ALA A 1 29 ? 5.662   0.951   -8.705  1.00 11.37  ? 133 ALA A CB  1 
ATOM   239  N N   . GLN A 1 30 ? 4.658   3.565   -7.301  1.00 11.08  ? 134 GLN A N   1 
ATOM   240  C CA  . GLN A 1 30 ? 3.710   4.672   -7.315  1.00 11.53  ? 134 GLN A CA  1 
ATOM   241  C C   . GLN A 1 30 ? 4.417   6.016   -7.166  1.00 11.59  ? 134 GLN A C   1 
ATOM   242  O O   . GLN A 1 30 ? 4.072   6.983   -7.849  1.00 11.85  ? 134 GLN A O   1 
ATOM   243  C CB  . GLN A 1 30 ? 2.634   4.499   -6.238  1.00 12.36  ? 134 GLN A CB  1 
ATOM   244  C CG  . GLN A 1 30 ? 1.569   5.598   -6.271  1.00 13.26  ? 134 GLN A CG  1 
ATOM   245  C CD  . GLN A 1 30 ? 0.787   5.582   -7.567  1.00 12.98  ? 134 GLN A CD  1 
ATOM   246  O OE1 . GLN A 1 30 ? 0.993   6.423   -8.455  1.00 15.58  ? 134 GLN A OE1 1 
ATOM   247  N NE2 . GLN A 1 30 ? -0.078  4.601   -7.709  1.00 12.50  ? 134 GLN A NE2 1 
ATOM   248  N N   . LYS A 1 31 ? 5.394   6.085   -6.267  1.00 11.67  ? 135 LYS A N   1 
ATOM   249  C CA  . LYS A 1 31 ? 6.166   7.309   -6.127  1.00 12.02  ? 135 LYS A CA  1 
ATOM   250  C C   . LYS A 1 31 ? 6.852   7.679   -7.439  1.00 11.87  ? 135 LYS A C   1 
ATOM   251  O O   . LYS A 1 31 ? 6.814   8.835   -7.867  1.00 12.49  ? 135 LYS A O   1 
ATOM   252  C CB  . LYS A 1 31 ? 7.194   7.195   -5.007  1.00 12.45  ? 135 LYS A CB  1 
ATOM   253  C CG  . LYS A 1 31 ? 8.091   8.420   -4.926  1.00 14.28  ? 135 LYS A CG  1 
ATOM   254  C CD  . LYS A 1 31 ? 8.907   8.471   -3.668  1.00 16.29  ? 135 LYS A CD  1 
ATOM   255  C CE  . LYS A 1 31 ? 9.698   9.770   -3.584  1.00 17.71  ? 135 LYS A CE  1 
ATOM   256  N NZ  . LYS A 1 31 ? 10.369  9.882   -2.263  1.00 20.67  ? 135 LYS A NZ  1 
ATOM   257  N N   . ALA A 1 32 ? 7.479   6.689   -8.071  1.00 11.46  ? 136 ALA A N   1 
ATOM   258  C CA  . ALA A 1 32 ? 8.180   6.930   -9.324  1.00 11.38  ? 136 ALA A CA  1 
ATOM   259  C C   . ALA A 1 32 ? 7.229   7.425   -10.408 1.00 11.69  ? 136 ALA A C   1 
ATOM   260  O O   . ALA A 1 32 ? 7.551   8.368   -11.135 1.00 12.00  ? 136 ALA A O   1 
ATOM   261  C CB  . ALA A 1 32 ? 8.916   5.689   -9.773  1.00 11.90  ? 136 ALA A CB  1 
ATOM   262  N N   . VAL A 1 33 ? 6.066   6.791   -10.520 1.00 11.18  ? 137 VAL A N   1 
ATOM   263  C CA  . VAL A 1 33 ? 5.078   7.227   -11.512 1.00 12.00  ? 137 VAL A CA  1 
ATOM   264  C C   . VAL A 1 33 ? 4.658   8.683   -11.257 1.00 12.58  ? 137 VAL A C   1 
ATOM   265  O O   . VAL A 1 33 ? 4.557   9.487   -12.182 1.00 12.90  ? 137 VAL A O   1 
ATOM   266  C CB  . VAL A 1 33 ? 3.865   6.273   -11.547 1.00 12.37  ? 137 VAL A CB  1 
ATOM   267  C CG1 . VAL A 1 33 ? 2.684   6.885   -12.313 1.00 14.13  ? 137 VAL A CG1 1 
ATOM   268  C CG2 . VAL A 1 33 ? 4.265   4.932   -12.146 1.00 12.37  ? 137 VAL A CG2 1 
ATOM   269  N N   . ASN A 1 34 ? 4.431   9.020   -9.990  1.00 13.49  ? 138 ASN A N   1 
ATOM   270  C CA  . ASN A 1 34 ? 4.030   10.380  -9.628  1.00 14.73  ? 138 ASN A CA  1 
ATOM   271  C C   . ASN A 1 34 ? 5.060   11.430  -10.021 1.00 14.88  ? 138 ASN A C   1 
ATOM   272  O O   . ASN A 1 34 ? 4.707   12.584  -10.280 1.00 16.65  ? 138 ASN A O   1 
ATOM   273  C CB  . ASN A 1 34 ? 3.736   10.472  -8.130  1.00 15.51  ? 138 ASN A CB  1 
ATOM   274  C CG  . ASN A 1 34 ? 2.455   9.768   -7.746  1.00 17.94  ? 138 ASN A CG  1 
ATOM   275  O OD1 . ASN A 1 34 ? 1.643   9.418   -8.600  1.00 19.74  ? 138 ASN A OD1 1 
ATOM   276  N ND2 . ASN A 1 34 ? 2.259   9.571   -6.449  1.00 20.19  ? 138 ASN A ND2 1 
ATOM   277  N N   . LEU A 1 35 ? 6.330   11.037  -10.075 1.00 14.00  ? 139 LEU A N   1 
ATOM   278  C CA  . LEU A 1 35 ? 7.404   11.952  -10.443 1.00 14.57  ? 139 LEU A CA  1 
ATOM   279  C C   . LEU A 1 35 ? 7.573   12.135  -11.951 1.00 13.99  ? 139 LEU A C   1 
ATOM   280  O O   . LEU A 1 35 ? 8.313   13.012  -12.382 1.00 14.55  ? 139 LEU A O   1 
ATOM   281  C CB  . LEU A 1 35 ? 8.733   11.504  -9.830  1.00 15.22  ? 139 LEU A CB  1 
ATOM   282  C CG  . LEU A 1 35 ? 8.856   11.612  -8.308  1.00 17.48  ? 139 LEU A CG  1 
ATOM   283  C CD1 . LEU A 1 35 ? 10.140  10.966  -7.826  1.00 19.16  ? 139 LEU A CD1 1 
ATOM   284  C CD2 . LEU A 1 35 ? 8.773   13.070  -7.835  1.00 19.91  ? 139 LEU A CD2 1 
ATOM   285  N N   . VAL A 1 36 ? 6.903   11.305  -12.747 1.00 12.76  ? 140 VAL A N   1 
ATOM   286  C CA  . VAL A 1 36 ? 7.007   11.404  -14.209 1.00 12.56  ? 140 VAL A CA  1 
ATOM   287  C C   . VAL A 1 36 ? 6.333   12.683  -14.715 1.00 12.45  ? 140 VAL A C   1 
ATOM   288  O O   . VAL A 1 36 ? 5.266   13.056  -14.244 1.00 12.92  ? 140 VAL A O   1 
ATOM   289  C CB  . VAL A 1 36 ? 6.434   10.145  -14.902 1.00 12.28  ? 140 VAL A CB  1 
ATOM   290  C CG1 . VAL A 1 36 ? 6.471   10.276  -16.421 1.00 13.22  ? 140 VAL A CG1 1 
ATOM   291  C CG2 . VAL A 1 36 ? 7.206   8.906   -14.472 1.00 13.35  ? 140 VAL A CG2 1 
ATOM   292  N N   . SER A 1 37 ? 6.989   13.334  -15.664 1.00 12.79  ? 141 SER A N   1 
ATOM   293  C CA  . SER A 1 37 ? 6.490   14.568  -16.245 1.00 13.22  ? 141 SER A CA  1 
ATOM   294  C C   . SER A 1 37 ? 5.201   14.363  -17.048 1.00 12.20  ? 141 SER A C   1 
ATOM   295  O O   . SER A 1 37 ? 4.997   13.329  -17.689 1.00 12.19  ? 141 SER A O   1 
ATOM   296  C CB  . SER A 1 37 ? 7.563   15.164  -17.160 1.00 14.46  ? 141 SER A CB  1 
ATOM   297  O OG  . SER A 1 37 ? 7.020   16.158  -18.015 1.00 16.35  ? 141 SER A OG  1 
ATOM   298  N N   . PHE A 1 38 ? 4.357   15.388  -17.025 1.00 12.35  ? 142 PHE A N   1 
ATOM   299  C CA  . PHE A 1 38 ? 3.122   15.415  -17.797 1.00 12.07  ? 142 PHE A CA  1 
ATOM   300  C C   . PHE A 1 38 ? 3.356   15.263  -19.301 1.00 12.03  ? 142 PHE A C   1 
ATOM   301  O O   . PHE A 1 38 ? 2.465   14.818  -20.026 1.00 11.68  ? 142 PHE A O   1 
ATOM   302  C CB  . PHE A 1 38 ? 2.371   16.715  -17.492 1.00 12.18  ? 142 PHE A CB  1 
ATOM   303  C CG  . PHE A 1 38 ? 1.053   16.854  -18.213 1.00 11.92  ? 142 PHE A CG  1 
ATOM   304  C CD1 . PHE A 1 38 ? -0.033  16.044  -17.878 1.00 12.44  ? 142 PHE A CD1 1 
ATOM   305  C CD2 . PHE A 1 38 ? 0.893   17.811  -19.208 1.00 11.48  ? 142 PHE A CD2 1 
ATOM   306  C CE1 . PHE A 1 38 ? -1.255  16.176  -18.543 1.00 12.74  ? 142 PHE A CE1 1 
ATOM   307  C CE2 . PHE A 1 38 ? -0.329  17.952  -19.879 1.00 11.03  ? 142 PHE A CE2 1 
ATOM   308  C CZ  . PHE A 1 38 ? -1.403  17.133  -19.541 1.00 12.06  ? 142 PHE A CZ  1 
ATOM   309  N N   . GLU A 1 39 ? 4.548   15.599  -19.785 1.00 12.07  ? 143 GLU A N   1 
ATOM   310  C CA  . GLU A 1 39 ? 4.827   15.404  -21.203 1.00 13.10  ? 143 GLU A CA  1 
ATOM   311  C C   . GLU A 1 39 ? 4.708   13.928  -21.602 1.00 12.27  ? 143 GLU A C   1 
ATOM   312  O O   . GLU A 1 39 ? 4.485   13.626  -22.772 1.00 12.13  ? 143 GLU A O   1 
ATOM   313  C CB  . GLU A 1 39 ? 6.180   15.994  -21.601 1.00 14.87  ? 143 GLU A CB  1 
ATOM   314  C CG  . GLU A 1 39 ? 7.381   15.291  -21.059 1.00 17.94  ? 143 GLU A CG  1 
ATOM   315  C CD  . GLU A 1 39 ? 8.598   16.192  -21.041 1.00 22.10  ? 143 GLU A CD  1 
ATOM   316  O OE1 . GLU A 1 39 ? 8.757   16.965  -20.068 1.00 24.40  ? 143 GLU A OE1 1 
ATOM   317  O OE2 . GLU A 1 39 ? 9.386   16.131  -22.004 1.00 23.65  ? 143 GLU A OE2 1 
ATOM   318  N N   . TYR A 1 40 ? 4.828   13.028  -20.624 1.00 11.48  ? 144 TYR A N   1 
ATOM   319  C CA  . TYR A 1 40 ? 4.690   11.592  -20.852 1.00 11.47  ? 144 TYR A CA  1 
ATOM   320  C C   . TYR A 1 40 ? 3.341   11.085  -20.360 1.00 11.33  ? 144 TYR A C   1 
ATOM   321  O O   . TYR A 1 40 ? 3.230   9.952   -19.883 1.00 11.26  ? 144 TYR A O   1 
ATOM   322  C CB  . TYR A 1 40 ? 5.830   10.843  -20.168 1.00 12.69  ? 144 TYR A CB  1 
ATOM   323  C CG  . TYR A 1 40 ? 7.202   11.341  -20.547 1.00 13.45  ? 144 TYR A CG  1 
ATOM   324  C CD1 . TYR A 1 40 ? 7.650   11.286  -21.868 1.00 14.42  ? 144 TYR A CD1 1 
ATOM   325  C CD2 . TYR A 1 40 ? 8.064   11.849  -19.583 1.00 14.17  ? 144 TYR A CD2 1 
ATOM   326  C CE1 . TYR A 1 40 ? 8.926   11.734  -22.214 1.00 16.32  ? 144 TYR A CE1 1 
ATOM   327  C CE2 . TYR A 1 40 ? 9.335   12.296  -19.916 1.00 15.93  ? 144 TYR A CE2 1 
ATOM   328  C CZ  . TYR A 1 40 ? 9.760   12.233  -21.231 1.00 16.36  ? 144 TYR A CZ  1 
ATOM   329  O OH  . TYR A 1 40 ? 11.019  12.682  -21.569 1.00 19.46  ? 144 TYR A OH  1 
ATOM   330  N N   . LYS A 1 41 ? 2.300   11.892  -20.553 1.00 11.38  ? 145 LYS A N   1 
ATOM   331  C CA  . LYS A 1 41 ? 0.986   11.604  -19.995 1.00 10.85  ? 145 LYS A CA  1 
ATOM   332  C C   . LYS A 1 41 ? 0.444   10.207  -20.313 1.00 10.60  ? 145 LYS A C   1 
ATOM   333  O O   . LYS A 1 41 ? -0.085  9.549   -19.431 1.00 10.82  ? 145 LYS A O   1 
ATOM   334  C CB  . LYS A 1 41 ? -0.013  12.687  -20.415 1.00 11.78  ? 145 LYS A CB  1 
ATOM   335  C CG  . LYS A 1 41 ? -1.457  12.450  -19.976 1.00 13.62  ? 145 LYS A CG  1 
ATOM   336  C CD  . LYS A 1 41 ? -1.637  12.403  -18.468 1.00 16.22  ? 145 LYS A CD  1 
ATOM   337  C CE  . LYS A 1 41 ? -3.112  12.324  -18.093 1.00 18.71  ? 145 LYS A CE  1 
ATOM   338  N NZ  . LYS A 1 41 ? -3.306  12.258  -16.614 1.00 21.22  ? 145 LYS A NZ  1 
ATOM   339  N N   . VAL A 1 42 ? 0.533   9.785   -21.573 1.00 10.29  ? 146 VAL A N   1 
ATOM   340  C CA  . VAL A 1 42 ? -0.020  8.486   -21.929 1.00 10.37  ? 146 VAL A CA  1 
ATOM   341  C C   . VAL A 1 42 ? 0.753   7.356   -21.247 1.00 10.76  ? 146 VAL A C   1 
ATOM   342  O O   . VAL A 1 42 ? 0.152   6.432   -20.718 1.00 10.96  ? 146 VAL A O   1 
ATOM   343  C CB  . VAL A 1 42 ? -0.154  8.296   -23.455 1.00 10.24  ? 146 VAL A CB  1 
ATOM   344  C CG1 . VAL A 1 42 ? -0.481  6.856   -23.778 1.00 11.61  ? 146 VAL A CG1 1 
ATOM   345  C CG2 . VAL A 1 42 ? -1.253  9.213   -24.002 1.00 11.30  ? 146 VAL A CG2 1 
ATOM   346  N N   . LYS A 1 43 ? 2.075   7.442   -21.248 1.00 10.79  ? 147 LYS A N   1 
ATOM   347  C CA  . LYS A 1 43 ? 2.872   6.428   -20.559 1.00 12.26  ? 147 LYS A CA  1 
ATOM   348  C C   . LYS A 1 43 ? 2.537   6.413   -19.079 1.00 12.45  ? 147 LYS A C   1 
ATOM   349  O O   . LYS A 1 43 ? 2.456   5.345   -18.477 1.00 12.58  ? 147 LYS A O   1 
ATOM   350  C CB  . LYS A 1 43 ? 4.362   6.647   -20.797 1.00 13.43  ? 147 LYS A CB  1 
ATOM   351  C CG  . LYS A 1 43 ? 4.797   6.370   -22.235 1.00 16.38  ? 147 LYS A CG  1 
ATOM   352  C CD  . LYS A 1 43 ? 6.275   6.710   -22.428 1.00 20.20  ? 147 LYS A CD  1 
ATOM   353  C CE  . LYS A 1 43 ? 6.656   6.748   -23.895 1.00 23.83  ? 147 LYS A CE  1 
ATOM   354  N NZ  . LYS A 1 43 ? 6.269   5.496   -24.576 1.00 25.56  ? 147 LYS A NZ  1 
ATOM   355  N N   . LYS A 1 44 ? 2.311   7.587   -18.498 1.00 12.10  ? 148 LYS A N   1 
ATOM   356  C CA  . LYS A 1 44 ? 1.885   7.644   -17.106 1.00 12.94  ? 148 LYS A CA  1 
ATOM   357  C C   . LYS A 1 44 ? 0.538   6.948   -16.889 1.00 12.35  ? 148 LYS A C   1 
ATOM   358  O O   . LYS A 1 44 ? 0.352   6.237   -15.895 1.00 12.86  ? 148 LYS A O   1 
ATOM   359  C CB  . LYS A 1 44 ? 1.775   9.095   -16.645 1.00 13.61  ? 148 LYS A CB  1 
ATOM   360  C CG  . LYS A 1 44 ? 3.080   9.806   -16.404 1.00 16.40  ? 148 LYS A CG  1 
ATOM   361  C CD  . LYS A 1 44 ? 2.880   11.169  -15.742 1.00 15.92  ? 148 LYS A CD  1 
ATOM   362  C CE  . LYS A 1 44 ? 2.484   11.075  -14.268 1.00 19.29  ? 148 LYS A CE  1 
ATOM   363  N NZ  . LYS A 1 44 ? 2.650   12.383  -13.544 1.00 18.11  ? 148 LYS A NZ  1 
ATOM   364  N N   . MET A 1 45 ? -0.401  7.168   -17.805 1.00 11.83  ? 149 MET A N   1 
ATOM   365  C CA  . MET A 1 45 ? -1.710  6.524   -17.729 1.00 11.96  ? 149 MET A CA  1 
ATOM   366  C C   . MET A 1 45 ? -1.580  5.004   -17.783 1.00 11.44  ? 149 MET A C   1 
ATOM   367  O O   . MET A 1 45 ? -2.241  4.288   -17.036 1.00 11.77  ? 149 MET A O   1 
ATOM   368  C CB  . MET A 1 45 ? -2.605  7.010   -18.869 1.00 11.82  ? 149 MET A CB  1 
ATOM   369  C CG  . MET A 1 45 ? -3.040  8.465   -18.747 1.00 12.62  ? 149 MET A CG  1 
ATOM   370  S SD  . MET A 1 45 ? -3.694  9.178   -20.270 1.00 13.05  ? 149 MET A SD  1 
ATOM   371  C CE  . MET A 1 45 ? -5.173  8.196   -20.517 1.00 15.08  ? 149 MET A CE  1 
ATOM   372  N N   . VAL A 1 46 ? -0.713  4.525   -18.667 1.00 10.93  ? 150 VAL A N   1 
ATOM   373  C CA  . VAL A 1 46 ? -0.475  3.096   -18.809 1.00 11.25  ? 150 VAL A CA  1 
ATOM   374  C C   . VAL A 1 46 ? 0.164   2.535   -17.529 1.00 11.01  ? 150 VAL A C   1 
ATOM   375  O O   . VAL A 1 46 ? -0.274  1.498   -17.002 1.00 11.56  ? 150 VAL A O   1 
ATOM   376  C CB  . VAL A 1 46 ? 0.413   2.809   -20.043 1.00 11.24  ? 150 VAL A CB  1 
ATOM   377  C CG1 . VAL A 1 46 ? 0.829   1.349   -20.085 1.00 13.78  ? 150 VAL A CG1 1 
ATOM   378  C CG2 . VAL A 1 46 ? -0.324  3.166   -21.327 1.00 12.38  ? 150 VAL A CG2 1 
ATOM   379  N N   . LEU A 1 47 ? 1.208   3.203   -17.047 1.00 10.94  ? 151 LEU A N   1 
ATOM   380  C CA  . LEU A 1 47 ? 1.882   2.761   -15.830 1.00 10.81  ? 151 LEU A CA  1 
ATOM   381  C C   . LEU A 1 47 ? 0.939   2.764   -14.632 1.00 11.32  ? 151 LEU A C   1 
ATOM   382  O O   . LEU A 1 47 ? 0.971   1.844   -13.805 1.00 11.51  ? 151 LEU A O   1 
ATOM   383  C CB  . LEU A 1 47 ? 3.111   3.628   -15.564 1.00 11.13  ? 151 LEU A CB  1 
ATOM   384  C CG  . LEU A 1 47 ? 4.248   3.499   -16.580 1.00 11.36  ? 151 LEU A CG  1 
ATOM   385  C CD1 . LEU A 1 47 ? 5.247   4.613   -16.372 1.00 14.65  ? 151 LEU A CD1 1 
ATOM   386  C CD2 . LEU A 1 47 ? 4.918   2.128   -16.535 1.00 13.17  ? 151 LEU A CD2 1 
ATOM   387  N N   . GLN A 1 48 ? 0.100   3.789   -14.535 1.00 11.06  ? 152 GLN A N   1 
ATOM   388  C CA  . GLN A 1 48 ? -0.856  3.861   -13.440 1.00 11.82  ? 152 GLN A CA  1 
ATOM   389  C C   . GLN A 1 48 ? -1.863  2.719   -13.504 1.00 12.14  ? 152 GLN A C   1 
ATOM   390  O O   . GLN A 1 48 ? -2.194  2.137   -12.475 1.00 12.76  ? 152 GLN A O   1 
ATOM   391  C CB  . GLN A 1 48 ? -1.586  5.203   -13.433 1.00 12.24  ? 152 GLN A CB  1 
ATOM   392  C CG  . GLN A 1 48 ? -2.466  5.390   -12.205 1.00 12.35  ? 152 GLN A CG  1 
ATOM   393  C CD  . GLN A 1 48 ? -1.641  5.416   -10.925 1.00 12.56  ? 152 GLN A CD  1 
ATOM   394  O OE1 . GLN A 1 48 ? -0.850  6.331   -10.712 1.00 14.34  ? 152 GLN A OE1 1 
ATOM   395  N NE2 . GLN A 1 48 ? -1.801  4.403   -10.085 1.00 12.94  ? 152 GLN A NE2 1 
ATOM   396  N N   . GLU A 1 49 ? -2.357  2.417   -14.701 1.00 12.23  ? 153 GLU A N   1 
ATOM   397  C CA  . GLU A 1 49 ? -3.275  1.292   -14.867 1.00 12.94  ? 153 GLU A CA  1 
ATOM   398  C C   . GLU A 1 49 ? -2.612  -0.022  -14.467 1.00 12.67  ? 153 GLU A C   1 
ATOM   399  O O   . GLU A 1 49 ? -3.239  -0.870  -13.838 1.00 12.76  ? 153 GLU A O   1 
ATOM   400  C CB  . GLU A 1 49 ? -3.813  1.194   -16.295 1.00 13.97  ? 153 GLU A CB  1 
ATOM   401  C CG  . GLU A 1 49 ? -4.782  0.019   -16.445 1.00 17.61  ? 153 GLU A CG  1 
ATOM   402  C CD  . GLU A 1 49 ? -5.697  0.147   -17.623 1.00 22.72  ? 153 GLU A CD  1 
ATOM   403  O OE1 . GLU A 1 49 ? -5.463  -0.564  -18.619 1.00 25.88  ? 153 GLU A OE1 1 
ATOM   404  O OE2 . GLU A 1 49 ? -6.654  0.948   -17.553 1.00 24.88  ? 153 GLU A OE2 1 
ATOM   405  N N   . ARG A 1 50 ? -1.347  -0.190  -14.833 1.00 12.07  ? 154 ARG A N   1 
ATOM   406  C CA  . ARG A 1 50 ? -0.607  -1.387  -14.448 1.00 12.42  ? 154 ARG A CA  1 
ATOM   407  C C   . ARG A 1 50 ? -0.489  -1.512  -12.933 1.00 11.95  ? 154 ARG A C   1 
ATOM   408  O O   . ARG A 1 50 ? -0.665  -2.605  -12.385 1.00 12.63  ? 154 ARG A O   1 
ATOM   409  C CB  . ARG A 1 50 ? 0.759   -1.427  -15.138 1.00 12.23  ? 154 ARG A CB  1 
ATOM   410  C CG  . ARG A 1 50 ? 0.654   -1.673  -16.646 1.00 13.35  ? 154 ARG A CG  1 
ATOM   411  C CD  . ARG A 1 50 ? 1.958   -1.463  -17.391 1.00 14.33  ? 154 ARG A CD  1 
ATOM   412  N NE  . ARG A 1 50 ? 2.992   -2.405  -16.980 1.00 16.30  ? 154 ARG A NE  1 
ATOM   413  C CZ  . ARG A 1 50 ? 4.296   -2.246  -17.206 1.00 16.29  ? 154 ARG A CZ  1 
ATOM   414  N NH1 . ARG A 1 50 ? 4.747   -1.176  -17.849 1.00 18.19  ? 154 ARG A NH1 1 
ATOM   415  N NH2 . ARG A 1 50 ? 5.154   -3.163  -16.785 1.00 17.07  ? 154 ARG A NH2 1 
ATOM   416  N N   . ILE A 1 51 ? -0.209  -0.404  -12.254 1.00 11.95  ? 155 ILE A N   1 
ATOM   417  C CA  . ILE A 1 51 ? -0.182  -0.393  -10.791 1.00 11.87  ? 155 ILE A CA  1 
ATOM   418  C C   . ILE A 1 51 ? -1.549  -0.788  -10.220 1.00 12.50  ? 155 ILE A C   1 
ATOM   419  O O   . ILE A 1 51 ? -1.642  -1.638  -9.339  1.00 12.62  ? 155 ILE A O   1 
ATOM   420  C CB  . ILE A 1 51 ? 0.248   0.987   -10.246 1.00 11.72  ? 155 ILE A CB  1 
ATOM   421  C CG1 . ILE A 1 51 ? 1.743   1.227   -10.521 1.00 11.71  ? 155 ILE A CG1 1 
ATOM   422  C CG2 . ILE A 1 51 ? -0.088  1.109   -8.757  1.00 12.63  ? 155 ILE A CG2 1 
ATOM   423  C CD1 . ILE A 1 51 ? 2.227   2.613   -10.137 1.00 12.38  ? 155 ILE A CD1 1 
ATOM   424  N N   . ASP A 1 52 ? -2.603  -0.165  -10.734 1.00 12.71  ? 156 ASP A N   1 
ATOM   425  C CA  . ASP A 1 52 ? -3.957  -0.430  -10.256 1.00 13.12  ? 156 ASP A CA  1 
ATOM   426  C C   . ASP A 1 52 ? -4.333  -1.900  -10.418 1.00 13.47  ? 156 ASP A C   1 
ATOM   427  O O   . ASP A 1 52 ? -4.992  -2.480  -9.545  1.00 13.68  ? 156 ASP A O   1 
ATOM   428  C CB  . ASP A 1 52 ? -4.959  0.459   -10.995 1.00 13.93  ? 156 ASP A CB  1 
ATOM   429  C CG  . ASP A 1 52 ? -4.788  1.935   -10.682 1.00 16.12  ? 156 ASP A CG  1 
ATOM   430  O OD1 . ASP A 1 52 ? -4.039  2.279   -9.744  1.00 17.63  ? 156 ASP A OD1 1 
ATOM   431  O OD2 . ASP A 1 52 ? -5.418  2.754   -11.380 1.00 17.61  ? 156 ASP A OD2 1 
ATOM   432  N N   . ASN A 1 53 ? -3.901  -2.500  -11.522 1.00 13.53  ? 157 ASN A N   1 
ATOM   433  C CA  . ASN A 1 53 ? -4.214  -3.897  -11.798 1.00 14.09  ? 157 ASN A CA  1 
ATOM   434  C C   . ASN A 1 53 ? -3.506  -4.850  -10.854 1.00 14.21  ? 157 ASN A C   1 
ATOM   435  O O   . ASN A 1 53 ? -4.087  -5.858  -10.448 1.00 15.38  ? 157 ASN A O   1 
ATOM   436  C CB  . ASN A 1 53 ? -3.926  -4.235  -13.257 1.00 14.99  ? 157 ASN A CB  1 
ATOM   437  C CG  . ASN A 1 53 ? -4.970  -3.655  -14.195 1.00 16.78  ? 157 ASN A CG  1 
ATOM   438  O OD1 . ASN A 1 53 ? -6.056  -3.257  -13.767 1.00 19.62  ? 157 ASN A OD1 1 
ATOM   439  N ND2 . ASN A 1 53 ? -4.649  -3.606  -15.478 1.00 18.55  ? 157 ASN A ND2 1 
ATOM   440  N N   . VAL A 1 54 ? -2.265  -4.536  -10.484 1.00 13.14  ? 158 VAL A N   1 
ATOM   441  C CA  . VAL A 1 54 ? -1.577  -5.339  -9.476  1.00 12.81  ? 158 VAL A CA  1 
ATOM   442  C C   . VAL A 1 54 ? -2.253  -5.179  -8.113  1.00 12.61  ? 158 VAL A C   1 
ATOM   443  O O   . VAL A 1 54 ? -2.517  -6.165  -7.424  1.00 12.95  ? 158 VAL A O   1 
ATOM   444  C CB  . VAL A 1 54 ? -0.081  -4.997  -9.360  1.00 12.60  ? 158 VAL A CB  1 
ATOM   445  C CG1 . VAL A 1 54 ? 0.562   -5.811  -8.254  1.00 13.36  ? 158 VAL A CG1 1 
ATOM   446  C CG2 . VAL A 1 54 ? 0.641   -5.259  -10.670 1.00 13.64  ? 158 VAL A CG2 1 
ATOM   447  N N   . LEU A 1 55 ? -2.535  -3.933  -7.746  1.00 12.50  ? 159 LEU A N   1 
ATOM   448  C CA  . LEU A 1 55 ? -3.161  -3.641  -6.460  1.00 13.16  ? 159 LEU A CA  1 
ATOM   449  C C   . LEU A 1 55 ? -4.435  -4.445  -6.216  1.00 13.95  ? 159 LEU A C   1 
ATOM   450  O O   . LEU A 1 55 ? -4.638  -4.973  -5.120  1.00 14.06  ? 159 LEU A O   1 
ATOM   451  C CB  . LEU A 1 55 ? -3.492  -2.151  -6.367  1.00 13.69  ? 159 LEU A CB  1 
ATOM   452  C CG  . LEU A 1 55 ? -2.384  -1.197  -5.942  1.00 14.60  ? 159 LEU A CG  1 
ATOM   453  C CD1 . LEU A 1 55 ? -2.868  0.232   -6.059  1.00 16.54  ? 159 LEU A CD1 1 
ATOM   454  C CD2 . LEU A 1 55 ? -1.933  -1.510  -4.524  1.00 15.76  ? 159 LEU A CD2 1 
ATOM   455  N N   . LYS A 1 56 ? -5.293  -4.513  -7.227  1.00 14.50  ? 160 LYS A N   1 
ATOM   456  C CA  . LYS A 1 56 ? -6.576  -5.201  -7.069  1.00 16.42  ? 160 LYS A CA  1 
ATOM   457  C C   . LYS A 1 56 ? -6.434  -6.723  -6.944  1.00 16.88  ? 160 LYS A C   1 
ATOM   458  O O   . LYS A 1 56 ? -7.347  -7.391  -6.447  1.00 16.83  ? 160 LYS A O   1 
ATOM   459  C CB  . LYS A 1 56 ? -7.546  -4.820  -8.189  1.00 17.16  ? 160 LYS A CB  1 
ATOM   460  C CG  . LYS A 1 56 ? -7.214  -5.403  -9.544  1.00 19.35  ? 160 LYS A CG  1 
ATOM   461  C CD  . LYS A 1 56 ? -8.281  -5.045  -10.565 1.00 22.56  ? 160 LYS A CD  1 
ATOM   462  C CE  . LYS A 1 56 ? -7.945  -5.595  -11.937 1.00 24.31  ? 160 LYS A CE  1 
ATOM   463  N NZ  . LYS A 1 56 ? -9.021  -5.304  -12.927 1.00 26.85  ? 160 LYS A NZ  1 
ATOM   464  N N   . GLN A 1 57 ? -5.299  -7.266  -7.389  1.00 17.30  ? 161 GLN A N   1 
ATOM   465  C CA  . GLN A 1 57 ? -5.018  -8.705  -7.284  1.00 18.58  ? 161 GLN A CA  1 
ATOM   466  C C   . GLN A 1 57 ? -4.616  -9.108  -5.881  1.00 18.32  ? 161 GLN A C   1 
ATOM   467  O O   . GLN A 1 57 ? -4.695  -10.283 -5.515  1.00 19.24  ? 161 GLN A O   1 
ATOM   468  C CB  . GLN A 1 57 ? -3.889  -9.118  -8.225  1.00 19.15  ? 161 GLN A CB  1 
ATOM   469  C CG  . GLN A 1 57 ? -4.223  -9.113  -9.688  1.00 21.76  ? 161 GLN A CG  1 
ATOM   470  C CD  . GLN A 1 57 ? -2.994  -9.375  -10.535 1.00 24.64  ? 161 GLN A CD  1 
ATOM   471  O OE1 . GLN A 1 57 ? -2.356  -10.425 -10.419 1.00 27.47  ? 161 GLN A OE1 1 
ATOM   472  N NE2 . GLN A 1 57 ? -2.651  -8.416  -11.384 1.00 25.80  ? 161 GLN A NE2 1 
ATOM   473  N N   . GLY A 1 58 ? -4.162  -8.137  -5.097  1.00 17.76  ? 162 GLY A N   1 
ATOM   474  C CA  . GLY A 1 58 ? -3.711  -8.410  -3.748  1.00 17.34  ? 162 GLY A CA  1 
ATOM   475  C C   . GLY A 1 58 ? -2.213  -8.265  -3.615  1.00 17.21  ? 162 GLY A C   1 
ATOM   476  O O   . GLY A 1 58 ? -1.463  -8.506  -4.571  1.00 17.08  ? 162 GLY A O   1 
ATOM   477  N N   . LEU A 1 59 ? -1.784  -7.861  -2.429  1.00 17.10  ? 163 LEU A N   1 
ATOM   478  C CA  . LEU A 1 59 ? -0.377  -7.642  -2.153  1.00 17.82  ? 163 LEU A CA  1 
ATOM   479  C C   . LEU A 1 59 ? 0.146   -8.590  -1.102  1.00 19.11  ? 163 LEU A C   1 
ATOM   480  O O   . LEU A 1 59 ? -0.612  -9.126  -0.287  1.00 19.66  ? 163 LEU A O   1 
ATOM   481  C CB  . LEU A 1 59 ? -0.136  -6.208  -1.681  1.00 17.62  ? 163 LEU A CB  1 
ATOM   482  C CG  . LEU A 1 59 ? -0.488  -5.070  -2.638  1.00 17.21  ? 163 LEU A CG  1 
ATOM   483  C CD1 . LEU A 1 59 ? 0.089   -3.764  -2.107  1.00 18.59  ? 163 LEU A CD1 1 
ATOM   484  C CD2 . LEU A 1 59 ? 0.010   -5.338  -4.064  1.00 17.61  ? 163 LEU A CD2 1 
ATOM   485  N N   . VAL A 1 60 ? 1.458   -8.776  -1.122  1.00 20.43  ? 164 VAL A N   1 
ATOM   486  C CA  . VAL A 1 60 ? 2.153   -9.479  -0.059  1.00 22.29  ? 164 VAL A CA  1 
ATOM   487  C C   . VAL A 1 60 ? 3.051   -8.494  0.690   1.00 23.02  ? 164 VAL A C   1 
ATOM   488  O O   . VAL A 1 60 ? 3.462   -7.463  0.134   1.00 22.42  ? 164 VAL A O   1 
ATOM   489  C CB  . VAL A 1 60 ? 2.954   -10.688 -0.591  1.00 22.64  ? 164 VAL A CB  1 
ATOM   490  C CG1 . VAL A 1 60 ? 2.007   -11.763 -1.138  1.00 23.11  ? 164 VAL A CG1 1 
ATOM   491  C CG2 . VAL A 1 60 ? 3.964   -10.270 -1.649  1.00 22.98  ? 164 VAL A CG2 1 
ATOM   492  N N   . ARG A 1 61 ? 3.345   -8.806  1.947   1.00 24.32  ? 165 ARG A N   1 
ATOM   493  C CA  . ARG A 1 61 ? 4.104   -7.909  2.813   1.00 25.71  ? 165 ARG A CA  1 
ATOM   494  C C   . ARG A 1 61 ? 5.596   -7.905  2.480   1.00 26.49  ? 165 ARG A C   1 
ATOM   495  O O   . ARG A 1 61 ? 6.047   -8.546  1.528   1.00 27.26  ? 165 ARG A O   1 
ATOM   496  C CB  . ARG A 1 61 ? 3.877   -8.270  4.282   1.00 25.85  ? 165 ARG A CB  1 
ATOM   497  O OXT . ARG A 1 61 ? 6.393   -7.254  3.158   1.00 27.61  ? 165 ARG A OXT 1 
ATOM   498  N N   . LYS B 1 2  ? -2.721  6.780   26.879  1.00 30.90  ? 106 LYS B N   1 
ATOM   499  C CA  . LYS B 1 2  ? -3.208  5.443   27.330  1.00 30.67  ? 106 LYS B CA  1 
ATOM   500  C C   . LYS B 1 2  ? -2.914  4.353   26.304  1.00 30.37  ? 106 LYS B C   1 
ATOM   501  O O   . LYS B 1 2  ? -3.033  4.569   25.093  1.00 30.58  ? 106 LYS B O   1 
ATOM   502  C CB  . LYS B 1 2  ? -4.701  5.496   27.639  1.00 30.68  ? 106 LYS B CB  1 
ATOM   503  N N   . LYS B 1 3  ? -2.525  3.181   26.804  1.00 30.06  ? 107 LYS B N   1 
ATOM   504  C CA  . LYS B 1 3  ? -2.257  2.015   25.967  1.00 29.39  ? 107 LYS B CA  1 
ATOM   505  C C   . LYS B 1 3  ? -3.560  1.415   25.443  1.00 29.06  ? 107 LYS B C   1 
ATOM   506  O O   . LYS B 1 3  ? -3.612  0.913   24.317  1.00 28.68  ? 107 LYS B O   1 
ATOM   507  C CB  . LYS B 1 3  ? -1.459  0.975   26.740  1.00 29.46  ? 107 LYS B CB  1 
ATOM   508  N N   . GLU B 1 4  ? -4.606  1.473   26.268  1.00 28.47  ? 108 GLU B N   1 
ATOM   509  C CA  . GLU B 1 4  ? -5.937  1.003   25.887  1.00 28.23  ? 108 GLU B CA  1 
ATOM   510  C C   . GLU B 1 4  ? -6.509  1.837   24.741  1.00 27.63  ? 108 GLU B C   1 
ATOM   511  O O   . GLU B 1 4  ? -7.152  1.299   23.841  1.00 27.59  ? 108 GLU B O   1 
ATOM   512  C CB  . GLU B 1 4  ? -6.889  1.031   27.089  1.00 28.17  ? 108 GLU B CB  1 
ATOM   513  C CG  . GLU B 1 4  ? -6.618  -0.046  28.138  1.00 28.99  ? 108 GLU B CG  1 
ATOM   514  C CD  . GLU B 1 4  ? -7.698  -0.116  29.209  1.00 29.16  ? 108 GLU B CD  1 
ATOM   515  O OE1 . GLU B 1 4  ? -8.301  0.931   29.534  1.00 30.28  ? 108 GLU B OE1 1 
ATOM   516  O OE2 . GLU B 1 4  ? -7.941  -1.224  29.735  1.00 31.22  ? 108 GLU B OE2 1 
ATOM   517  N N   . GLN B 1 5  ? -6.257  3.145   24.791  1.00 27.14  ? 109 GLN B N   1 
ATOM   518  C CA  . GLN B 1 5  ? -6.681  4.095   23.762  1.00 26.86  ? 109 GLN B CA  1 
ATOM   519  C C   . GLN B 1 5  ? -6.083  3.737   22.399  1.00 25.80  ? 109 GLN B C   1 
ATOM   520  O O   . GLN B 1 5  ? -6.791  3.721   21.388  1.00 25.69  ? 109 GLN B O   1 
ATOM   521  C CB  . GLN B 1 5  ? -6.276  5.516   24.171  1.00 26.92  ? 109 GLN B CB  1 
ATOM   522  C CG  . GLN B 1 5  ? -6.669  6.623   23.199  1.00 28.09  ? 109 GLN B CG  1 
ATOM   523  C CD  . GLN B 1 5  ? -6.294  8.014   23.703  1.00 28.14  ? 109 GLN B CD  1 
ATOM   524  O OE1 . GLN B 1 5  ? -5.983  8.201   24.884  1.00 30.42  ? 109 GLN B OE1 1 
ATOM   525  N NE2 . GLN B 1 5  ? -6.325  8.995   22.808  1.00 29.92  ? 109 GLN B NE2 1 
ATOM   526  N N   . LYS B 1 6  ? -4.784  3.442   22.392  1.00 24.91  ? 110 LYS B N   1 
ATOM   527  C CA  . LYS B 1 6  ? -4.081  3.008   21.183  1.00 24.10  ? 110 LYS B CA  1 
ATOM   528  C C   . LYS B 1 6  ? -4.694  1.741   20.594  1.00 23.34  ? 110 LYS B C   1 
ATOM   529  O O   . LYS B 1 6  ? -4.876  1.648   19.382  1.00 22.51  ? 110 LYS B O   1 
ATOM   530  C CB  . LYS B 1 6  ? -2.586  2.793   21.461  1.00 24.37  ? 110 LYS B CB  1 
ATOM   531  C CG  . LYS B 1 6  ? -1.792  4.069   21.739  1.00 26.05  ? 110 LYS B CG  1 
ATOM   532  C CD  . LYS B 1 6  ? -1.597  4.917   20.487  1.00 28.78  ? 110 LYS B CD  1 
ATOM   533  C CE  . LYS B 1 6  ? -0.654  6.084   20.750  1.00 29.77  ? 110 LYS B CE  1 
ATOM   534  N NZ  . LYS B 1 6  ? -0.330  6.828   19.499  1.00 31.13  ? 110 LYS B NZ  1 
ATOM   535  N N   . LEU B 1 7  ? -5.022  0.778   21.455  1.00 22.45  ? 111 LEU B N   1 
ATOM   536  C CA  . LEU B 1 7  ? -5.664  -0.464  21.023  1.00 22.20  ? 111 LEU B CA  1 
ATOM   537  C C   . LEU B 1 7  ? -7.030  -0.199  20.381  1.00 21.81  ? 111 LEU B C   1 
ATOM   538  O O   . LEU B 1 7  ? -7.348  -0.768  19.334  1.00 21.51  ? 111 LEU B O   1 
ATOM   539  C CB  . LEU B 1 7  ? -5.784  -1.459  22.191  1.00 22.36  ? 111 LEU B CB  1 
ATOM   540  C CG  . LEU B 1 7  ? -6.481  -2.802  21.934  1.00 22.40  ? 111 LEU B CG  1 
ATOM   541  C CD1 . LEU B 1 7  ? -5.713  -3.689  20.945  1.00 23.94  ? 111 LEU B CD1 1 
ATOM   542  C CD2 . LEU B 1 7  ? -6.707  -3.538  23.243  1.00 22.78  ? 111 LEU B CD2 1 
ATOM   543  N N   . ILE B 1 8  ? -7.826  0.667   21.009  1.00 21.20  ? 112 ILE B N   1 
ATOM   544  C CA  . ILE B 1 8  ? -9.138  1.043   20.480  1.00 20.91  ? 112 ILE B CA  1 
ATOM   545  C C   . ILE B 1 8  ? -9.024  1.713   19.109  1.00 20.23  ? 112 ILE B C   1 
ATOM   546  O O   . ILE B 1 8  ? -9.758  1.362   18.179  1.00 20.23  ? 112 ILE B O   1 
ATOM   547  C CB  . ILE B 1 8  ? -9.926  1.943   21.476  1.00 21.16  ? 112 ILE B CB  1 
ATOM   548  C CG1 . ILE B 1 8  ? -10.196 1.199   22.795  1.00 22.36  ? 112 ILE B CG1 1 
ATOM   549  C CG2 . ILE B 1 8  ? -11.229 2.456   20.857  1.00 20.95  ? 112 ILE B CG2 1 
ATOM   550  C CD1 . ILE B 1 8  ? -10.854 -0.182  22.650  1.00 24.30  ? 112 ILE B CD1 1 
ATOM   551  N N   . GLN B 1 9  ? -8.108  2.676   18.989  1.00 19.75  ? 113 GLN B N   1 
ATOM   552  C CA  . GLN B 1 9  ? -7.855  3.356   17.714  1.00 19.89  ? 113 GLN B CA  1 
ATOM   553  C C   . GLN B 1 9  ? -7.468  2.368   16.612  1.00 18.44  ? 113 GLN B C   1 
ATOM   554  O O   . GLN B 1 9  ? -7.954  2.465   15.479  1.00 18.00  ? 113 GLN B O   1 
ATOM   555  C CB  . GLN B 1 9  ? -6.779  4.441   17.865  1.00 20.11  ? 113 GLN B CB  1 
ATOM   556  C CG  . GLN B 1 9  ? -7.232  5.657   18.665  1.00 22.00  ? 113 GLN B CG  1 
ATOM   557  C CD  . GLN B 1 9  ? -6.130  6.684   18.886  1.00 22.09  ? 113 GLN B CD  1 
ATOM   558  O OE1 . GLN B 1 9  ? -4.954  6.339   19.033  1.00 24.91  ? 113 GLN B OE1 1 
ATOM   559  N NE2 . GLN B 1 9  ? -6.512  7.956   18.922  1.00 25.03  ? 113 GLN B NE2 1 
ATOM   560  N N   . ALA B 1 10 ? -6.617  1.404   16.955  1.00 17.68  ? 114 ALA B N   1 
ATOM   561  C CA  . ALA B 1 10 ? -6.187  0.380   16.006  1.00 17.20  ? 114 ALA B CA  1 
ATOM   562  C C   . ALA B 1 10 ? -7.359  -0.498  15.580  1.00 16.95  ? 114 ALA B C   1 
ATOM   563  O O   . ALA B 1 10 ? -7.527  -0.783  14.396  1.00 16.52  ? 114 ALA B O   1 
ATOM   564  C CB  . ALA B 1 10 ? -5.041  -0.460  16.580  1.00 17.02  ? 114 ALA B CB  1 
ATOM   565  N N   . GLN B 1 11 ? -8.199  -0.883  16.539  1.00 17.40  ? 115 GLN B N   1 
ATOM   566  C CA  . GLN B 1 11 ? -9.392  -1.663  16.226  1.00 17.77  ? 115 GLN B CA  1 
ATOM   567  C C   . GLN B 1 11 ? -10.298 -0.931  15.233  1.00 17.00  ? 115 GLN B C   1 
ATOM   568  O O   . GLN B 1 11 ? -10.780 -1.521  14.263  1.00 17.20  ? 115 GLN B O   1 
ATOM   569  C CB  . GLN B 1 11 ? -10.162 -1.996  17.509  1.00 18.19  ? 115 GLN B CB  1 
ATOM   570  C CG  . GLN B 1 11 ? -9.525  -3.112  18.325  1.00 20.07  ? 115 GLN B CG  1 
ATOM   571  C CD  . GLN B 1 11 ? -10.162 -3.304  19.694  1.00 20.19  ? 115 GLN B CD  1 
ATOM   572  O OE1 . GLN B 1 11 ? -11.041 -2.541  20.105  1.00 23.89  ? 115 GLN B OE1 1 
ATOM   573  N NE2 . GLN B 1 11 ? -9.710  -4.327  20.410  1.00 22.62  ? 115 GLN B NE2 1 
ATOM   574  N N   . ASN B 1 12 ? -10.512 0.359   15.472  1.00 16.53  ? 116 ASN B N   1 
ATOM   575  C CA  . ASN B 1 12 ? -11.378 1.150   14.609  1.00 16.29  ? 116 ASN B CA  1 
ATOM   576  C C   . ASN B 1 12 ? -10.804 1.316   13.208  1.00 15.12  ? 116 ASN B C   1 
ATOM   577  O O   . ASN B 1 12 ? -11.523 1.221   12.222  1.00 14.77  ? 116 ASN B O   1 
ATOM   578  C CB  . ASN B 1 12 ? -11.682 2.513   15.238  1.00 17.03  ? 116 ASN B CB  1 
ATOM   579  C CG  . ASN B 1 12 ? -12.544 2.400   16.490  1.00 19.55  ? 116 ASN B CG  1 
ATOM   580  O OD1 . ASN B 1 12 ? -13.194 1.376   16.728  1.00 21.50  ? 116 ASN B OD1 1 
ATOM   581  N ND2 . ASN B 1 12 ? -12.546 3.452   17.299  1.00 21.83  ? 116 ASN B ND2 1 
ATOM   582  N N   . LEU B 1 13 ? -9.497  1.540   13.127  1.00 14.62  ? 117 LEU B N   1 
ATOM   583  C CA  . LEU B 1 13 ? -8.855  1.752   11.834  1.00 14.18  ? 117 LEU B CA  1 
ATOM   584  C C   . LEU B 1 13 ? -8.710  0.465   11.014  1.00 13.79  ? 117 LEU B C   1 
ATOM   585  O O   . LEU B 1 13 ? -8.819  0.496   9.786   1.00 13.61  ? 117 LEU B O   1 
ATOM   586  C CB  . LEU B 1 13 ? -7.523  2.490   12.006  1.00 14.52  ? 117 LEU B CB  1 
ATOM   587  C CG  . LEU B 1 13 ? -7.699  3.966   12.387  1.00 14.96  ? 117 LEU B CG  1 
ATOM   588  C CD1 . LEU B 1 13 ? -6.395  4.558   12.883  1.00 16.32  ? 117 LEU B CD1 1 
ATOM   589  C CD2 . LEU B 1 13 ? -8.261  4.790   11.220  1.00 16.87  ? 117 LEU B CD2 1 
ATOM   590  N N   . VAL B 1 14 ? -8.503  -0.664  11.685  1.00 13.74  ? 118 VAL B N   1 
ATOM   591  C CA  . VAL B 1 14 ? -8.531  -1.955  10.996  1.00 13.87  ? 118 VAL B CA  1 
ATOM   592  C C   . VAL B 1 14 ? -9.926  -2.226  10.417  1.00 14.24  ? 118 VAL B C   1 
ATOM   593  O O   . VAL B 1 14 ? -10.051 -2.668  9.274   1.00 14.21  ? 118 VAL B O   1 
ATOM   594  C CB  . VAL B 1 14 ? -8.033  -3.107  11.902  1.00 13.67  ? 118 VAL B CB  1 
ATOM   595  C CG1 . VAL B 1 14 ? -8.281  -4.471  11.256  1.00 14.52  ? 118 VAL B CG1 1 
ATOM   596  C CG2 . VAL B 1 14 ? -6.543  -2.925  12.197  1.00 14.33  ? 118 VAL B CG2 1 
ATOM   597  N N   . ARG B 1 15 ? -10.972 -1.927  11.194  1.00 14.65  ? 119 ARG B N   1 
ATOM   598  C CA  . ARG B 1 15 ? -12.350 -2.067  10.726  1.00 16.10  ? 119 ARG B CA  1 
ATOM   599  C C   . ARG B 1 15 ? -12.589 -1.235  9.466   1.00 15.23  ? 119 ARG B C   1 
ATOM   600  O O   . ARG B 1 15 ? -13.176 -1.714  8.496   1.00 15.50  ? 119 ARG B O   1 
ATOM   601  C CB  . ARG B 1 15 ? -13.330 -1.637  11.821  1.00 16.23  ? 119 ARG B CB  1 
ATOM   602  C CG  . ARG B 1 15 ? -14.777 -2.068  11.598  1.00 19.30  ? 119 ARG B CG  1 
ATOM   603  C CD  . ARG B 1 15 ? -15.613 -1.808  12.855  1.00 19.78  ? 119 ARG B CD  1 
ATOM   604  N NE  . ARG B 1 15 ? -16.637 -2.819  13.150  1.00 26.46  ? 119 ARG B NE  1 
ATOM   605  C CZ  . ARG B 1 15 ? -17.396 -3.463  12.257  1.00 27.63  ? 119 ARG B CZ  1 
ATOM   606  N NH1 . ARG B 1 15 ? -17.287 -3.231  10.955  1.00 28.09  ? 119 ARG B NH1 1 
ATOM   607  N NH2 . ARG B 1 15 ? -18.282 -4.351  12.685  1.00 28.72  ? 119 ARG B NH2 1 
ATOM   608  N N   . GLU B 1 16 ? -12.135 0.017   9.483   1.00 15.50  ? 120 GLU B N   1 
ATOM   609  C CA  . GLU B 1 16 ? -12.269 0.894   8.321   1.00 15.72  ? 120 GLU B CA  1 
ATOM   610  C C   . GLU B 1 16 ? -11.556 0.329   7.092   1.00 14.85  ? 120 GLU B C   1 
ATOM   611  O O   . GLU B 1 16 ? -12.086 0.379   5.983   1.00 15.16  ? 120 GLU B O   1 
ATOM   612  C CB  . GLU B 1 16 ? -11.753 2.302   8.634   1.00 16.67  ? 120 GLU B CB  1 
ATOM   613  C CG  . GLU B 1 16 ? -12.637 3.092   9.594   1.00 20.41  ? 120 GLU B CG  1 
ATOM   614  C CD  . GLU B 1 16 ? -14.092 3.145   9.147   1.00 24.25  ? 120 GLU B CD  1 
ATOM   615  O OE1 . GLU B 1 16 ? -14.350 3.495   7.973   1.00 25.93  ? 120 GLU B OE1 1 
ATOM   616  O OE2 . GLU B 1 16 ? -14.979 2.832   9.972   1.00 27.51  ? 120 GLU B OE2 1 
ATOM   617  N N   . PHE B 1 17 ? -10.362 -0.219  7.304   1.00 13.88  ? 121 PHE B N   1 
ATOM   618  C CA  . PHE B 1 17 ? -9.602  -0.831  6.222   1.00 13.36  ? 121 PHE B CA  1 
ATOM   619  C C   . PHE B 1 17 ? -10.342 -2.038  5.623   1.00 13.25  ? 121 PHE B C   1 
ATOM   620  O O   . PHE B 1 17 ? -10.393 -2.194  4.403   1.00 13.55  ? 121 PHE B O   1 
ATOM   621  C CB  . PHE B 1 17 ? -8.205  -1.198  6.732   1.00 13.52  ? 121 PHE B CB  1 
ATOM   622  C CG  . PHE B 1 17 ? -7.300  -1.826  5.698   1.00 12.78  ? 121 PHE B CG  1 
ATOM   623  C CD1 . PHE B 1 17 ? -7.234  -1.336  4.397   1.00 12.61  ? 121 PHE B CD1 1 
ATOM   624  C CD2 . PHE B 1 17 ? -6.476  -2.887  6.061   1.00 13.64  ? 121 PHE B CD2 1 
ATOM   625  C CE1 . PHE B 1 17 ? -6.380  -1.912  3.467   1.00 12.89  ? 121 PHE B CE1 1 
ATOM   626  C CE2 . PHE B 1 17 ? -5.620  -3.476  5.145   1.00 13.51  ? 121 PHE B CE2 1 
ATOM   627  C CZ  . PHE B 1 17 ? -5.563  -2.992  3.843   1.00 13.70  ? 121 PHE B CZ  1 
ATOM   628  N N   . GLU B 1 18 ? -10.944 -2.866  6.476   1.00 13.40  ? 122 GLU B N   1 
ATOM   629  C CA  . GLU B 1 18 ? -11.746 -3.986  5.986   1.00 13.92  ? 122 GLU B CA  1 
ATOM   630  C C   . GLU B 1 18 ? -12.931 -3.522  5.142   1.00 14.55  ? 122 GLU B C   1 
ATOM   631  O O   . GLU B 1 18 ? -13.315 -4.195  4.183   1.00 14.97  ? 122 GLU B O   1 
ATOM   632  C CB  . GLU B 1 18 ? -12.250 -4.835  7.145   1.00 14.17  ? 122 GLU B CB  1 
ATOM   633  C CG  . GLU B 1 18 ? -11.147 -5.603  7.825   1.00 14.06  ? 122 GLU B CG  1 
ATOM   634  C CD  . GLU B 1 18 ? -11.597 -6.273  9.101   1.00 14.64  ? 122 GLU B CD  1 
ATOM   635  O OE1 . GLU B 1 18 ? -12.506 -5.741  9.782   1.00 16.53  ? 122 GLU B OE1 1 
ATOM   636  O OE2 . GLU B 1 18 ? -11.022 -7.330  9.432   1.00 14.36  ? 122 GLU B OE2 1 
ATOM   637  N N   . LYS B 1 19 ? -13.501 -2.368  5.494   1.00 14.52  ? 123 LYS B N   1 
ATOM   638  C CA  . LYS B 1 19 ? -14.630 -1.807  4.750   1.00 15.48  ? 123 LYS B CA  1 
ATOM   639  C C   . LYS B 1 19 ? -14.249 -1.238  3.391   1.00 15.19  ? 123 LYS B C   1 
ATOM   640  O O   . LYS B 1 19 ? -15.023 -1.352  2.438   1.00 15.93  ? 123 LYS B O   1 
ATOM   641  C CB  . LYS B 1 19 ? -15.326 -0.710  5.560   1.00 15.87  ? 123 LYS B CB  1 
ATOM   642  C CG  . LYS B 1 19 ? -15.978 -1.171  6.849   1.00 18.54  ? 123 LYS B CG  1 
ATOM   643  C CD  . LYS B 1 19 ? -17.418 -1.551  6.669   1.00 23.01  ? 123 LYS B CD  1 
ATOM   644  C CE  . LYS B 1 19 ? -18.109 -1.651  8.012   1.00 24.44  ? 123 LYS B CE  1 
ATOM   645  N NZ  . LYS B 1 19 ? -19.443 -2.269  7.872   1.00 26.31  ? 123 LYS B NZ  1 
ATOM   646  N N   . THR B 1 20 ? -13.088 -0.589  3.300   1.00 14.50  ? 124 THR B N   1 
ATOM   647  C CA  . THR B 1 20 ? -12.776 0.203   2.116   1.00 14.53  ? 124 THR B CA  1 
ATOM   648  C C   . THR B 1 20 ? -11.640 -0.344  1.258   1.00 14.03  ? 124 THR B C   1 
ATOM   649  O O   . THR B 1 20 ? -11.581 -0.054  0.068   1.00 14.16  ? 124 THR B O   1 
ATOM   650  C CB  . THR B 1 20 ? -12.425 1.654   2.482   1.00 14.49  ? 124 THR B CB  1 
ATOM   651  O OG1 . THR B 1 20 ? -11.159 1.681   3.156   1.00 14.81  ? 124 THR B OG1 1 
ATOM   652  C CG2 . THR B 1 20 ? -13.519 2.297   3.350   1.00 15.65  ? 124 THR B CG2 1 
ATOM   653  N N   . HIS B 1 21 ? -10.719 -1.101  1.864   1.00 13.58  ? 125 HIS B N   1 
ATOM   654  C CA  . HIS B 1 21 ? -9.571  -1.658  1.132   1.00 13.74  ? 125 HIS B CA  1 
ATOM   655  C C   . HIS B 1 21 ? -8.704  -0.577  0.478   1.00 14.07  ? 125 HIS B C   1 
ATOM   656  O O   . HIS B 1 21 ? -8.009  -0.866  -0.500  1.00 14.76  ? 125 HIS B O   1 
ATOM   657  C CB  . HIS B 1 21 ? -10.028 -2.615  0.019   1.00 14.54  ? 125 HIS B CB  1 
ATOM   658  C CG  . HIS B 1 21 ? -10.534 -3.947  0.485   1.00 13.95  ? 125 HIS B CG  1 
ATOM   659  N ND1 . HIS B 1 21 ? -11.529 -4.110  1.423   1.00 16.72  ? 125 HIS B ND1 1 
ATOM   660  C CD2 . HIS B 1 21 ? -10.197 -5.188  0.075   1.00 13.61  ? 125 HIS B CD2 1 
ATOM   661  C CE1 . HIS B 1 21 ? -11.769 -5.403  1.582   1.00 15.41  ? 125 HIS B CE1 1 
ATOM   662  N NE2 . HIS B 1 21 ? -10.971 -6.077  0.776   1.00 17.59  ? 125 HIS B NE2 1 
ATOM   663  N N   . THR B 1 22 ? -8.722  0.658   0.976   1.00 13.48  ? 126 THR B N   1 
ATOM   664  C CA  . THR B 1 22 ? -7.908  1.689   0.321   1.00 13.59  ? 126 THR B CA  1 
ATOM   665  C C   . THR B 1 22 ? -6.457  1.648   0.783   1.00 12.94  ? 126 THR B C   1 
ATOM   666  O O   . THR B 1 22 ? -6.151  1.208   1.896   1.00 12.77  ? 126 THR B O   1 
ATOM   667  C CB  . THR B 1 22 ? -8.444  3.123   0.526   1.00 14.11  ? 126 THR B CB  1 
ATOM   668  O OG1 . THR B 1 22 ? -8.321  3.480   1.905   1.00 14.91  ? 126 THR B OG1 1 
ATOM   669  C CG2 . THR B 1 22 ? -9.903  3.247   0.077   1.00 14.90  ? 126 THR B CG2 1 
ATOM   670  N N   . VAL B 1 23 ? -5.574  2.145   -0.071  1.00 13.27  ? 127 VAL B N   1 
ATOM   671  C CA  . VAL B 1 23 ? -4.169  2.310   0.273   1.00 13.98  ? 127 VAL B CA  1 
ATOM   672  C C   . VAL B 1 23 ? -4.017  3.201   1.518   1.00 13.44  ? 127 VAL B C   1 
ATOM   673  O O   . VAL B 1 23 ? -3.257  2.873   2.441   1.00 12.96  ? 127 VAL B O   1 
ATOM   674  C CB  . VAL B 1 23 ? -3.378  2.889   -0.927  1.00 14.03  ? 127 VAL B CB  1 
ATOM   675  C CG1 . VAL B 1 23 ? -1.966  3.268   -0.514  1.00 14.44  ? 127 VAL B CG1 1 
ATOM   676  C CG2 . VAL B 1 23 ? -3.356  1.882   -2.080  1.00 14.77  ? 127 VAL B CG2 1 
ATOM   677  N N   . SER B 1 24 ? -4.764  4.302   1.566   1.00 13.58  ? 128 SER B N   1 
ATOM   678  C CA  . SER B 1 24 ? -4.726  5.213   2.707   1.00 14.40  ? 128 SER B CA  1 
ATOM   679  C C   . SER B 1 24 ? -5.167  4.505   3.993   1.00 13.85  ? 128 SER B C   1 
ATOM   680  O O   . SER B 1 24 ? -4.517  4.622   5.045   1.00 13.47  ? 128 SER B O   1 
ATOM   681  C CB  . SER B 1 24 ? -5.616  6.426   2.444   1.00 15.29  ? 128 SER B CB  1 
ATOM   682  O OG  . SER B 1 24 ? -5.695  7.264   3.575   1.00 19.29  ? 128 SER B OG  1 
ATOM   683  N N   . ALA B 1 25 ? -6.259  3.743   3.910   1.00 13.23  ? 129 ALA B N   1 
ATOM   684  C CA  . ALA B 1 25 ? -6.756  3.019   5.076   1.00 13.47  ? 129 ALA B CA  1 
ATOM   685  C C   . ALA B 1 25 ? -5.788  1.936   5.534   1.00 12.92  ? 129 ALA B C   1 
ATOM   686  O O   . ALA B 1 25 ? -5.662  1.698   6.733   1.00 13.04  ? 129 ALA B O   1 
ATOM   687  C CB  . ALA B 1 25 ? -8.130  2.431   4.810   1.00 14.07  ? 129 ALA B CB  1 
ATOM   688  N N   . HIS B 1 26 ? -5.094  1.291   4.592   1.00 13.00  ? 130 HIS B N   1 
ATOM   689  C CA  . HIS B 1 26 ? -4.070  0.316   4.943   1.00 13.00  ? 130 HIS B CA  1 
ATOM   690  C C   . HIS B 1 26 ? -3.009  0.970   5.819   1.00 12.62  ? 130 HIS B C   1 
ATOM   691  O O   . HIS B 1 26 ? -2.631  0.436   6.868   1.00 12.67  ? 130 HIS B O   1 
ATOM   692  C CB  . HIS B 1 26 ? -3.415  -0.259  3.690   1.00 13.03  ? 130 HIS B CB  1 
ATOM   693  C CG  . HIS B 1 26 ? -2.153  -1.004  3.974   1.00 13.38  ? 130 HIS B CG  1 
ATOM   694  N ND1 . HIS B 1 26 ? -2.088  -2.146  4.745   1.00 15.39  ? 130 HIS B ND1 1 
ATOM   695  C CD2 . HIS B 1 26 ? -0.887  -0.728  3.608   1.00 11.74  ? 130 HIS B CD2 1 
ATOM   696  C CE1 . HIS B 1 26 ? -0.826  -2.539  4.834   1.00 12.57  ? 130 HIS B CE1 1 
ATOM   697  N NE2 . HIS B 1 26 ? -0.081  -1.700  4.143   1.00 16.31  ? 130 HIS B NE2 1 
ATOM   698  N N   . ARG B 1 27 ? -2.523  2.131   5.386   1.00 12.42  ? 131 ARG B N   1 
ATOM   699  C CA  . ARG B 1 27 ? -1.440  2.798   6.091   1.00 13.01  ? 131 ARG B CA  1 
ATOM   700  C C   . ARG B 1 27 ? -1.866  3.292   7.464   1.00 13.06  ? 131 ARG B C   1 
ATOM   701  O O   . ARG B 1 27 ? -1.126  3.145   8.429   1.00 13.19  ? 131 ARG B O   1 
ATOM   702  C CB  . ARG B 1 27 ? -0.893  3.930   5.238   1.00 13.26  ? 131 ARG B CB  1 
ATOM   703  C CG  . ARG B 1 27 ? -0.200  3.402   4.005   1.00 13.47  ? 131 ARG B CG  1 
ATOM   704  C CD  . ARG B 1 27 ? 0.093   4.485   3.009   1.00 13.77  ? 131 ARG B CD  1 
ATOM   705  N NE  . ARG B 1 27 ? 0.672   3.899   1.809   1.00 13.51  ? 131 ARG B NE  1 
ATOM   706  C CZ  . ARG B 1 27 ? 0.901   4.560   0.685   1.00 13.75  ? 131 ARG B CZ  1 
ATOM   707  N NH1 . ARG B 1 27 ? 0.632   5.856   0.595   1.00 14.25  ? 131 ARG B NH1 1 
ATOM   708  N NH2 . ARG B 1 27 ? 1.416   3.914   -0.347  1.00 13.72  ? 131 ARG B NH2 1 
ATOM   709  N N   . LYS B 1 28 ? -3.057  3.859   7.563   1.00 13.24  ? 132 LYS B N   1 
ATOM   710  C CA  . LYS B 1 28 ? -3.562  4.296   8.859   1.00 14.08  ? 132 LYS B CA  1 
ATOM   711  C C   . LYS B 1 28 ? -3.736  3.114   9.814   1.00 13.47  ? 132 LYS B C   1 
ATOM   712  O O   . LYS B 1 28 ? -3.404  3.217   10.994  1.00 13.53  ? 132 LYS B O   1 
ATOM   713  C CB  . LYS B 1 28 ? -4.875  5.049   8.696   1.00 14.36  ? 132 LYS B CB  1 
ATOM   714  C CG  . LYS B 1 28 ? -4.747  6.394   7.998   1.00 16.55  ? 132 LYS B CG  1 
ATOM   715  C CD  . LYS B 1 28 ? -6.094  7.099   7.960   1.00 20.22  ? 132 LYS B CD  1 
ATOM   716  C CE  . LYS B 1 28 ? -6.045  8.399   7.185   1.00 23.02  ? 132 LYS B CE  1 
ATOM   717  N NZ  . LYS B 1 28 ? -7.381  9.052   7.200   1.00 26.14  ? 132 LYS B NZ  1 
ATOM   718  N N   . ALA B 1 29 ? -4.255  1.998   9.305   1.00 13.25  ? 133 ALA B N   1 
ATOM   719  C CA  . ALA B 1 29 ? -4.429  0.806   10.135  1.00 13.26  ? 133 ALA B CA  1 
ATOM   720  C C   . ALA B 1 29 ? -3.102  0.223   10.604  1.00 13.07  ? 133 ALA B C   1 
ATOM   721  O O   . ALA B 1 29 ? -2.953  -0.099  11.785  1.00 13.44  ? 133 ALA B O   1 
ATOM   722  C CB  . ALA B 1 29 ? -5.252  -0.250  9.410   1.00 13.60  ? 133 ALA B CB  1 
ATOM   723  N N   . GLN B 1 30 ? -2.141  0.094   9.690   1.00 12.71  ? 134 GLN B N   1 
ATOM   724  C CA  . GLN B 1 30 ? -0.842  -0.464  10.050  1.00 13.14  ? 134 GLN B CA  1 
ATOM   725  C C   . GLN B 1 30 ? -0.081  0.448   11.020  1.00 13.21  ? 134 GLN B C   1 
ATOM   726  O O   . GLN B 1 30 ? 0.556   -0.032  11.957  1.00 13.91  ? 134 GLN B O   1 
ATOM   727  C CB  . GLN B 1 30 ? -0.011  -0.785  8.808   1.00 13.02  ? 134 GLN B CB  1 
ATOM   728  C CG  . GLN B 1 30 ? 1.246   -1.594  9.111   1.00 13.52  ? 134 GLN B CG  1 
ATOM   729  C CD  . GLN B 1 30 ? 0.925   -2.969  9.666   1.00 14.00  ? 134 GLN B CD  1 
ATOM   730  O OE1 . GLN B 1 30 ? 0.455   -3.847  8.947   1.00 14.60  ? 134 GLN B OE1 1 
ATOM   731  N NE2 . GLN B 1 30 ? 1.160   -3.152  10.950  1.00 15.16  ? 134 GLN B NE2 1 
ATOM   732  N N   . LYS B 1 31 ? -0.176  1.758   10.808  1.00 13.01  ? 135 LYS B N   1 
ATOM   733  C CA  . LYS B 1 31 ? 0.407   2.734   11.736  1.00 13.57  ? 135 LYS B CA  1 
ATOM   734  C C   . LYS B 1 31 ? -0.157  2.552   13.146  1.00 14.24  ? 135 LYS B C   1 
ATOM   735  O O   . LYS B 1 31 ? 0.598   2.470   14.124  1.00 14.54  ? 135 LYS B O   1 
ATOM   736  C CB  . LYS B 1 31 ? 0.145   4.168   11.270  1.00 13.63  ? 135 LYS B CB  1 
ATOM   737  C CG  . LYS B 1 31 ? 0.613   5.242   12.260  1.00 14.80  ? 135 LYS B CG  1 
ATOM   738  C CD  . LYS B 1 31 ? 0.092   6.607   11.882  1.00 16.14  ? 135 LYS B CD  1 
ATOM   739  C CE  . LYS B 1 31 ? 0.487   7.656   12.913  1.00 16.88  ? 135 LYS B CE  1 
ATOM   740  N NZ  . LYS B 1 31 ? -0.092  8.990   12.587  1.00 20.00  ? 135 LYS B NZ  1 
ATOM   741  N N   . ALA B 1 32 ? -1.485  2.488   13.242  1.00 14.66  ? 136 ALA B N   1 
ATOM   742  C CA  . ALA B 1 32 ? -2.161  2.328   14.525  1.00 15.19  ? 136 ALA B CA  1 
ATOM   743  C C   . ALA B 1 32 ? -1.747  1.020   15.202  1.00 15.54  ? 136 ALA B C   1 
ATOM   744  O O   . ALA B 1 32 ? -1.456  1.004   16.409  1.00 15.92  ? 136 ALA B O   1 
ATOM   745  C CB  . ALA B 1 32 ? -3.672  2.396   14.334  1.00 15.27  ? 136 ALA B CB  1 
ATOM   746  N N   . VAL B 1 33 ? -1.711  -0.074  14.443  1.00 15.68  ? 137 VAL B N   1 
ATOM   747  C CA  . VAL B 1 33 ? -1.289  -1.372  14.981  1.00 16.42  ? 137 VAL B CA  1 
ATOM   748  C C   . VAL B 1 33 ? 0.162   -1.322  15.472  1.00 16.65  ? 137 VAL B C   1 
ATOM   749  O O   . VAL B 1 33 ? 0.478   -1.832  16.549  1.00 16.92  ? 137 VAL B O   1 
ATOM   750  C CB  . VAL B 1 33 ? -1.512  -2.519  13.963  1.00 16.35  ? 137 VAL B CB  1 
ATOM   751  C CG1 . VAL B 1 33 ? -0.829  -3.810  14.417  1.00 16.57  ? 137 VAL B CG1 1 
ATOM   752  C CG2 . VAL B 1 33 ? -3.003  -2.759  13.755  1.00 16.63  ? 137 VAL B CG2 1 
ATOM   753  N N   . ASN B 1 34 ? 1.038   -0.666  14.723  1.00 16.77  ? 138 ASN B N   1 
ATOM   754  C CA  . ASN B 1 34 ? 2.436   -0.530  15.146  1.00 17.49  ? 138 ASN B CA  1 
ATOM   755  C C   . ASN B 1 34 ? 2.570   0.235   16.469  1.00 18.78  ? 138 ASN B C   1 
ATOM   756  O O   . ASN B 1 34 ? 3.494   -0.005  17.246  1.00 19.62  ? 138 ASN B O   1 
ATOM   757  C CB  . ASN B 1 34 ? 3.260   0.191   14.076  1.00 16.59  ? 138 ASN B CB  1 
ATOM   758  C CG  . ASN B 1 34 ? 3.571   -0.671  12.857  1.00 16.46  ? 138 ASN B CG  1 
ATOM   759  O OD1 . ASN B 1 34 ? 4.336   -0.244  11.993  1.00 18.29  ? 138 ASN B OD1 1 
ATOM   760  N ND2 . ASN B 1 34 ? 3.004   -1.871  12.784  1.00 15.52  ? 138 ASN B ND2 1 
ATOM   761  N N   . LEU B 1 35 ? 1.648   1.163   16.716  1.00 19.52  ? 139 LEU B N   1 
ATOM   762  C CA  . LEU B 1 35 ? 1.702   2.020   17.905  1.00 20.28  ? 139 LEU B CA  1 
ATOM   763  C C   . LEU B 1 35 ? 1.128   1.385   19.161  1.00 20.53  ? 139 LEU B C   1 
ATOM   764  O O   . LEU B 1 35 ? 1.268   1.940   20.259  1.00 21.20  ? 139 LEU B O   1 
ATOM   765  C CB  . LEU B 1 35 ? 1.006   3.356   17.637  1.00 20.18  ? 139 LEU B CB  1 
ATOM   766  C CG  . LEU B 1 35 ? 1.775   4.367   16.784  1.00 21.12  ? 139 LEU B CG  1 
ATOM   767  C CD1 . LEU B 1 35 ? 0.809   5.395   16.248  1.00 21.85  ? 139 LEU B CD1 1 
ATOM   768  C CD2 . LEU B 1 35 ? 2.899   5.044   17.568  1.00 22.58  ? 139 LEU B CD2 1 
ATOM   769  N N   . VAL B 1 36 ? 0.476   0.235   19.010  1.00 19.81  ? 140 VAL B N   1 
ATOM   770  C CA  . VAL B 1 36 ? -0.005  -0.494  20.178  1.00 20.49  ? 140 VAL B CA  1 
ATOM   771  C C   . VAL B 1 36 ? 1.152   -1.198  20.878  1.00 20.24  ? 140 VAL B C   1 
ATOM   772  O O   . VAL B 1 36 ? 2.033   -1.771  20.234  1.00 19.94  ? 140 VAL B O   1 
ATOM   773  C CB  . VAL B 1 36 ? -1.164  -1.475  19.855  1.00 20.13  ? 140 VAL B CB  1 
ATOM   774  C CG1 . VAL B 1 36 ? -0.798  -2.482  18.806  1.00 22.92  ? 140 VAL B CG1 1 
ATOM   775  C CG2 . VAL B 1 36 ? -1.624  -2.189  21.104  1.00 20.89  ? 140 VAL B CG2 1 
ATOM   776  N N   . SER B 1 37 ? 1.142   -1.136  22.205  1.00 20.71  ? 141 SER B N   1 
ATOM   777  C CA  . SER B 1 37 ? 2.163   -1.791  23.012  1.00 20.83  ? 141 SER B CA  1 
ATOM   778  C C   . SER B 1 37 ? 2.238   -3.289  22.716  1.00 20.72  ? 141 SER B C   1 
ATOM   779  O O   . SER B 1 37 ? 1.222   -3.970  22.604  1.00 19.49  ? 141 SER B O   1 
ATOM   780  C CB  . SER B 1 37 ? 1.910   -1.551  24.501  1.00 21.22  ? 141 SER B CB  1 
ATOM   781  O OG  . SER B 1 37 ? 2.912   -2.184  25.283  1.00 22.63  ? 141 SER B OG  1 
ATOM   782  N N   . PHE B 1 38 ? 3.466   -3.789  22.585  1.00 20.91  ? 142 PHE B N   1 
ATOM   783  C CA  . PHE B 1 38 ? 3.722   -5.209  22.326  1.00 21.64  ? 142 PHE B CA  1 
ATOM   784  C C   . PHE B 1 38 ? 3.140   -6.122  23.413  1.00 22.02  ? 142 PHE B C   1 
ATOM   785  O O   . PHE B 1 38 ? 2.997   -7.331  23.217  1.00 21.73  ? 142 PHE B O   1 
ATOM   786  C CB  . PHE B 1 38 ? 5.229   -5.457  22.194  1.00 21.46  ? 142 PHE B CB  1 
ATOM   787  C CG  . PHE B 1 38 ? 5.996   -5.220  23.468  1.00 21.31  ? 142 PHE B CG  1 
ATOM   788  C CD1 . PHE B 1 38 ? 6.111   -6.226  24.427  1.00 20.76  ? 142 PHE B CD1 1 
ATOM   789  C CD2 . PHE B 1 38 ? 6.603   -3.992  23.713  1.00 21.01  ? 142 PHE B CD2 1 
ATOM   790  C CE1 . PHE B 1 38 ? 6.805   -6.010  25.615  1.00 20.58  ? 142 PHE B CE1 1 
ATOM   791  C CE2 . PHE B 1 38 ? 7.303   -3.767  24.901  1.00 21.57  ? 142 PHE B CE2 1 
ATOM   792  C CZ  . PHE B 1 38 ? 7.403   -4.781  25.851  1.00 21.44  ? 142 PHE B CZ  1 
ATOM   793  N N   . GLU B 1 39 ? 2.801   -5.534  24.561  1.00 22.90  ? 143 GLU B N   1 
ATOM   794  C CA  . GLU B 1 39 ? 2.244   -6.292  25.684  1.00 24.30  ? 143 GLU B CA  1 
ATOM   795  C C   . GLU B 1 39 ? 0.889   -6.919  25.350  1.00 24.14  ? 143 GLU B C   1 
ATOM   796  O O   . GLU B 1 39 ? 0.541   -7.974  25.881  1.00 24.65  ? 143 GLU B O   1 
ATOM   797  C CB  . GLU B 1 39 ? 2.150   -5.419  26.944  1.00 24.43  ? 143 GLU B CB  1 
ATOM   798  C CG  . GLU B 1 39 ? 3.503   -4.901  27.440  1.00 25.70  ? 143 GLU B CG  1 
ATOM   799  C CD  . GLU B 1 39 ? 3.410   -4.098  28.729  1.00 26.19  ? 143 GLU B CD  1 
ATOM   800  O OE1 . GLU B 1 39 ? 2.370   -4.172  29.416  1.00 29.39  ? 143 GLU B OE1 1 
ATOM   801  O OE2 . GLU B 1 39 ? 4.395   -3.398  29.057  1.00 29.26  ? 143 GLU B OE2 1 
ATOM   802  N N   . TYR B 1 40 ? 0.130   -6.273  24.461  1.00 23.90  ? 144 TYR B N   1 
ATOM   803  C CA  . TYR B 1 40 ? -1.119  -6.838  23.958  1.00 23.80  ? 144 TYR B CA  1 
ATOM   804  C C   . TYR B 1 40 ? -0.826  -7.810  22.820  1.00 23.20  ? 144 TYR B C   1 
ATOM   805  O O   . TYR B 1 40 ? -1.232  -7.580  21.678  1.00 22.71  ? 144 TYR B O   1 
ATOM   806  C CB  . TYR B 1 40 ? -2.062  -5.738  23.453  1.00 24.72  ? 144 TYR B CB  1 
ATOM   807  C CG  . TYR B 1 40 ? -2.563  -4.769  24.504  1.00 25.83  ? 144 TYR B CG  1 
ATOM   808  C CD1 . TYR B 1 40 ? -2.482  -3.395  24.293  1.00 27.09  ? 144 TYR B CD1 1 
ATOM   809  C CD2 . TYR B 1 40 ? -3.134  -5.222  25.697  1.00 27.03  ? 144 TYR B CD2 1 
ATOM   810  C CE1 . TYR B 1 40 ? -2.952  -2.488  25.243  1.00 27.53  ? 144 TYR B CE1 1 
ATOM   811  C CE2 . TYR B 1 40 ? -3.604  -4.324  26.656  1.00 27.64  ? 144 TYR B CE2 1 
ATOM   812  C CZ  . TYR B 1 40 ? -3.509  -2.961  26.421  1.00 27.07  ? 144 TYR B CZ  1 
ATOM   813  O OH  . TYR B 1 40 ? -3.969  -2.067  27.360  1.00 27.17  ? 144 TYR B OH  1 
ATOM   814  N N   . LYS B 1 41 ? -0.136  -8.902  23.140  1.00 22.32  ? 145 LYS B N   1 
ATOM   815  C CA  . LYS B 1 41 ? 0.394   -9.822  22.133  1.00 21.70  ? 145 LYS B CA  1 
ATOM   816  C C   . LYS B 1 41 ? -0.663  -10.413 21.203  1.00 21.18  ? 145 LYS B C   1 
ATOM   817  O O   . LYS B 1 41 ? -0.590  -10.226 19.987  1.00 20.29  ? 145 LYS B O   1 
ATOM   818  C CB  . LYS B 1 41 ? 1.199   -10.945 22.795  1.00 21.91  ? 145 LYS B CB  1 
ATOM   819  C CG  . LYS B 1 41 ? 1.870   -11.879 21.796  1.00 22.01  ? 145 LYS B CG  1 
ATOM   820  C CD  . LYS B 1 41 ? 2.572   -13.041 22.475  1.00 22.18  ? 145 LYS B CD  1 
ATOM   821  C CE  . LYS B 1 41 ? 1.599   -14.139 22.877  1.00 22.96  ? 145 LYS B CE  1 
ATOM   822  N NZ  . LYS B 1 41 ? 2.329   -15.350 23.347  1.00 23.39  ? 145 LYS B NZ  1 
ATOM   823  N N   . VAL B 1 42 ? -1.642  -11.117 21.768  1.00 20.67  ? 146 VAL B N   1 
ATOM   824  C CA  . VAL B 1 42 ? -2.637  -11.835 20.962  1.00 20.44  ? 146 VAL B CA  1 
ATOM   825  C C   . VAL B 1 42 ? -3.589  -10.891 20.213  1.00 20.31  ? 146 VAL B C   1 
ATOM   826  O O   . VAL B 1 42 ? -3.891  -11.110 19.034  1.00 19.67  ? 146 VAL B O   1 
ATOM   827  C CB  . VAL B 1 42 ? -3.409  -12.881 21.802  1.00 20.58  ? 146 VAL B CB  1 
ATOM   828  C CG1 . VAL B 1 42 ? -4.383  -13.658 20.930  1.00 20.99  ? 146 VAL B CG1 1 
ATOM   829  C CG2 . VAL B 1 42 ? -2.431  -13.837 22.476  1.00 21.12  ? 146 VAL B CG2 1 
ATOM   830  N N   . LYS B 1 43 ? -4.036  -9.840  20.900  1.00 20.22  ? 147 LYS B N   1 
ATOM   831  C CA  . LYS B 1 43 ? -4.888  -8.816  20.288  1.00 20.67  ? 147 LYS B CA  1 
ATOM   832  C C   . LYS B 1 43 ? -4.203  -8.189  19.071  1.00 19.34  ? 147 LYS B C   1 
ATOM   833  O O   . LYS B 1 43 ? -4.818  -8.001  18.023  1.00 19.16  ? 147 LYS B O   1 
ATOM   834  C CB  . LYS B 1 43 ? -5.269  -7.738  21.312  1.00 20.79  ? 147 LYS B CB  1 
ATOM   835  C CG  . LYS B 1 43 ? -6.313  -8.198  22.323  1.00 22.86  ? 147 LYS B CG  1 
ATOM   836  C CD  . LYS B 1 43 ? -6.402  -7.271  23.532  1.00 23.39  ? 147 LYS B CD  1 
ATOM   837  C CE  . LYS B 1 43 ? -7.442  -7.772  24.529  1.00 26.68  ? 147 LYS B CE  1 
ATOM   838  N NZ  . LYS B 1 43 ? -7.551  -6.906  25.739  1.00 28.23  ? 147 LYS B NZ  1 
ATOM   839  N N   . LYS B 1 44 ? -2.918  -7.894  19.212  1.00 18.32  ? 148 LYS B N   1 
ATOM   840  C CA  . LYS B 1 44 ? -2.145  -7.327  18.118  1.00 17.18  ? 148 LYS B CA  1 
ATOM   841  C C   . LYS B 1 44 ? -1.977  -8.317  16.964  1.00 16.14  ? 148 LYS B C   1 
ATOM   842  O O   . LYS B 1 44 ? -2.073  -7.933  15.796  1.00 15.39  ? 148 LYS B O   1 
ATOM   843  C CB  . LYS B 1 44 ? -0.797  -6.870  18.643  1.00 17.61  ? 148 LYS B CB  1 
ATOM   844  C CG  . LYS B 1 44 ? -0.012  -6.038  17.696  1.00 19.84  ? 148 LYS B CG  1 
ATOM   845  C CD  . LYS B 1 44 ? 1.189   -5.506  18.417  1.00 22.26  ? 148 LYS B CD  1 
ATOM   846  C CE  . LYS B 1 44 ? 1.919   -4.511  17.563  1.00 21.97  ? 148 LYS B CE  1 
ATOM   847  N NZ  . LYS B 1 44 ? 2.907   -3.734  18.353  1.00 20.97  ? 148 LYS B NZ  1 
ATOM   848  N N   . MET B 1 45 ? -1.726  -9.587  17.285  1.00 15.97  ? 149 MET B N   1 
ATOM   849  C CA  . MET B 1 45 ? -1.602  -10.625 16.259  1.00 17.18  ? 149 MET B CA  1 
ATOM   850  C C   . MET B 1 45 ? -2.867  -10.755 15.408  1.00 16.35  ? 149 MET B C   1 
ATOM   851  O O   . MET B 1 45 ? -2.784  -10.900 14.184  1.00 16.70  ? 149 MET B O   1 
ATOM   852  C CB  . MET B 1 45 ? -1.258  -11.974 16.893  1.00 17.09  ? 149 MET B CB  1 
ATOM   853  C CG  . MET B 1 45 ? 0.193   -12.093 17.303  1.00 17.83  ? 149 MET B CG  1 
ATOM   854  S SD  . MET B 1 45 ? 0.489   -13.514 18.360  1.00 19.97  ? 149 MET B SD  1 
ATOM   855  C CE  . MET B 1 45 ? 2.276   -13.472 18.447  1.00 19.25  ? 149 MET B CE  1 
ATOM   856  N N   . VAL B 1 46 ? -4.026  -10.706 16.053  1.00 16.70  ? 150 VAL B N   1 
ATOM   857  C CA  . VAL B 1 46 ? -5.273  -10.787 15.298  1.00 16.98  ? 150 VAL B CA  1 
ATOM   858  C C   . VAL B 1 46 ? -5.497  -9.536  14.433  1.00 15.86  ? 150 VAL B C   1 
ATOM   859  O O   . VAL B 1 46 ? -5.886  -9.655  13.271  1.00 15.87  ? 150 VAL B O   1 
ATOM   860  C CB  . VAL B 1 46 ? -6.500  -11.104 16.184  1.00 17.66  ? 150 VAL B CB  1 
ATOM   861  C CG1 . VAL B 1 46 ? -6.358  -12.477 16.829  1.00 18.62  ? 150 VAL B CG1 1 
ATOM   862  C CG2 . VAL B 1 46 ? -6.712  -10.045 17.243  1.00 19.28  ? 150 VAL B CG2 1 
ATOM   863  N N   . LEU B 1 47 ? -5.212  -8.358  14.983  1.00 15.66  ? 151 LEU B N   1 
ATOM   864  C CA  . LEU B 1 47 ? -5.319  -7.115  14.208  1.00 14.95  ? 151 LEU B CA  1 
ATOM   865  C C   . LEU B 1 47 ? -4.391  -7.148  13.003  1.00 14.33  ? 151 LEU B C   1 
ATOM   866  O O   . LEU B 1 47 ? -4.786  -6.776  11.890  1.00 14.15  ? 151 LEU B O   1 
ATOM   867  C CB  . LEU B 1 47 ? -5.012  -5.898  15.079  1.00 15.67  ? 151 LEU B CB  1 
ATOM   868  C CG  . LEU B 1 47 ? -6.080  -5.542  16.118  1.00 16.48  ? 151 LEU B CG  1 
ATOM   869  C CD1 . LEU B 1 47 ? -5.560  -4.448  17.027  1.00 19.15  ? 151 LEU B CD1 1 
ATOM   870  C CD2 . LEU B 1 47 ? -7.388  -5.111  15.454  1.00 18.31  ? 151 LEU B CD2 1 
ATOM   871  N N   . GLN B 1 48 ? -3.165  -7.625  13.220  1.00 14.12  ? 152 GLN B N   1 
ATOM   872  C CA  . GLN B 1 48 ? -2.210  -7.762  12.133  1.00 14.25  ? 152 GLN B CA  1 
ATOM   873  C C   . GLN B 1 48 ? -2.712  -8.732  11.074  1.00 14.05  ? 152 GLN B C   1 
ATOM   874  O O   . GLN B 1 48 ? -2.595  -8.479  9.874   1.00 14.14  ? 152 GLN B O   1 
ATOM   875  C CB  . GLN B 1 48 ? -0.839  -8.216  12.648  1.00 14.50  ? 152 GLN B CB  1 
ATOM   876  C CG  . GLN B 1 48 ? 0.223   -8.231  11.560  1.00 15.02  ? 152 GLN B CG  1 
ATOM   877  C CD  . GLN B 1 48 ? 0.439   -6.856  10.968  1.00 14.63  ? 152 GLN B CD  1 
ATOM   878  O OE1 . GLN B 1 48 ? 0.206   -6.626  9.780   1.00 16.25  ? 152 GLN B OE1 1 
ATOM   879  N NE2 . GLN B 1 48 ? 0.870   -5.928  11.804  1.00 14.07  ? 152 GLN B NE2 1 
ATOM   880  N N   . GLU B 1 49 ? -3.264  -9.860  11.519  1.00 14.48  ? 153 GLU B N   1 
ATOM   881  C CA  . GLU B 1 49 ? -3.756  -10.853 10.578  1.00 14.84  ? 153 GLU B CA  1 
ATOM   882  C C   . GLU B 1 49 ? -4.934  -10.314 9.765   1.00 14.09  ? 153 GLU B C   1 
ATOM   883  O O   . GLU B 1 49 ? -5.068  -10.604 8.578   1.00 14.54  ? 153 GLU B O   1 
ATOM   884  C CB  . GLU B 1 49 ? -4.113  -12.156 11.288  1.00 15.37  ? 153 GLU B CB  1 
ATOM   885  C CG  . GLU B 1 49 ? -4.501  -13.245 10.315  1.00 17.30  ? 153 GLU B CG  1 
ATOM   886  C CD  . GLU B 1 49 ? -4.333  -14.643 10.850  1.00 18.58  ? 153 GLU B CD  1 
ATOM   887  O OE1 . GLU B 1 49 ? -4.156  -14.832 12.075  1.00 19.68  ? 153 GLU B OE1 1 
ATOM   888  O OE2 . GLU B 1 49 ? -4.398  -15.563 10.018  1.00 18.50  ? 153 GLU B OE2 1 
ATOM   889  N N   . ARG B 1 50 ? -5.777  -9.519  10.413  1.00 13.61  ? 154 ARG B N   1 
ATOM   890  C CA  . ARG B 1 50 ? -6.886  -8.877  9.715   1.00 13.86  ? 154 ARG B CA  1 
ATOM   891  C C   . ARG B 1 50 ? -6.378  -7.942  8.609   1.00 13.36  ? 154 ARG B C   1 
ATOM   892  O O   . ARG B 1 50 ? -6.909  -7.920  7.501   1.00 13.25  ? 154 ARG B O   1 
ATOM   893  C CB  . ARG B 1 50 ? -7.776  -8.141  10.709  1.00 13.73  ? 154 ARG B CB  1 
ATOM   894  C CG  . ARG B 1 50 ? -8.602  -9.089  11.569  1.00 13.94  ? 154 ARG B CG  1 
ATOM   895  C CD  . ARG B 1 50 ? -9.288  -8.376  12.715  1.00 14.57  ? 154 ARG B CD  1 
ATOM   896  N NE  . ARG B 1 50 ? -10.286 -7.415  12.241  1.00 14.65  ? 154 ARG B NE  1 
ATOM   897  C CZ  . ARG B 1 50 ? -10.852 -6.485  13.004  1.00 15.91  ? 154 ARG B CZ  1 
ATOM   898  N NH1 . ARG B 1 50 ? -10.520 -6.385  14.286  1.00 17.59  ? 154 ARG B NH1 1 
ATOM   899  N NH2 . ARG B 1 50 ? -11.744 -5.648  12.489  1.00 16.91  ? 154 ARG B NH2 1 
ATOM   900  N N   . ILE B 1 51 ? -5.330  -7.175  8.913   1.00 13.31  ? 155 ILE B N   1 
ATOM   901  C CA  . ILE B 1 51 ? -4.689  -6.324  7.908   1.00 13.63  ? 155 ILE B CA  1 
ATOM   902  C C   . ILE B 1 51 ? -4.146  -7.167  6.750   1.00 13.34  ? 155 ILE B C   1 
ATOM   903  O O   . ILE B 1 51 ? -4.393  -6.871  5.575   1.00 13.50  ? 155 ILE B O   1 
ATOM   904  C CB  . ILE B 1 51 ? -3.559  -5.463  8.523   1.00 13.36  ? 155 ILE B CB  1 
ATOM   905  C CG1 . ILE B 1 51 ? -4.159  -4.373  9.423   1.00 14.07  ? 155 ILE B CG1 1 
ATOM   906  C CG2 . ILE B 1 51 ? -2.689  -4.840  7.419   1.00 14.33  ? 155 ILE B CG2 1 
ATOM   907  C CD1 . ILE B 1 51 ? -3.119  -3.558  10.190  1.00 14.54  ? 155 ILE B CD1 1 
ATOM   908  N N   . ASP B 1 52 ? -3.430  -8.238  7.097   1.00 13.89  ? 156 ASP B N   1 
ATOM   909  C CA  . ASP B 1 52 ? -2.802  -9.104  6.098   1.00 14.51  ? 156 ASP B CA  1 
ATOM   910  C C   . ASP B 1 52 ? -3.842  -9.709  5.152   1.00 13.74  ? 156 ASP B C   1 
ATOM   911  O O   . ASP B 1 52 ? -3.619  -9.807  3.945   1.00 14.35  ? 156 ASP B O   1 
ATOM   912  C CB  . ASP B 1 52 ? -2.011  -10.231 6.781   1.00 15.14  ? 156 ASP B CB  1 
ATOM   913  C CG  . ASP B 1 52 ? -0.812  -9.726  7.564   1.00 17.60  ? 156 ASP B CG  1 
ATOM   914  O OD1 . ASP B 1 52 ? -0.505  -8.517  7.512   1.00 18.55  ? 156 ASP B OD1 1 
ATOM   915  O OD2 . ASP B 1 52 ? -0.165  -10.553 8.240   1.00 21.04  ? 156 ASP B OD2 1 
ATOM   916  N N   . ASN B 1 53 ? -4.990  -10.092 5.713   1.00 13.62  ? 157 ASN B N   1 
ATOM   917  C CA  . ASN B 1 53 ? -6.061  -10.676 4.920   1.00 13.85  ? 157 ASN B CA  1 
ATOM   918  C C   . ASN B 1 53 ? -6.665  -9.690  3.921   1.00 14.24  ? 157 ASN B C   1 
ATOM   919  O O   . ASN B 1 53 ? -6.949  -10.051 2.782   1.00 15.13  ? 157 ASN B O   1 
ATOM   920  C CB  . ASN B 1 53 ? -7.130  -11.290 5.826   1.00 13.77  ? 157 ASN B CB  1 
ATOM   921  C CG  . ASN B 1 53 ? -6.701  -12.631 6.419   1.00 13.64  ? 157 ASN B CG  1 
ATOM   922  O OD1 . ASN B 1 53 ? -5.702  -13.236 6.001   1.00 13.60  ? 157 ASN B OD1 1 
ATOM   923  N ND2 . ASN B 1 53 ? -7.458  -13.099 7.398   1.00 13.92  ? 157 ASN B ND2 1 
ATOM   924  N N   . VAL B 1 54 ? -6.848  -8.435  4.337   1.00 13.69  ? 158 VAL B N   1 
ATOM   925  C CA  . VAL B 1 54 ? -7.339  -7.408  3.411   1.00 13.78  ? 158 VAL B CA  1 
ATOM   926  C C   . VAL B 1 54 ? -6.326  -7.183  2.282   1.00 14.13  ? 158 VAL B C   1 
ATOM   927  O O   . VAL B 1 54 ? -6.687  -7.097  1.109   1.00 14.22  ? 158 VAL B O   1 
ATOM   928  C CB  . VAL B 1 54 ? -7.672  -6.068  4.114   1.00 13.94  ? 158 VAL B CB  1 
ATOM   929  C CG1 . VAL B 1 54 ? -8.144  -5.033  3.097   1.00 14.00  ? 158 VAL B CG1 1 
ATOM   930  C CG2 . VAL B 1 54 ? -8.726  -6.256  5.189   1.00 14.91  ? 158 VAL B CG2 1 
ATOM   931  N N   . LEU B 1 55 ? -5.048  -7.102  2.646   1.00 14.56  ? 159 LEU B N   1 
ATOM   932  C CA  . LEU B 1 55 ? -3.990  -6.908  1.658   1.00 16.41  ? 159 LEU B CA  1 
ATOM   933  C C   . LEU B 1 55 ? -4.037  -7.936  0.541   1.00 17.22  ? 159 LEU B C   1 
ATOM   934  O O   . LEU B 1 55 ? -3.936  -7.585  -0.638  1.00 17.54  ? 159 LEU B O   1 
ATOM   935  C CB  . LEU B 1 55 ? -2.629  -6.974  2.333   1.00 16.93  ? 159 LEU B CB  1 
ATOM   936  C CG  . LEU B 1 55 ? -2.131  -5.694  2.990   1.00 17.93  ? 159 LEU B CG  1 
ATOM   937  C CD1 . LEU B 1 55 ? -0.822  -6.000  3.696   1.00 18.98  ? 159 LEU B CD1 1 
ATOM   938  C CD2 . LEU B 1 55 ? -1.935  -4.583  1.954   1.00 18.98  ? 159 LEU B CD2 1 
ATOM   939  N N   . LYS B 1 56 ? -4.202  -9.207  0.906   1.00 17.69  ? 160 LYS B N   1 
ATOM   940  C CA  . LYS B 1 56 ? -4.235  -10.257 -0.111  1.00 18.78  ? 160 LYS B CA  1 
ATOM   941  C C   . LYS B 1 56 ? -5.542  -10.293 -0.912  1.00 18.48  ? 160 LYS B C   1 
ATOM   942  O O   . LYS B 1 56 ? -5.559  -10.774 -2.046  1.00 18.91  ? 160 LYS B O   1 
ATOM   943  C CB  . LYS B 1 56 ? -3.832  -11.628 0.448   1.00 20.01  ? 160 LYS B CB  1 
ATOM   944  C CG  . LYS B 1 56 ? -4.662  -12.194 1.578   1.00 22.53  ? 160 LYS B CG  1 
ATOM   945  C CD  . LYS B 1 56 ? -4.463  -13.708 1.635   1.00 26.88  ? 160 LYS B CD  1 
ATOM   946  C CE  . LYS B 1 56 ? -4.414  -14.234 3.063   1.00 28.26  ? 160 LYS B CE  1 
ATOM   947  N NZ  . LYS B 1 56 ? -3.180  -13.817 3.778   1.00 29.91  ? 160 LYS B NZ  1 
ATOM   948  N N   . GLN B 1 57 ? -6.622  -9.761  -0.340  1.00 17.74  ? 161 GLN B N   1 
ATOM   949  C CA  . GLN B 1 57 ? -7.900  -9.637  -1.053  1.00 18.04  ? 161 GLN B CA  1 
ATOM   950  C C   . GLN B 1 57 ? -7.809  -8.644  -2.210  1.00 17.43  ? 161 GLN B C   1 
ATOM   951  O O   . GLN B 1 57 ? -8.449  -8.819  -3.248  1.00 18.23  ? 161 GLN B O   1 
ATOM   952  C CB  . GLN B 1 57 ? -9.025  -9.225  -0.092  1.00 18.00  ? 161 GLN B CB  1 
ATOM   953  C CG  . GLN B 1 57 ? -9.561  -10.378 0.754   1.00 18.54  ? 161 GLN B CG  1 
ATOM   954  C CD  . GLN B 1 57 ? -10.267 -9.941  2.041   1.00 19.21  ? 161 GLN B CD  1 
ATOM   955  O OE1 . GLN B 1 57 ? -10.356 -10.718 2.995   1.00 24.14  ? 161 GLN B OE1 1 
ATOM   956  N NE2 . GLN B 1 57 ? -10.754 -8.708  2.080   1.00 22.36  ? 161 GLN B NE2 1 
ATOM   957  N N   . GLY B 1 58 ? -7.012  -7.596  -2.020  1.00 16.55  ? 162 GLY B N   1 
ATOM   958  C CA  . GLY B 1 58 ? -6.842  -6.560  -3.030  1.00 15.86  ? 162 GLY B CA  1 
ATOM   959  C C   . GLY B 1 58 ? -7.133  -5.174  -2.489  1.00 15.45  ? 162 GLY B C   1 
ATOM   960  O O   . GLY B 1 58 ? -7.931  -5.009  -1.555  1.00 15.51  ? 162 GLY B O   1 
ATOM   961  N N   . LEU B 1 59 ? -6.488  -4.180  -3.089  1.00 15.25  ? 163 LEU B N   1 
ATOM   962  C CA  . LEU B 1 59 ? -6.614  -2.786  -2.683  1.00 15.36  ? 163 LEU B CA  1 
ATOM   963  C C   . LEU B 1 59 ? -7.035  -1.903  -3.833  1.00 15.24  ? 163 LEU B C   1 
ATOM   964  O O   . LEU B 1 59 ? -6.886  -2.257  -5.007  1.00 14.91  ? 163 LEU B O   1 
ATOM   965  C CB  . LEU B 1 59 ? -5.275  -2.252  -2.163  1.00 16.03  ? 163 LEU B CB  1 
ATOM   966  C CG  . LEU B 1 59 ? -4.543  -2.966  -1.034  1.00 17.49  ? 163 LEU B CG  1 
ATOM   967  C CD1 . LEU B 1 59 ? -3.289  -2.192  -0.689  1.00 20.38  ? 163 LEU B CD1 1 
ATOM   968  C CD2 . LEU B 1 59 ? -5.425  -3.108  0.184   1.00 19.71  ? 163 LEU B CD2 1 
ATOM   969  N N   . VAL B 1 60 ? -7.533  -0.728  -3.465  1.00 15.54  ? 164 VAL B N   1 
ATOM   970  C CA  . VAL B 1 60 ? -7.812  0.359   -4.384  1.00 16.29  ? 164 VAL B CA  1 
ATOM   971  C C   . VAL B 1 60 ? -7.193  1.645   -3.840  1.00 16.52  ? 164 VAL B C   1 
ATOM   972  O O   . VAL B 1 60 ? -7.032  1.805   -2.630  1.00 15.61  ? 164 VAL B O   1 
ATOM   973  C CB  . VAL B 1 60 ? -9.345  0.557   -4.598  1.00 16.29  ? 164 VAL B CB  1 
ATOM   974  C CG1 . VAL B 1 60 ? -9.923  -0.546  -5.490  1.00 18.15  ? 164 VAL B CG1 1 
ATOM   975  C CG2 . VAL B 1 60 ? -10.097 0.654   -3.258  1.00 17.53  ? 164 VAL B CG2 1 
ATOM   976  N N   . ARG B 1 61 ? -6.824  2.552   -4.737  1.00 17.42  ? 165 ARG B N   1 
ATOM   977  C CA  . ARG B 1 61 ? -6.417  3.901   -4.347  1.00 19.27  ? 165 ARG B CA  1 
ATOM   978  C C   . ARG B 1 61 ? -7.628  4.701   -3.895  1.00 19.94  ? 165 ARG B C   1 
ATOM   979  O O   . ARG B 1 61 ? -8.716  4.534   -4.447  1.00 21.11  ? 165 ARG B O   1 
ATOM   980  C CB  . ARG B 1 61 ? -5.763  4.624   -5.518  1.00 19.67  ? 165 ARG B CB  1 
ATOM   981  C CG  . ARG B 1 61 ? -4.417  4.079   -5.912  1.00 20.31  ? 165 ARG B CG  1 
ATOM   982  C CD  . ARG B 1 61 ? -3.794  4.913   -7.032  1.00 20.54  ? 165 ARG B CD  1 
ATOM   983  N NE  . ARG B 1 61 ? -4.494  4.740   -8.303  1.00 20.71  ? 165 ARG B NE  1 
ATOM   984  C CZ  . ARG B 1 61 ? -4.961  5.735   -9.056  1.00 22.31  ? 165 ARG B CZ  1 
ATOM   985  N NH1 . ARG B 1 61 ? -4.786  7.001   -8.685  1.00 24.45  ? 165 ARG B NH1 1 
ATOM   986  N NH2 . ARG B 1 61 ? -5.584  5.463   -10.196 1.00 22.39  ? 165 ARG B NH2 1 
ATOM   987  O OXT . ARG B 1 61 ? -7.533  5.538   -2.992  1.00 21.43  ? 165 ARG B OXT 1 
HETATM 988  O O   . HOH C 2 .  ? 6.495   0.617   6.413   1.00 5.88   ? 166 HOH A O   1 
HETATM 989  O O   . HOH C 2 .  ? 8.696   -1.395  -7.551  1.00 12.99  ? 167 HOH A O   1 
HETATM 990  O O   . HOH C 2 .  ? 10.283  8.429   -11.546 1.00 14.37  ? 168 HOH A O   1 
HETATM 991  O O   . HOH C 2 .  ? 0.540   0.924   1.951   1.00 13.06  ? 169 HOH A O   1 
HETATM 992  O O   . HOH C 2 .  ? 5.440   2.983   -20.396 1.00 15.91  ? 170 HOH A O   1 
HETATM 993  O O   . HOH C 2 .  ? 13.023  7.855   -20.848 1.00 16.14  ? 171 HOH A O   1 
HETATM 994  O O   . HOH C 2 .  ? -0.242  -4.739  -14.182 1.00 14.50  ? 172 HOH A O   1 
HETATM 995  O O   . HOH C 2 .  ? 3.366   -0.942  5.839   1.00 17.01  ? 173 HOH A O   1 
HETATM 996  O O   . HOH C 2 .  ? 11.472  1.200   -20.705 1.00 16.79  ? 174 HOH A O   1 
HETATM 997  O O   . HOH C 2 .  ? -1.368  3.327   -5.695  1.00 19.50  ? 175 HOH A O   1 
HETATM 998  O O   . HOH C 2 .  ? 11.591  5.547   -21.357 1.00 14.61  ? 176 HOH A O   1 
HETATM 999  O O   . HOH C 2 .  ? 9.588   12.409  -16.282 1.00 17.03  ? 177 HOH A O   1 
HETATM 1000 O O   . HOH C 2 .  ? -4.512  5.231   -15.738 1.00 19.74  ? 178 HOH A O   1 
HETATM 1001 O O   . HOH C 2 .  ? 9.950   -3.042  -18.920 1.00 18.97  ? 179 HOH A O   1 
HETATM 1002 O O   . HOH C 2 .  ? 5.132   17.917  -15.687 1.00 20.91  ? 180 HOH A O   1 
HETATM 1003 O O   . HOH C 2 .  ? 9.992   14.228  -14.230 1.00 19.85  ? 181 HOH A O   1 
HETATM 1004 O O   . HOH C 2 .  ? 10.461  5.253   -5.997  1.00 16.93  ? 182 HOH A O   1 
HETATM 1005 O O   . HOH C 2 .  ? 12.235  7.954   -9.659  1.00 23.85  ? 183 HOH A O   1 
HETATM 1006 O O   . HOH C 2 .  ? 7.658   -1.477  -17.558 1.00 18.41  ? 184 HOH A O   1 
HETATM 1007 O O   . HOH C 2 .  ? 0.648   14.036  -14.980 1.00 24.12  ? 185 HOH A O   1 
HETATM 1008 O O   . HOH C 2 .  ? 10.717  -2.955  -6.571  1.00 22.23  ? 186 HOH A O   1 
HETATM 1009 O O   . HOH C 2 .  ? 7.056   -5.249  1.234   1.00 22.96  ? 187 HOH A O   1 
HETATM 1010 O O   . HOH C 2 .  ? 11.046  7.664   -7.035  1.00 24.55  ? 188 HOH A O   1 
HETATM 1011 O O   . HOH C 2 .  ? -2.157  -4.692  -16.222 1.00 24.00  ? 189 HOH A O   1 
HETATM 1012 O O   . HOH C 2 .  ? -5.664  3.693   -13.887 1.00 27.14  ? 190 HOH A O   1 
HETATM 1013 O O   . HOH C 2 .  ? 15.801  2.106   -12.536 1.00 29.99  ? 191 HOH A O   1 
HETATM 1014 O O   . HOH C 2 .  ? -0.839  8.664   -12.185 1.00 27.50  ? 192 HOH A O   1 
HETATM 1015 O O   . HOH C 2 .  ? 6.833   0.292   -19.733 1.00 26.40  ? 193 HOH A O   1 
HETATM 1016 O O   . HOH C 2 .  ? 14.733  8.598   -23.066 1.00 24.03  ? 194 HOH A O   1 
HETATM 1017 O O   . HOH C 2 .  ? 3.958   0.256   -19.918 1.00 31.35  ? 195 HOH A O   1 
HETATM 1018 O O   . HOH C 2 .  ? -1.159  -10.055 2.342   1.00 25.47  ? 196 HOH A O   1 
HETATM 1019 O O   . HOH C 2 .  ? 1.062   -8.967  -12.107 1.00 27.01  ? 197 HOH A O   1 
HETATM 1020 O O   . HOH C 2 .  ? 6.823   -11.637 -3.981  1.00 29.19  ? 198 HOH A O   1 
HETATM 1021 O O   . HOH C 2 .  ? 5.772   -7.186  -16.495 1.00 36.02  ? 199 HOH A O   1 
HETATM 1022 O O   . HOH C 2 .  ? 7.231   2.604   -23.557 1.00 29.23  ? 200 HOH A O   1 
HETATM 1023 O O   . HOH C 2 .  ? 10.881  -3.613  -3.272  1.00 37.19  ? 201 HOH A O   1 
HETATM 1024 O O   . HOH C 2 .  ? 11.630  12.909  -24.060 1.00 31.51  ? 202 HOH A O   1 
HETATM 1025 O O   . HOH C 2 .  ? -8.227  -9.884  -5.943  1.00 30.13  ? 203 HOH A O   1 
HETATM 1026 O O   . HOH C 2 .  ? 5.098   19.360  -18.227 1.00 25.45  ? 204 HOH A O   1 
HETATM 1027 O O   . HOH C 2 .  ? -1.038  -10.960 -5.700  1.00 32.44  ? 205 HOH A O   1 
HETATM 1028 O O   . HOH C 2 .  ? 6.357   12.948  -24.815 1.00 27.39  ? 206 HOH A O   1 
HETATM 1029 O O   . HOH C 2 .  ? 12.057  -6.777  -12.810 1.00 42.72  ? 207 HOH A O   1 
HETATM 1030 O O   . HOH C 2 .  ? -3.153  14.912  -15.743 1.00 43.16  ? 208 HOH A O   1 
HETATM 1031 O O   . HOH C 2 .  ? 9.758   -6.436  -3.620  1.00 26.33  ? 209 HOH A O   1 
HETATM 1032 O O   . HOH C 2 .  ? 7.219   -8.089  -14.399 1.00 25.34  ? 210 HOH A O   1 
HETATM 1033 O O   . HOH C 2 .  ? -9.953  -8.153  -7.949  1.00 46.12  ? 211 HOH A O   1 
HETATM 1034 O O   . HOH C 2 .  ? 14.909  17.116  -17.145 1.00 29.55  ? 212 HOH A O   1 
HETATM 1035 O O   . HOH C 2 .  ? 4.300   10.397  -4.491  1.00 42.02  ? 213 HOH A O   1 
HETATM 1036 O O   . HOH C 2 .  ? -0.738  -7.334  -13.371 1.00 30.83  ? 214 HOH A O   1 
HETATM 1037 O O   . HOH C 2 .  ? 10.750  18.016  -23.388 1.00 54.68  ? 215 HOH A O   1 
HETATM 1038 O O   . HOH C 2 .  ? 9.507   14.997  -10.906 1.00 31.85  ? 216 HOH A O   1 
HETATM 1039 O O   . HOH C 2 .  ? -6.926  -2.926  -17.135 1.00 37.18  ? 217 HOH A O   1 
HETATM 1040 O O   . HOH C 2 .  ? 13.940  -1.802  -6.920  1.00 38.83  ? 218 HOH A O   1 
HETATM 1041 O O   . HOH C 2 .  ? 3.842   -11.942 -10.699 1.00 38.96  ? 219 HOH A O   1 
HETATM 1042 O O   . HOH C 2 .  ? 18.330  17.245  -16.765 1.00 36.58  ? 220 HOH A O   1 
HETATM 1043 O O   . HOH C 2 .  ? -1.684  8.996   -14.863 1.00 27.98  ? 221 HOH A O   1 
HETATM 1044 O O   . HOH C 2 .  ? 13.612  10.621  -8.901  1.00 35.02  ? 222 HOH A O   1 
HETATM 1045 O O   . HOH C 2 .  ? 3.307   -10.809 -13.134 1.00 57.51  ? 223 HOH A O   1 
HETATM 1046 O O   . HOH C 2 .  ? 15.977  -1.995  -12.569 1.00 47.78  ? 224 HOH A O   1 
HETATM 1047 O O   . HOH C 2 .  ? 11.863  12.101  -5.017  1.00 44.79  ? 225 HOH A O   1 
HETATM 1048 O O   . HOH C 2 .  ? 8.903   13.450  -25.338 1.00 40.69  ? 226 HOH A O   1 
HETATM 1049 O O   . HOH C 2 .  ? -1.179  11.420  -14.945 1.00 33.92  ? 227 HOH A O   1 
HETATM 1050 O O   . HOH C 2 .  ? 10.155  -5.733  -6.229  1.00 30.88  ? 228 HOH A O   1 
HETATM 1051 O O   . HOH C 2 .  ? -1.677  8.504   -7.924  1.00 49.96  ? 229 HOH A O   1 
HETATM 1052 O O   . HOH C 2 .  ? 12.822  3.708   -5.768  1.00 30.14  ? 230 HOH A O   1 
HETATM 1053 O O   . HOH C 2 .  ? -6.874  -11.647 -8.675  1.00 48.05  ? 231 HOH A O   1 
HETATM 1054 O O   . HOH C 2 .  ? 3.862   15.537  -13.362 1.00 35.59  ? 232 HOH A O   1 
HETATM 1055 O O   . HOH C 2 .  ? -7.656  1.422   -12.992 1.00 39.44  ? 233 HOH A O   1 
HETATM 1056 O O   . HOH C 2 .  ? -2.627  -2.371  -17.395 1.00 124.20 ? 234 HOH A O   1 
HETATM 1057 O O   . HOH C 2 .  ? -4.241  7.842   -14.843 1.00 25.51  ? 235 HOH A O   1 
HETATM 1058 O O   . HOH C 2 .  ? 12.028  -3.944  -18.944 1.00 108.28 ? 236 HOH A O   1 
HETATM 1059 O O   . HOH C 2 .  ? -1.404  5.243   -3.707  1.00 21.50  ? 237 HOH A O   1 
HETATM 1060 O O   . HOH C 2 .  ? 1.759   8.038   -3.515  1.00 27.11  ? 238 HOH A O   1 
HETATM 1061 O O   . HOH C 2 .  ? -0.769  8.087   -5.413  1.00 34.06  ? 239 HOH A O   1 
HETATM 1062 O O   . HOH C 2 .  ? 3.622   9.256   -26.179 1.00 100.68 ? 240 HOH A O   1 
HETATM 1063 O O   . HOH C 2 .  ? 5.310   12.301  -27.333 1.00 36.75  ? 241 HOH A O   1 
HETATM 1064 O O   . HOH C 2 .  ? 3.218   2.736   -22.497 1.00 17.63  ? 242 HOH A O   1 
HETATM 1065 O O   . HOH C 2 .  ? 2.837   6.796   -25.457 1.00 24.05  ? 243 HOH A O   1 
HETATM 1066 O O   . HOH C 2 .  ? 9.421   -0.405  -20.109 1.00 24.05  ? 244 HOH A O   1 
HETATM 1067 O O   . HOH C 2 .  ? -9.317  -8.535  -13.045 1.00 67.76  ? 245 HOH A O   1 
HETATM 1068 O O   . HOH C 2 .  ? 3.159   9.177   -22.299 1.00 84.20  ? 246 HOH A O   1 
HETATM 1069 O O   . HOH C 2 .  ? 9.671   4.942   -23.045 1.00 15.96  ? 247 HOH A O   1 
HETATM 1070 O O   . HOH D 2 .  ? 1.564   0.960   -0.068  1.00 14.17  ? 166 HOH B O   1 
HETATM 1071 O O   . HOH D 2 .  ? -7.793  2.586   8.300   1.00 15.12  ? 167 HOH B O   1 
HETATM 1072 O O   . HOH D 2 .  ? -9.616  -8.824  7.660   1.00 14.82  ? 168 HOH B O   1 
HETATM 1073 O O   . HOH D 2 .  ? -9.257  4.716   7.205   1.00 22.32  ? 169 HOH B O   1 
HETATM 1074 O O   . HOH D 2 .  ? 1.214   5.412   -2.731  1.00 17.52  ? 170 HOH B O   1 
HETATM 1075 O O   . HOH D 2 .  ? -6.030  5.542   -0.800  1.00 20.10  ? 171 HOH B O   1 
HETATM 1076 O O   . HOH D 2 .  ? 1.787   -9.247  18.702  1.00 17.88  ? 172 HOH B O   1 
HETATM 1077 O O   . HOH D 2 .  ? 0.846   -4.233  6.332   1.00 17.92  ? 173 HOH B O   1 
HETATM 1078 O O   . HOH D 2 .  ? 1.821   -6.275  14.383  1.00 17.61  ? 174 HOH B O   1 
HETATM 1079 O O   . HOH D 2 .  ? -6.802  -1.241  -7.622  1.00 17.88  ? 175 HOH B O   1 
HETATM 1080 O O   . HOH D 2 .  ? -13.832 -0.400  -1.391  1.00 18.42  ? 176 HOH B O   1 
HETATM 1081 O O   . HOH D 2 .  ? -3.248  5.752   12.138  1.00 20.84  ? 177 HOH B O   1 
HETATM 1082 O O   . HOH D 2 .  ? -6.412  1.514   -7.491  1.00 23.03  ? 178 HOH B O   1 
HETATM 1083 O O   . HOH D 2 .  ? -14.577 -2.630  0.166   1.00 22.46  ? 179 HOH B O   1 
HETATM 1084 O O   . HOH D 2 .  ? -0.537  -11.877 13.044  1.00 22.13  ? 180 HOH B O   1 
HETATM 1085 O O   . HOH D 2 .  ? -2.879  2.832   17.875  1.00 23.19  ? 181 HOH B O   1 
HETATM 1086 O O   . HOH D 2 .  ? -1.039  0.276   23.384  1.00 30.10  ? 182 HOH B O   1 
HETATM 1087 O O   . HOH D 2 .  ? -9.938  5.464   2.882   1.00 29.88  ? 183 HOH B O   1 
HETATM 1088 O O   . HOH D 2 .  ? -3.830  -9.776  23.663  1.00 28.95  ? 184 HOH B O   1 
HETATM 1089 O O   . HOH D 2 .  ? -15.164 -4.695  9.159   1.00 27.43  ? 185 HOH B O   1 
HETATM 1090 O O   . HOH D 2 .  ? -7.126  -11.874 -3.978  1.00 32.81  ? 186 HOH B O   1 
HETATM 1091 O O   . HOH D 2 .  ? -12.455 -7.211  3.831   1.00 25.79  ? 187 HOH B O   1 
HETATM 1092 O O   . HOH D 2 .  ? -2.008  -11.348 24.763  1.00 36.70  ? 188 HOH B O   1 
HETATM 1093 O O   . HOH D 2 .  ? -0.870  7.692   2.423   1.00 31.89  ? 189 HOH B O   1 
HETATM 1094 O O   . HOH D 2 .  ? 3.632   -4.166  14.139  1.00 27.16  ? 190 HOH B O   1 
HETATM 1095 O O   . HOH D 2 .  ? 0.762   8.350   -1.016  1.00 31.71  ? 191 HOH B O   1 
HETATM 1096 O O   . HOH D 2 .  ? -4.067  -15.099 7.404   1.00 28.42  ? 192 HOH B O   1 
HETATM 1097 O O   . HOH D 2 .  ? -8.140  6.379   5.096   1.00 28.79  ? 193 HOH B O   1 
HETATM 1098 O O   . HOH D 2 .  ? -11.128 4.001   4.857   1.00 27.86  ? 194 HOH B O   1 
HETATM 1099 O O   . HOH D 2 .  ? -12.084 -3.908  14.861  1.00 28.44  ? 195 HOH B O   1 
HETATM 1100 O O   . HOH D 2 .  ? 5.247   -3.699  16.426  1.00 28.91  ? 196 HOH B O   1 
HETATM 1101 O O   . HOH D 2 .  ? -3.046  8.115   4.036   1.00 48.08  ? 197 HOH B O   1 
HETATM 1102 O O   . HOH D 2 .  ? -3.206  5.351   17.213  1.00 34.28  ? 198 HOH B O   1 
HETATM 1103 O O   . HOH D 2 .  ? -14.225 1.883   12.414  1.00 30.75  ? 199 HOH B O   1 
HETATM 1104 O O   . HOH D 2 .  ? -5.199  -17.466 12.665  1.00 30.91  ? 200 HOH B O   1 
HETATM 1105 O O   . HOH D 2 .  ? -0.612  -12.234 10.287  1.00 27.91  ? 201 HOH B O   1 
HETATM 1106 O O   . HOH D 2 .  ? 1.404   -6.906  6.426   1.00 28.70  ? 202 HOH B O   1 
HETATM 1107 O O   . HOH D 2 .  ? -17.154 4.387   10.778  1.00 46.31  ? 203 HOH B O   1 
HETATM 1108 O O   . HOH D 2 .  ? -17.051 1.253   2.287   1.00 17.78  ? 204 HOH B O   1 
HETATM 1109 O O   . HOH D 2 .  ? 2.343   -9.735  9.309   1.00 30.66  ? 205 HOH B O   1 
HETATM 1110 O O   . HOH D 2 .  ? -16.916 3.134   4.254   1.00 21.01  ? 206 HOH B O   1 
HETATM 1111 O O   . HOH D 2 .  ? 5.493   -1.811  21.422  1.00 34.27  ? 207 HOH B O   1 
HETATM 1112 O O   . HOH D 2 .  ? 6.187   0.946   16.129  1.00 34.80  ? 208 HOH B O   1 
HETATM 1113 O O   . HOH D 2 .  ? -19.882 -3.909  9.905   1.00 34.07  ? 209 HOH B O   1 
HETATM 1114 O O   . HOH D 2 .  ? -13.468 4.764   5.857   1.00 50.38  ? 210 HOH B O   1 
HETATM 1115 O O   . HOH D 2 .  ? -2.978  -17.857 9.874   1.00 39.68  ? 211 HOH B O   1 
HETATM 1116 O O   . HOH D 2 .  ? -16.745 2.982   6.953   1.00 33.03  ? 212 HOH B O   1 
HETATM 1117 O O   . HOH D 2 .  ? 4.155   -0.080  19.879  1.00 46.86  ? 213 HOH B O   1 
HETATM 1118 O O   . HOH D 2 .  ? -3.629  -12.327 -3.159  1.00 46.98  ? 214 HOH B O   1 
HETATM 1119 O O   . HOH D 2 .  ? 0.383   9.781   9.979   1.00 31.72  ? 215 HOH B O   1 
HETATM 1120 O O   . HOH D 2 .  ? 2.505   -0.616  29.310  1.00 44.17  ? 216 HOH B O   1 
HETATM 1121 O O   . HOH D 2 .  ? -0.750  -13.200 7.778   1.00 64.38  ? 217 HOH B O   1 
HETATM 1122 O O   . HOH D 2 .  ? -5.453  7.745   -12.275 1.00 43.67  ? 218 HOH B O   1 
HETATM 1123 O O   . HOH D 2 .  ? -3.360  9.039   20.668  1.00 51.91  ? 219 HOH B O   1 
HETATM 1124 O O   . HOH D 2 .  ? -13.502 -1.329  16.444  1.00 55.04  ? 220 HOH B O   1 
HETATM 1125 O O   . HOH D 2 .  ? 3.254   -3.541  5.786   1.00 23.25  ? 221 HOH B O   1 
HETATM 1126 O O   . HOH D 2 .  ? -8.860  -2.274  26.851  1.00 59.78  ? 222 HOH B O   1 
HETATM 1127 O O   . HOH D 2 .  ? -8.496  -3.059  31.647  1.00 55.20  ? 223 HOH B O   1 
HETATM 1128 O O   . HOH D 2 .  ? -8.211  3.096   -8.765  1.00 34.97  ? 224 HOH B O   1 
HETATM 1129 O O   . HOH D 2 .  ? -3.481  6.393   -2.231  1.00 28.00  ? 225 HOH B O   1 
HETATM 1130 O O   . HOH D 2 .  ? -14.299 3.538   19.517  1.00 43.39  ? 226 HOH B O   1 
HETATM 1131 O O   . HOH D 2 .  ? -7.741  -12.729 1.608   1.00 42.84  ? 227 HOH B O   1 
HETATM 1132 O O   . HOH D 2 .  ? -6.202  7.497   14.791  1.00 47.42  ? 228 HOH B O   1 
HETATM 1133 O O   . HOH D 2 .  ? -7.500  8.119   -3.686  1.00 42.18  ? 229 HOH B O   1 
HETATM 1134 O O   . HOH D 2 .  ? -7.782  -13.651 -0.697  1.00 30.81  ? 230 HOH B O   1 
HETATM 1135 O O   . HOH D 2 .  ? 4.033   -8.232  7.783   1.00 58.54  ? 231 HOH B O   1 
HETATM 1136 O O   . HOH D 2 .  ? -0.316  -0.649  0.158   1.00 20.40  ? 232 HOH B O   1 
HETATM 1137 O O   . HOH D 2 .  ? 6.655   -3.617  12.821  1.00 26.73  ? 233 HOH B O   1 
HETATM 1138 O O   . HOH D 2 .  ? -10.886 -10.287 -3.456  1.00 38.93  ? 234 HOH B O   1 
HETATM 1139 O O   . HOH D 2 .  ? -9.664  -12.538 -2.638  1.00 49.94  ? 235 HOH B O   1 
HETATM 1140 O O   . HOH D 2 .  ? -2.499  5.848   14.735  1.00 36.01  ? 236 HOH B O   1 
HETATM 1141 O O   . HOH D 2 .  ? -5.038  7.803   11.691  1.00 40.60  ? 237 HOH B O   1 
HETATM 1142 O O   . HOH D 2 .  ? -7.589  8.859   10.964  1.00 45.94  ? 238 HOH B O   1 
# 
